data_2ZYK
#
_entry.id   2ZYK
#
_cell.length_a   167.399
_cell.length_b   95.270
_cell.length_c   117.130
_cell.angle_alpha   90.00
_cell.angle_beta   131.56
_cell.angle_gamma   90.00
#
_symmetry.space_group_name_H-M   'C 1 2 1'
#
loop_
_entity.id
_entity.type
_entity.pdbx_description
1 polymer 'Solute-binding protein'
2 branched Cyclooctakis-(1-4)-(alpha-D-glucopyranose)
3 water water
#
_entity_poly.entity_id   1
_entity_poly.type   'polypeptide(L)'
_entity_poly.pdbx_seq_one_letter_code
;CGPKRDPYAKAGKSEGKPDKLVVWENADDGVQLNNTKKWAGEFTKKTGIQVEVVPVALLKQQEKLTLDGPAGKGADLVTW
PHDRLGEAVTKGLLQPIQVDNSVKNQFDDVAMKALTYGGKLYGLPKAIESVALIYNKKLMGQVPATYDELFQYAKANNKP
DEQKYGVLFEANNFYYTYFLFAAKGAAVFKEQDGTLDPNEIGLNSPEAVQGMNEVQKWFTEARLPQSLKADTVNGLFKSG
KVAAVINGPWAIKDYQAAGINVGVAPLPKIDGKDAQTFIGVKGWYLSAYSKYPKYATELMQFLTSKEALASRFKETGEIP
PQKELLNDPMIKNNPVVNGFAKQASKGVPMPSIPEMGVVWEPINNAHTFVAQGKQTPEQALNDAVKIMKEKIQTMKQ
;
_entity_poly.pdbx_strand_id   A,B,C,D
#
# COMPACT_ATOMS: atom_id res chain seq x y z
N LYS A 17 20.63 4.39 -7.35
CA LYS A 17 19.56 4.25 -8.39
C LYS A 17 18.15 4.19 -7.75
N PRO A 18 17.63 5.35 -7.28
CA PRO A 18 16.32 5.34 -6.64
C PRO A 18 15.17 5.37 -7.66
N ASP A 19 14.86 4.20 -8.23
CA ASP A 19 13.86 4.13 -9.30
C ASP A 19 12.58 3.38 -8.91
N LYS A 20 11.52 4.16 -8.73
CA LYS A 20 10.21 3.65 -8.35
C LYS A 20 9.13 4.30 -9.22
N LEU A 21 8.07 3.55 -9.53
CA LEU A 21 6.85 4.11 -10.11
C LEU A 21 5.69 3.87 -9.16
N VAL A 22 4.83 4.88 -9.01
CA VAL A 22 3.70 4.81 -8.07
C VAL A 22 2.35 4.85 -8.78
N VAL A 23 1.52 3.86 -8.47
CA VAL A 23 0.18 3.72 -9.00
C VAL A 23 -0.82 3.80 -7.84
N TRP A 24 -1.85 4.64 -7.98
CA TRP A 24 -2.95 4.66 -7.03
C TRP A 24 -4.13 3.85 -7.56
N GLU A 25 -4.53 2.84 -6.80
CA GLU A 25 -5.65 1.97 -7.17
C GLU A 25 -6.74 1.96 -6.10
N ASN A 26 -7.99 1.84 -6.54
CA ASN A 26 -9.11 1.79 -5.62
C ASN A 26 -8.92 0.80 -4.46
N ALA A 27 -9.04 1.32 -3.25
CA ALA A 27 -8.87 0.54 -2.03
C ALA A 27 -10.05 -0.40 -1.73
N ASP A 28 -10.18 -1.48 -2.50
CA ASP A 28 -11.30 -2.40 -2.32
C ASP A 28 -10.94 -3.63 -1.47
N ASP A 29 -9.71 -3.65 -0.95
CA ASP A 29 -9.15 -4.78 -0.19
C ASP A 29 -9.44 -6.14 -0.86
N GLY A 30 -9.50 -6.12 -2.19
CA GLY A 30 -9.89 -7.28 -2.96
C GLY A 30 -9.53 -7.20 -4.43
N VAL A 31 -10.53 -7.47 -5.25
CA VAL A 31 -10.35 -7.78 -6.66
C VAL A 31 -9.77 -6.69 -7.60
N GLN A 32 -10.13 -5.42 -7.40
CA GLN A 32 -9.61 -4.35 -8.24
C GLN A 32 -8.14 -4.04 -7.87
N LEU A 33 -7.88 -3.93 -6.57
CA LEU A 33 -6.53 -3.75 -6.06
C LEU A 33 -5.61 -4.89 -6.50
N ASN A 34 -6.09 -6.12 -6.36
CA ASN A 34 -5.28 -7.29 -6.62
C ASN A 34 -4.81 -7.41 -8.07
N ASN A 35 -5.74 -7.19 -9.00
CA ASN A 35 -5.45 -7.28 -10.42
C ASN A 35 -4.34 -6.34 -10.87
N THR A 36 -4.38 -5.12 -10.36
CA THR A 36 -3.40 -4.10 -10.70
C THR A 36 -2.06 -4.39 -10.04
N LYS A 37 -2.10 -5.00 -8.85
CA LYS A 37 -0.89 -5.45 -8.15
C LYS A 37 -0.19 -6.54 -8.95
N LYS A 38 -0.98 -7.47 -9.48
CA LYS A 38 -0.48 -8.56 -10.31
C LYS A 38 0.22 -7.99 -11.54
N TRP A 39 -0.52 -7.28 -12.38
CA TRP A 39 0.02 -6.74 -13.62
C TRP A 39 1.11 -5.68 -13.45
N ALA A 40 1.13 -5.00 -12.31
CA ALA A 40 2.24 -4.10 -11.99
C ALA A 40 3.50 -4.86 -11.58
N GLY A 41 3.32 -6.08 -11.08
CA GLY A 41 4.45 -6.94 -10.71
C GLY A 41 5.10 -7.56 -11.93
N GLU A 42 4.29 -7.82 -12.96
CA GLU A 42 4.75 -8.39 -14.21
C GLU A 42 5.59 -7.36 -14.96
N PHE A 43 5.13 -6.11 -14.93
CA PHE A 43 5.89 -4.98 -15.46
C PHE A 43 7.21 -4.84 -14.73
N THR A 44 7.20 -5.03 -13.41
CA THR A 44 8.42 -5.03 -12.61
C THR A 44 9.30 -6.24 -12.96
N LYS A 45 8.68 -7.35 -13.33
CA LYS A 45 9.40 -8.53 -13.79
C LYS A 45 10.01 -8.31 -15.19
N LYS A 46 9.27 -7.63 -16.06
CA LYS A 46 9.68 -7.40 -17.45
C LYS A 46 10.71 -6.28 -17.61
N THR A 47 10.58 -5.21 -16.81
CA THR A 47 11.41 -4.01 -16.99
C THR A 47 12.43 -3.77 -15.89
N GLY A 48 12.22 -4.41 -14.75
CA GLY A 48 13.08 -4.21 -13.57
C GLY A 48 12.65 -3.03 -12.71
N ILE A 49 11.81 -2.16 -13.28
CA ILE A 49 11.35 -0.92 -12.63
C ILE A 49 10.43 -1.25 -11.44
N GLN A 50 10.76 -0.71 -10.27
CA GLN A 50 9.92 -0.88 -9.08
C GLN A 50 8.63 -0.09 -9.27
N VAL A 51 7.49 -0.79 -9.21
CA VAL A 51 6.17 -0.16 -9.31
C VAL A 51 5.34 -0.48 -8.06
N GLU A 52 5.18 0.53 -7.20
CA GLU A 52 4.42 0.45 -5.96
C GLU A 52 2.94 0.73 -6.26
N VAL A 53 2.04 -0.04 -5.64
CA VAL A 53 0.60 0.11 -5.83
C VAL A 53 -0.08 0.45 -4.49
N VAL A 54 -0.39 1.73 -4.31
CA VAL A 54 -1.03 2.22 -3.09
C VAL A 54 -2.55 2.18 -3.27
N PRO A 55 -3.28 1.57 -2.33
CA PRO A 55 -4.73 1.65 -2.41
C PRO A 55 -5.25 2.96 -1.86
N VAL A 56 -5.97 3.70 -2.72
CA VAL A 56 -6.59 4.95 -2.34
C VAL A 56 -7.99 4.90 -2.91
N ALA A 57 -8.99 5.21 -2.07
CA ALA A 57 -10.38 5.18 -2.49
C ALA A 57 -10.53 5.90 -3.83
N LEU A 58 -11.21 5.25 -4.77
CA LEU A 58 -11.42 5.78 -6.12
C LEU A 58 -11.77 7.28 -6.10
N LEU A 59 -12.67 7.67 -5.20
CA LEU A 59 -13.17 9.03 -5.16
C LEU A 59 -12.31 9.98 -4.30
N LYS A 60 -11.32 9.43 -3.62
CA LYS A 60 -10.43 10.23 -2.78
C LYS A 60 -9.10 10.54 -3.45
N GLN A 61 -8.85 9.91 -4.61
CA GLN A 61 -7.58 10.05 -5.32
C GLN A 61 -7.34 11.43 -5.89
N GLN A 62 -8.38 12.05 -6.43
CA GLN A 62 -8.24 13.37 -7.04
C GLN A 62 -7.83 14.43 -6.02
N GLU A 63 -8.43 14.38 -4.83
CA GLU A 63 -8.12 15.37 -3.79
C GLU A 63 -6.74 15.11 -3.17
N LYS A 64 -6.39 13.84 -3.06
CA LYS A 64 -5.10 13.47 -2.51
C LYS A 64 -3.98 13.97 -3.39
N LEU A 65 -4.14 13.77 -4.71
CA LEU A 65 -3.17 14.24 -5.71
C LEU A 65 -3.08 15.76 -5.74
N THR A 66 -4.20 16.44 -5.48
CA THR A 66 -4.18 17.90 -5.38
C THR A 66 -3.20 18.37 -4.29
N LEU A 67 -3.12 17.62 -3.19
CA LEU A 67 -2.13 17.91 -2.13
C LEU A 67 -0.76 17.28 -2.40
N ASP A 68 -0.72 15.95 -2.56
CA ASP A 68 0.53 15.19 -2.69
C ASP A 68 1.36 15.48 -3.97
N GLY A 69 0.70 15.48 -5.13
CA GLY A 69 1.35 15.73 -6.43
C GLY A 69 2.37 16.88 -6.47
N PRO A 70 1.92 18.13 -6.20
CA PRO A 70 2.85 19.26 -6.15
C PRO A 70 3.93 19.18 -5.05
N ALA A 71 3.81 18.22 -4.13
CA ALA A 71 4.80 18.05 -3.06
C ALA A 71 5.78 16.91 -3.35
N GLY A 72 5.70 16.36 -4.55
CA GLY A 72 6.59 15.28 -4.96
C GLY A 72 6.28 13.95 -4.31
N LYS A 73 5.12 13.85 -3.66
CA LYS A 73 4.72 12.62 -2.99
C LYS A 73 3.54 11.93 -3.68
N GLY A 74 3.11 12.50 -4.82
CA GLY A 74 1.95 11.97 -5.56
C GLY A 74 2.29 10.73 -6.36
N ALA A 75 1.26 10.07 -6.86
CA ALA A 75 1.46 8.90 -7.72
C ALA A 75 1.75 9.35 -9.13
N ASP A 76 2.30 8.44 -9.91
CA ASP A 76 2.51 8.66 -11.32
C ASP A 76 1.24 8.36 -12.08
N LEU A 77 0.59 7.25 -11.72
CA LEU A 77 -0.68 6.82 -12.32
C LEU A 77 -1.82 6.84 -11.30
N VAL A 78 -2.91 7.45 -11.72
CA VAL A 78 -4.10 7.59 -10.89
C VAL A 78 -5.33 7.19 -11.72
N THR A 79 -6.45 6.98 -11.04
CA THR A 79 -7.68 6.56 -11.67
C THR A 79 -8.90 7.14 -10.95
N TRP A 80 -9.88 7.55 -11.74
CA TRP A 80 -11.22 7.92 -11.25
C TRP A 80 -12.12 8.05 -12.48
N PRO A 81 -13.44 8.13 -12.27
CA PRO A 81 -14.39 8.28 -13.38
C PRO A 81 -14.19 9.55 -14.21
N HIS A 82 -14.39 9.42 -15.53
CA HIS A 82 -14.11 10.48 -16.51
C HIS A 82 -14.91 11.73 -16.17
N ASP A 83 -15.91 11.50 -15.34
CA ASP A 83 -16.73 12.50 -14.68
C ASP A 83 -15.95 13.76 -14.33
N ARG A 84 -14.82 13.56 -13.66
CA ARG A 84 -14.06 14.65 -13.07
C ARG A 84 -12.81 15.07 -13.86
N LEU A 85 -12.72 14.61 -15.11
CA LEU A 85 -11.64 15.04 -16.00
C LEU A 85 -12.04 16.39 -16.57
N GLY A 86 -11.12 17.34 -16.59
CA GLY A 86 -11.53 18.67 -17.02
C GLY A 86 -11.32 19.60 -15.86
N GLU A 87 -11.99 19.31 -14.75
CA GLU A 87 -11.66 19.93 -13.48
C GLU A 87 -10.20 19.66 -13.12
N ALA A 88 -9.78 18.40 -13.29
CA ALA A 88 -8.40 17.98 -13.08
C ALA A 88 -7.44 18.61 -14.09
N VAL A 89 -7.87 18.73 -15.34
CA VAL A 89 -7.06 19.38 -16.36
C VAL A 89 -6.95 20.86 -16.03
N THR A 90 -8.09 21.47 -15.72
CA THR A 90 -8.13 22.89 -15.34
C THR A 90 -7.30 23.17 -14.10
N LYS A 91 -7.28 22.24 -13.16
CA LYS A 91 -6.53 22.42 -11.92
C LYS A 91 -5.09 21.91 -11.99
N GLY A 92 -4.62 21.60 -13.19
CA GLY A 92 -3.23 21.18 -13.42
C GLY A 92 -2.82 19.85 -12.79
N LEU A 93 -3.78 18.96 -12.61
CA LEU A 93 -3.51 17.67 -11.98
C LEU A 93 -2.98 16.64 -12.96
N LEU A 94 -3.39 16.74 -14.22
CA LEU A 94 -3.07 15.71 -15.21
C LEU A 94 -2.47 16.29 -16.48
N GLN A 95 -1.59 15.54 -17.10
CA GLN A 95 -1.03 15.92 -18.41
C GLN A 95 -1.52 14.95 -19.49
N PRO A 96 -1.63 15.43 -20.74
CA PRO A 96 -2.02 14.51 -21.81
C PRO A 96 -1.01 13.38 -22.00
N ILE A 97 -1.44 12.32 -22.68
CA ILE A 97 -0.56 11.20 -22.97
C ILE A 97 -0.32 11.09 -24.47
N GLN A 98 0.86 10.60 -24.83
CA GLN A 98 1.20 10.29 -26.23
C GLN A 98 1.40 8.78 -26.40
N VAL A 99 0.46 8.15 -27.10
CA VAL A 99 0.59 6.74 -27.40
C VAL A 99 0.43 6.51 -28.90
N ASP A 100 1.11 5.48 -29.38
CA ASP A 100 1.09 5.06 -30.78
C ASP A 100 -0.35 4.98 -31.32
N ASN A 101 -0.50 5.27 -32.60
CA ASN A 101 -1.78 5.18 -33.32
C ASN A 101 -2.43 3.80 -33.20
N SER A 102 -1.61 2.74 -33.23
CA SER A 102 -2.09 1.37 -33.10
C SER A 102 -2.65 1.08 -31.71
N VAL A 103 -1.97 1.58 -30.67
CA VAL A 103 -2.47 1.45 -29.30
C VAL A 103 -3.79 2.19 -29.18
N LYS A 104 -3.77 3.48 -29.49
CA LYS A 104 -4.97 4.33 -29.47
C LYS A 104 -6.17 3.64 -30.14
N ASN A 105 -5.89 2.86 -31.18
CA ASN A 105 -6.90 2.19 -32.00
C ASN A 105 -7.56 0.98 -31.35
N GLN A 106 -6.91 0.40 -30.35
CA GLN A 106 -7.39 -0.82 -29.69
C GLN A 106 -8.61 -0.59 -28.78
N PHE A 107 -8.98 0.66 -28.55
CA PHE A 107 -10.00 1.00 -27.56
C PHE A 107 -11.31 1.53 -28.14
N ASP A 108 -12.39 1.34 -27.38
CA ASP A 108 -13.73 1.81 -27.76
C ASP A 108 -13.75 3.33 -27.95
N ASP A 109 -14.38 3.77 -29.03
CA ASP A 109 -14.43 5.19 -29.41
C ASP A 109 -15.13 6.06 -28.37
N VAL A 110 -16.24 5.55 -27.84
CA VAL A 110 -16.96 6.20 -26.75
C VAL A 110 -16.04 6.37 -25.54
N ALA A 111 -15.33 5.30 -25.19
CA ALA A 111 -14.43 5.35 -24.05
C ALA A 111 -13.31 6.38 -24.24
N MET A 112 -12.70 6.37 -25.44
CA MET A 112 -11.60 7.28 -25.75
C MET A 112 -12.03 8.74 -25.78
N LYS A 113 -13.26 8.98 -26.24
CA LYS A 113 -13.82 10.33 -26.24
C LYS A 113 -14.08 10.85 -24.84
N ALA A 114 -14.59 9.99 -23.95
CA ALA A 114 -14.82 10.36 -22.56
C ALA A 114 -13.52 10.74 -21.82
N LEU A 115 -12.40 10.17 -22.29
CA LEU A 115 -11.07 10.45 -21.75
C LEU A 115 -10.32 11.58 -22.48
N THR A 116 -11.05 12.34 -23.31
CA THR A 116 -10.45 13.41 -24.09
C THR A 116 -11.03 14.77 -23.67
N TYR A 117 -10.15 15.73 -23.41
CA TYR A 117 -10.60 17.06 -23.00
C TYR A 117 -9.88 18.16 -23.77
N GLY A 118 -10.65 19.05 -24.39
CA GLY A 118 -10.09 20.12 -25.22
C GLY A 118 -9.15 19.60 -26.27
N GLY A 119 -9.58 18.56 -26.98
CA GLY A 119 -8.81 17.98 -28.10
C GLY A 119 -7.67 17.04 -27.74
N LYS A 120 -7.42 16.85 -26.44
CA LYS A 120 -6.27 16.10 -25.96
C LYS A 120 -6.66 14.88 -25.11
N LEU A 121 -5.96 13.78 -25.32
CA LEU A 121 -6.24 12.52 -24.65
C LEU A 121 -5.50 12.38 -23.32
N TYR A 122 -6.26 12.12 -22.25
CA TYR A 122 -5.65 12.08 -20.92
C TYR A 122 -5.50 10.70 -20.32
N GLY A 123 -6.06 9.69 -20.97
CA GLY A 123 -5.88 8.34 -20.47
C GLY A 123 -6.33 7.20 -21.35
N LEU A 124 -6.03 6.01 -20.85
CA LEU A 124 -6.41 4.76 -21.50
C LEU A 124 -7.46 4.04 -20.66
N PRO A 125 -8.55 3.58 -21.30
CA PRO A 125 -9.71 3.07 -20.56
C PRO A 125 -9.53 1.71 -19.89
N LYS A 126 -10.14 1.54 -18.72
CA LYS A 126 -10.14 0.25 -18.02
C LYS A 126 -11.51 -0.39 -18.01
N ALA A 127 -12.54 0.46 -18.06
CA ALA A 127 -13.91 0.04 -17.83
C ALA A 127 -14.90 1.01 -18.45
N ILE A 128 -15.86 0.46 -19.18
CA ILE A 128 -17.03 1.21 -19.65
C ILE A 128 -18.19 0.67 -18.80
N GLU A 129 -19.04 1.57 -18.30
CA GLU A 129 -20.01 1.14 -17.30
C GLU A 129 -21.31 1.91 -17.31
N SER A 130 -22.36 1.20 -16.97
CA SER A 130 -23.66 1.78 -16.76
C SER A 130 -24.37 0.93 -15.74
N VAL A 131 -25.28 1.55 -14.98
CA VAL A 131 -26.15 0.83 -14.07
C VAL A 131 -27.13 0.03 -14.91
N ALA A 132 -27.57 -1.10 -14.38
CA ALA A 132 -28.64 -1.89 -15.01
C ALA A 132 -29.50 -2.56 -13.94
N LEU A 133 -30.53 -3.30 -14.36
CA LEU A 133 -31.36 -4.05 -13.42
C LEU A 133 -30.74 -5.41 -13.09
N ILE A 134 -30.17 -5.52 -11.90
CA ILE A 134 -29.56 -6.76 -11.42
C ILE A 134 -30.49 -7.45 -10.42
N TYR A 135 -30.83 -8.71 -10.69
CA TYR A 135 -31.83 -9.41 -9.90
C TYR A 135 -31.38 -10.77 -9.37
N ASN A 136 -31.85 -11.09 -8.17
CA ASN A 136 -31.70 -12.40 -7.54
C ASN A 136 -32.66 -13.42 -8.19
N LYS A 137 -32.11 -14.33 -9.00
CA LYS A 137 -32.93 -15.24 -9.82
C LYS A 137 -33.95 -16.11 -9.05
N LYS A 138 -33.69 -16.37 -7.77
CA LYS A 138 -34.68 -17.14 -7.01
C LYS A 138 -35.79 -16.30 -6.40
N LEU A 139 -35.67 -14.98 -6.52
CA LEU A 139 -36.74 -14.07 -6.10
C LEU A 139 -37.46 -13.45 -7.29
N MET A 140 -36.79 -13.40 -8.45
CA MET A 140 -37.38 -12.82 -9.64
C MET A 140 -37.23 -13.71 -10.87
N GLY A 141 -38.38 -14.18 -11.37
CA GLY A 141 -38.42 -15.06 -12.54
C GLY A 141 -38.03 -14.31 -13.80
N GLN A 142 -38.98 -13.60 -14.37
CA GLN A 142 -38.72 -12.67 -15.48
C GLN A 142 -38.79 -11.24 -14.96
N VAL A 143 -38.00 -10.35 -15.56
CA VAL A 143 -37.96 -8.94 -15.19
C VAL A 143 -39.23 -8.24 -15.64
N PRO A 144 -39.72 -7.28 -14.83
CA PRO A 144 -40.86 -6.48 -15.27
C PRO A 144 -40.56 -5.80 -16.61
N ALA A 145 -41.52 -5.87 -17.53
CA ALA A 145 -41.33 -5.36 -18.89
C ALA A 145 -41.20 -3.84 -18.96
N THR A 146 -41.92 -3.12 -18.11
CA THR A 146 -41.88 -1.66 -18.12
C THR A 146 -41.50 -1.09 -16.76
N TYR A 147 -41.21 0.22 -16.76
CA TYR A 147 -40.85 0.94 -15.53
C TYR A 147 -42.07 1.02 -14.62
N ASP A 148 -43.22 1.30 -15.23
CA ASP A 148 -44.48 1.34 -14.50
C ASP A 148 -44.70 0.06 -13.70
N GLU A 149 -44.40 -1.07 -14.33
CA GLU A 149 -44.61 -2.37 -13.69
C GLU A 149 -43.51 -2.67 -12.68
N LEU A 150 -42.27 -2.30 -13.02
CA LEU A 150 -41.17 -2.34 -12.06
C LEU A 150 -41.52 -1.52 -10.81
N PHE A 151 -42.15 -0.36 -11.03
CA PHE A 151 -42.55 0.49 -9.92
C PHE A 151 -43.66 -0.14 -9.07
N GLN A 152 -44.72 -0.60 -9.74
CA GLN A 152 -45.84 -1.26 -9.06
C GLN A 152 -45.37 -2.49 -8.28
N TYR A 153 -44.36 -3.16 -8.82
CA TYR A 153 -43.71 -4.27 -8.16
C TYR A 153 -43.03 -3.85 -6.84
N ALA A 154 -42.39 -2.67 -6.84
CA ALA A 154 -41.77 -2.11 -5.62
C ALA A 154 -42.82 -1.67 -4.62
N LYS A 155 -43.84 -0.98 -5.11
CA LYS A 155 -45.00 -0.60 -4.30
C LYS A 155 -45.60 -1.82 -3.58
N ALA A 156 -45.73 -2.94 -4.27
CA ALA A 156 -46.35 -4.14 -3.67
C ALA A 156 -45.43 -4.95 -2.75
N ASN A 157 -44.14 -5.04 -3.08
CA ASN A 157 -43.22 -5.93 -2.35
C ASN A 157 -42.26 -5.32 -1.32
N ASN A 158 -42.02 -4.00 -1.40
CA ASN A 158 -41.11 -3.35 -0.44
C ASN A 158 -41.68 -3.29 0.98
N LYS A 159 -40.93 -3.85 1.93
CA LYS A 159 -41.29 -3.71 3.34
C LYS A 159 -40.05 -3.46 4.20
N PRO A 160 -39.69 -2.17 4.38
CA PRO A 160 -38.60 -1.71 5.25
C PRO A 160 -38.59 -2.32 6.67
N ASP A 161 -39.75 -2.56 7.27
CA ASP A 161 -39.81 -3.09 8.64
C ASP A 161 -39.19 -4.50 8.74
N GLU A 162 -39.41 -5.31 7.72
CA GLU A 162 -38.81 -6.64 7.65
C GLU A 162 -37.49 -6.61 6.87
N GLN A 163 -37.14 -5.42 6.38
CA GLN A 163 -35.96 -5.23 5.54
C GLN A 163 -35.95 -6.23 4.39
N LYS A 164 -37.05 -6.22 3.65
CA LYS A 164 -37.16 -7.03 2.45
C LYS A 164 -37.83 -6.19 1.37
N TYR A 165 -37.20 -6.18 0.19
CA TYR A 165 -37.60 -5.32 -0.90
C TYR A 165 -37.80 -6.15 -2.17
N GLY A 166 -38.62 -5.64 -3.07
CA GLY A 166 -38.66 -6.15 -4.43
C GLY A 166 -37.66 -5.36 -5.25
N VAL A 167 -37.61 -4.06 -5.01
CA VAL A 167 -36.65 -3.18 -5.68
C VAL A 167 -35.99 -2.20 -4.71
N LEU A 168 -34.66 -2.26 -4.63
CA LEU A 168 -33.91 -1.33 -3.80
C LEU A 168 -32.75 -0.74 -4.60
N PHE A 169 -32.55 0.57 -4.49
CA PHE A 169 -31.40 1.22 -5.10
C PHE A 169 -31.13 2.60 -4.49
N GLU A 170 -29.97 3.19 -4.81
CA GLU A 170 -29.60 4.51 -4.29
C GLU A 170 -30.42 5.62 -4.91
N ALA A 171 -31.67 5.72 -4.47
CA ALA A 171 -32.60 6.70 -5.04
C ALA A 171 -32.39 8.10 -4.47
N ASN A 172 -31.38 8.25 -3.62
CA ASN A 172 -30.91 9.55 -3.14
C ASN A 172 -29.60 10.01 -3.83
N ASN A 173 -29.13 9.24 -4.81
CA ASN A 173 -27.90 9.53 -5.57
C ASN A 173 -28.27 9.86 -7.01
N PHE A 174 -27.95 11.08 -7.44
CA PHE A 174 -28.26 11.57 -8.79
C PHE A 174 -27.63 10.73 -9.90
N TYR A 175 -26.51 10.10 -9.60
CA TYR A 175 -25.85 9.19 -10.55
C TYR A 175 -26.79 8.05 -10.92
N TYR A 176 -27.60 7.62 -9.95
CA TYR A 176 -28.55 6.53 -10.14
C TYR A 176 -29.89 7.02 -10.71
N THR A 177 -30.39 8.13 -10.16
CA THR A 177 -31.74 8.61 -10.48
C THR A 177 -31.83 9.39 -11.79
N TYR A 178 -30.73 9.46 -12.53
CA TYR A 178 -30.65 10.34 -13.71
C TYR A 178 -31.49 9.87 -14.91
N PHE A 179 -31.59 8.55 -15.09
CA PHE A 179 -32.40 7.97 -16.18
C PHE A 179 -33.85 8.44 -16.12
N LEU A 180 -34.14 9.15 -15.04
CA LEU A 180 -35.48 9.40 -14.59
C LEU A 180 -35.78 10.90 -14.71
N PHE A 181 -34.75 11.72 -14.56
CA PHE A 181 -34.81 13.14 -14.95
C PHE A 181 -34.73 13.20 -16.47
N ALA A 182 -33.93 12.32 -17.06
CA ALA A 182 -33.71 12.26 -18.52
C ALA A 182 -34.96 11.81 -19.28
N ALA A 183 -35.72 10.89 -18.67
CA ALA A 183 -36.98 10.40 -19.21
C ALA A 183 -37.97 11.54 -19.35
N LYS A 184 -37.85 12.52 -18.47
CA LYS A 184 -38.73 13.69 -18.48
C LYS A 184 -38.26 14.77 -19.41
N GLY A 185 -37.07 14.61 -19.98
CA GLY A 185 -36.48 15.61 -20.88
C GLY A 185 -35.55 16.59 -20.19
N ALA A 186 -35.11 16.25 -18.98
CA ALA A 186 -34.21 17.12 -18.23
C ALA A 186 -32.74 16.80 -18.50
N ALA A 187 -31.92 17.85 -18.59
CA ALA A 187 -30.47 17.69 -18.79
C ALA A 187 -29.69 18.40 -17.69
N VAL A 188 -28.44 17.99 -17.47
CA VAL A 188 -27.57 18.67 -16.52
C VAL A 188 -27.16 20.05 -17.07
N PHE A 189 -26.59 20.06 -18.28
CA PHE A 189 -26.27 21.31 -18.99
C PHE A 189 -26.97 21.41 -20.36
N LYS A 190 -27.00 22.62 -20.92
CA LYS A 190 -27.65 22.92 -22.21
C LYS A 190 -26.99 22.23 -23.40
N GLU A 191 -27.80 21.95 -24.44
CA GLU A 191 -27.37 21.27 -25.66
C GLU A 191 -27.00 22.26 -26.77
N GLN A 192 -25.78 22.80 -26.72
CA GLN A 192 -25.25 23.63 -27.80
C GLN A 192 -24.23 22.80 -28.61
N ASP A 193 -24.76 21.89 -29.45
CA ASP A 193 -23.97 20.91 -30.21
C ASP A 193 -23.08 20.05 -29.30
N GLY A 194 -23.69 19.54 -28.24
CA GLY A 194 -23.00 18.80 -27.18
C GLY A 194 -23.45 19.25 -25.80
N THR A 195 -22.54 19.22 -24.83
CA THR A 195 -22.79 19.70 -23.46
C THR A 195 -21.98 20.98 -23.20
N LEU A 196 -21.95 21.86 -24.20
CA LEU A 196 -21.04 23.01 -24.25
C LEU A 196 -21.30 24.17 -23.28
N ASP A 197 -22.35 24.10 -22.45
CA ASP A 197 -22.67 25.30 -21.65
C ASP A 197 -22.85 25.15 -20.13
N PRO A 198 -21.81 25.53 -19.37
CA PRO A 198 -21.79 25.63 -17.91
C PRO A 198 -22.86 26.55 -17.30
N ASN A 199 -23.26 27.59 -18.04
CA ASN A 199 -24.16 28.62 -17.51
C ASN A 199 -25.64 28.35 -17.65
N GLU A 200 -25.98 27.27 -18.34
CA GLU A 200 -27.38 26.88 -18.54
C GLU A 200 -27.63 25.51 -17.91
N ILE A 201 -27.72 25.50 -16.60
CA ILE A 201 -28.05 24.30 -15.84
C ILE A 201 -29.55 24.02 -15.96
N GLY A 202 -29.89 22.78 -16.33
CA GLY A 202 -31.28 22.40 -16.56
C GLY A 202 -31.94 21.68 -15.39
N LEU A 203 -31.26 21.69 -14.23
CA LEU A 203 -31.69 20.90 -13.09
C LEU A 203 -32.79 21.56 -12.21
N ASN A 204 -33.36 22.66 -12.69
CA ASN A 204 -34.53 23.27 -12.05
C ASN A 204 -35.59 23.70 -13.09
N SER A 205 -35.49 23.14 -14.28
CA SER A 205 -36.52 23.25 -15.30
C SER A 205 -37.79 22.52 -14.84
N PRO A 206 -38.94 22.81 -15.49
CA PRO A 206 -40.15 22.05 -15.18
C PRO A 206 -39.92 20.53 -15.35
N GLU A 207 -39.20 20.15 -16.40
CA GLU A 207 -38.89 18.73 -16.68
C GLU A 207 -37.99 18.08 -15.61
N ALA A 208 -37.17 18.91 -14.95
CA ALA A 208 -36.36 18.46 -13.82
C ALA A 208 -37.22 18.25 -12.58
N VAL A 209 -38.22 19.11 -12.40
CA VAL A 209 -39.17 18.99 -11.28
C VAL A 209 -39.94 17.69 -11.38
N GLN A 210 -40.37 17.36 -12.60
CA GLN A 210 -41.12 16.12 -12.85
C GLN A 210 -40.26 14.91 -12.53
N GLY A 211 -38.97 15.00 -12.86
CA GLY A 211 -38.00 13.94 -12.58
C GLY A 211 -37.81 13.70 -11.09
N MET A 212 -37.77 14.79 -10.33
CA MET A 212 -37.58 14.72 -8.88
C MET A 212 -38.86 14.22 -8.25
N ASN A 213 -40.00 14.55 -8.89
CA ASN A 213 -41.31 14.00 -8.54
C ASN A 213 -41.31 12.48 -8.58
N GLU A 214 -40.58 11.91 -9.54
CA GLU A 214 -40.45 10.46 -9.66
C GLU A 214 -39.53 9.87 -8.58
N VAL A 215 -38.45 10.57 -8.26
CA VAL A 215 -37.57 10.18 -7.15
C VAL A 215 -38.35 10.15 -5.84
N GLN A 216 -39.14 11.20 -5.60
CA GLN A 216 -39.96 11.31 -4.40
C GLN A 216 -40.88 10.08 -4.18
N LYS A 217 -41.55 9.65 -5.25
CA LYS A 217 -42.45 8.49 -5.20
C LYS A 217 -41.75 7.18 -4.78
N TRP A 218 -40.44 7.09 -4.98
CA TRP A 218 -39.65 5.93 -4.52
C TRP A 218 -39.55 5.84 -2.99
N PHE A 219 -39.54 7.01 -2.35
CA PHE A 219 -39.51 7.11 -0.89
C PHE A 219 -40.93 7.19 -0.31
N THR A 220 -41.86 7.71 -1.11
CA THR A 220 -43.24 7.93 -0.70
C THR A 220 -44.09 6.66 -0.92
N GLU A 221 -44.20 6.23 -2.16
CA GLU A 221 -44.98 5.04 -2.45
C GLU A 221 -44.18 3.77 -2.28
N ALA A 222 -43.06 3.66 -3.01
CA ALA A 222 -42.19 2.46 -2.95
C ALA A 222 -41.38 2.35 -1.65
N ARG A 223 -41.59 3.31 -0.75
CA ARG A 223 -41.04 3.31 0.62
C ARG A 223 -39.58 2.87 0.80
N LEU A 224 -38.69 3.43 -0.01
CA LEU A 224 -37.27 3.22 0.19
C LEU A 224 -36.82 3.95 1.45
N PRO A 225 -35.85 3.39 2.17
CA PRO A 225 -35.49 4.02 3.44
C PRO A 225 -34.71 5.31 3.23
N GLN A 226 -34.88 6.25 4.14
CA GLN A 226 -34.05 7.46 4.14
C GLN A 226 -32.64 7.05 4.52
N SER A 227 -31.68 7.92 4.20
CA SER A 227 -30.25 7.72 4.52
C SER A 227 -29.63 6.47 3.88
N LEU A 228 -30.14 6.11 2.70
CA LEU A 228 -29.58 5.04 1.88
C LEU A 228 -28.13 5.27 1.48
N LYS A 229 -27.38 4.18 1.43
CA LYS A 229 -26.03 4.17 0.86
C LYS A 229 -25.76 2.83 0.16
N ALA A 230 -24.71 2.79 -0.64
CA ALA A 230 -24.32 1.61 -1.41
C ALA A 230 -24.16 0.36 -0.56
N ASP A 231 -23.61 0.53 0.65
CA ASP A 231 -23.46 -0.56 1.63
C ASP A 231 -24.80 -1.17 2.04
N THR A 232 -25.83 -0.35 2.17
CA THR A 232 -27.16 -0.84 2.50
C THR A 232 -27.77 -1.65 1.35
N VAL A 233 -27.63 -1.12 0.13
CA VAL A 233 -28.18 -1.76 -1.06
C VAL A 233 -27.51 -3.11 -1.30
N ASN A 234 -26.18 -3.11 -1.28
CA ASN A 234 -25.39 -4.31 -1.51
C ASN A 234 -25.61 -5.38 -0.43
N GLY A 235 -25.52 -4.99 0.83
CA GLY A 235 -25.67 -5.91 1.96
C GLY A 235 -26.99 -6.64 1.97
N LEU A 236 -28.08 -5.90 1.71
CA LEU A 236 -29.41 -6.48 1.70
C LEU A 236 -29.62 -7.44 0.53
N PHE A 237 -29.12 -7.07 -0.64
CA PHE A 237 -29.15 -7.94 -1.80
C PHE A 237 -28.35 -9.21 -1.53
N LYS A 238 -27.16 -9.04 -0.96
CA LYS A 238 -26.27 -10.16 -0.67
C LYS A 238 -26.84 -11.14 0.37
N SER A 239 -27.58 -10.61 1.36
CA SER A 239 -28.23 -11.45 2.36
C SER A 239 -29.51 -12.10 1.83
N GLY A 240 -29.78 -11.89 0.54
CA GLY A 240 -30.91 -12.50 -0.13
C GLY A 240 -32.28 -11.88 0.16
N LYS A 241 -32.32 -10.61 0.52
CA LYS A 241 -33.59 -9.98 0.94
C LYS A 241 -34.18 -8.99 -0.07
N VAL A 242 -33.59 -8.93 -1.27
CA VAL A 242 -33.96 -7.96 -2.29
C VAL A 242 -34.06 -8.65 -3.64
N ALA A 243 -35.21 -8.55 -4.29
CA ALA A 243 -35.41 -9.19 -5.57
C ALA A 243 -34.51 -8.61 -6.65
N ALA A 244 -34.44 -7.27 -6.71
CA ALA A 244 -33.75 -6.58 -7.78
C ALA A 244 -33.18 -5.24 -7.30
N VAL A 245 -31.98 -4.93 -7.77
CA VAL A 245 -31.38 -3.63 -7.51
C VAL A 245 -31.06 -2.95 -8.82
N ILE A 246 -30.89 -1.63 -8.76
CA ILE A 246 -30.26 -0.90 -9.85
C ILE A 246 -28.84 -0.56 -9.38
N ASN A 247 -27.86 -1.21 -10.01
CA ASN A 247 -26.46 -1.06 -9.67
C ASN A 247 -25.64 -1.42 -10.91
N GLY A 248 -24.32 -1.31 -10.81
CA GLY A 248 -23.46 -1.51 -11.98
C GLY A 248 -22.61 -2.78 -11.97
N PRO A 249 -21.79 -2.96 -13.03
CA PRO A 249 -20.96 -4.14 -13.22
C PRO A 249 -20.03 -4.39 -12.05
N TRP A 250 -19.61 -3.31 -11.39
CA TRP A 250 -18.63 -3.34 -10.30
C TRP A 250 -19.09 -4.18 -9.12
N ALA A 251 -20.37 -4.51 -9.09
CA ALA A 251 -20.98 -5.16 -7.93
C ALA A 251 -21.13 -6.67 -8.10
N ILE A 252 -21.05 -7.14 -9.36
CA ILE A 252 -21.31 -8.55 -9.68
C ILE A 252 -20.47 -9.55 -8.86
N LYS A 253 -19.14 -9.45 -8.96
CA LYS A 253 -18.23 -10.37 -8.27
C LYS A 253 -18.57 -10.48 -6.79
N ASP A 254 -18.90 -9.34 -6.19
CA ASP A 254 -19.26 -9.26 -4.78
C ASP A 254 -20.55 -10.04 -4.53
N TYR A 255 -21.55 -9.83 -5.39
CA TYR A 255 -22.82 -10.57 -5.30
C TYR A 255 -22.60 -12.07 -5.46
N GLN A 256 -21.83 -12.45 -6.47
CA GLN A 256 -21.60 -13.86 -6.75
C GLN A 256 -20.77 -14.57 -5.68
N ALA A 257 -19.89 -13.83 -4.99
CA ALA A 257 -19.15 -14.38 -3.83
C ALA A 257 -20.07 -14.67 -2.64
N ALA A 258 -21.14 -13.89 -2.54
CA ALA A 258 -22.15 -14.09 -1.51
C ALA A 258 -23.16 -15.15 -1.94
N GLY A 259 -23.04 -15.62 -3.19
CA GLY A 259 -23.80 -16.74 -3.70
C GLY A 259 -25.15 -16.46 -4.34
N ILE A 260 -25.37 -15.20 -4.73
CA ILE A 260 -26.61 -14.83 -5.43
C ILE A 260 -26.59 -15.28 -6.89
N ASN A 261 -27.68 -15.91 -7.31
CA ASN A 261 -27.85 -16.26 -8.71
C ASN A 261 -28.27 -15.01 -9.46
N VAL A 262 -27.28 -14.22 -9.89
CA VAL A 262 -27.55 -12.91 -10.50
C VAL A 262 -27.99 -13.02 -11.94
N GLY A 263 -29.03 -12.28 -12.28
CA GLY A 263 -29.41 -12.05 -13.66
C GLY A 263 -29.22 -10.56 -13.90
N VAL A 264 -28.86 -10.19 -15.12
CA VAL A 264 -28.69 -8.78 -15.45
C VAL A 264 -29.53 -8.42 -16.67
N ALA A 265 -30.50 -7.55 -16.46
CA ALA A 265 -31.30 -7.05 -17.56
C ALA A 265 -31.11 -5.54 -17.75
N PRO A 266 -31.35 -5.04 -18.97
CA PRO A 266 -31.45 -3.58 -19.13
C PRO A 266 -32.56 -3.01 -18.25
N LEU A 267 -32.47 -1.74 -17.94
CA LEU A 267 -33.53 -1.07 -17.19
C LEU A 267 -34.82 -1.16 -18.00
N PRO A 268 -35.94 -1.58 -17.36
CA PRO A 268 -37.22 -1.63 -18.05
C PRO A 268 -37.55 -0.28 -18.68
N LYS A 269 -38.07 -0.33 -19.90
CA LYS A 269 -38.35 0.87 -20.69
C LYS A 269 -39.30 1.76 -19.89
N ILE A 270 -39.18 3.07 -20.09
CA ILE A 270 -39.96 4.04 -19.33
C ILE A 270 -40.57 5.03 -20.31
N ASP A 271 -41.89 5.22 -20.19
CA ASP A 271 -42.66 6.07 -21.12
C ASP A 271 -42.63 5.50 -22.55
N GLY A 272 -42.52 4.17 -22.64
CA GLY A 272 -42.32 3.48 -23.92
C GLY A 272 -41.05 3.89 -24.63
N LYS A 273 -39.98 4.07 -23.87
CA LYS A 273 -38.73 4.66 -24.39
C LYS A 273 -37.54 4.09 -23.65
N ASP A 274 -36.43 3.92 -24.35
CA ASP A 274 -35.18 3.46 -23.72
C ASP A 274 -34.86 4.30 -22.49
N ALA A 275 -34.51 3.62 -21.40
CA ALA A 275 -34.01 4.31 -20.21
C ALA A 275 -32.67 4.90 -20.57
N GLN A 276 -32.44 6.14 -20.18
CA GLN A 276 -31.20 6.85 -20.49
C GLN A 276 -30.31 7.00 -19.25
N THR A 277 -29.49 5.99 -18.99
CA THR A 277 -28.57 5.99 -17.86
C THR A 277 -27.33 6.83 -18.16
N PHE A 278 -26.56 7.14 -17.11
CA PHE A 278 -25.22 7.69 -17.29
C PHE A 278 -24.27 6.58 -17.73
N ILE A 279 -23.27 6.99 -18.53
CA ILE A 279 -22.17 6.11 -18.94
C ILE A 279 -20.91 6.64 -18.26
N GLY A 280 -20.20 5.73 -17.59
CA GLY A 280 -18.93 6.06 -16.95
C GLY A 280 -17.77 5.27 -17.50
N VAL A 281 -16.70 5.96 -17.83
CA VAL A 281 -15.47 5.33 -18.28
C VAL A 281 -14.46 5.57 -17.17
N LYS A 282 -13.83 4.50 -16.69
CA LYS A 282 -12.78 4.61 -15.69
C LYS A 282 -11.45 4.41 -16.38
N GLY A 283 -10.55 5.38 -16.22
CA GLY A 283 -9.30 5.35 -16.95
C GLY A 283 -8.09 5.47 -16.04
N TRP A 284 -6.92 5.13 -16.59
CA TRP A 284 -5.67 5.48 -15.94
C TRP A 284 -5.28 6.87 -16.45
N TYR A 285 -4.82 7.74 -15.56
CA TYR A 285 -4.36 9.07 -15.97
C TYR A 285 -2.92 9.31 -15.56
N LEU A 286 -2.25 10.20 -16.29
CA LEU A 286 -0.87 10.59 -15.99
C LEU A 286 -0.81 11.89 -15.22
N SER A 287 -0.30 11.79 -14.00
CA SER A 287 -0.12 12.94 -13.14
C SER A 287 0.77 13.96 -13.81
N ALA A 288 0.34 15.23 -13.78
CA ALA A 288 1.14 16.34 -14.28
C ALA A 288 2.44 16.56 -13.48
N TYR A 289 2.56 15.88 -12.35
CA TYR A 289 3.75 16.03 -11.49
C TYR A 289 4.62 14.77 -11.52
N SER A 290 4.26 13.83 -12.39
CA SER A 290 5.09 12.65 -12.60
C SER A 290 6.46 13.07 -13.10
N LYS A 291 7.50 12.57 -12.45
CA LYS A 291 8.85 12.84 -12.90
C LYS A 291 9.27 11.91 -14.04
N TYR A 292 8.44 10.92 -14.34
CA TYR A 292 8.74 9.91 -15.36
C TYR A 292 7.61 9.71 -16.39
N PRO A 293 7.16 10.81 -17.03
CA PRO A 293 5.97 10.72 -17.88
C PRO A 293 6.06 9.67 -18.99
N LYS A 294 7.26 9.43 -19.51
CA LYS A 294 7.45 8.44 -20.58
C LYS A 294 7.31 7.01 -20.05
N TYR A 295 8.02 6.70 -18.96
CA TYR A 295 8.00 5.36 -18.38
C TYR A 295 6.66 5.02 -17.75
N ALA A 296 5.93 6.04 -17.32
CA ALA A 296 4.61 5.84 -16.73
C ALA A 296 3.58 5.56 -17.83
N THR A 297 3.74 6.20 -18.98
CA THR A 297 2.84 5.92 -20.11
C THR A 297 3.07 4.49 -20.59
N GLU A 298 4.29 4.00 -20.44
CA GLU A 298 4.62 2.61 -20.77
C GLU A 298 3.87 1.68 -19.84
N LEU A 299 3.93 2.00 -18.54
CA LEU A 299 3.20 1.28 -17.50
C LEU A 299 1.70 1.27 -17.78
N MET A 300 1.15 2.44 -18.08
CA MET A 300 -0.28 2.59 -18.40
C MET A 300 -0.69 1.71 -19.58
N GLN A 301 0.20 1.60 -20.56
CA GLN A 301 0.01 0.73 -21.72
C GLN A 301 0.03 -0.73 -21.31
N PHE A 302 1.01 -1.10 -20.49
CA PHE A 302 1.12 -2.46 -20.02
C PHE A 302 -0.15 -2.88 -19.29
N LEU A 303 -0.71 -1.95 -18.50
CA LEU A 303 -1.90 -2.22 -17.68
C LEU A 303 -3.17 -2.31 -18.50
N THR A 304 -3.14 -1.78 -19.72
CA THR A 304 -4.35 -1.73 -20.55
C THR A 304 -4.27 -2.55 -21.85
N SER A 305 -3.19 -3.31 -22.01
CA SER A 305 -3.04 -4.26 -23.11
C SER A 305 -4.19 -5.26 -23.09
N LYS A 306 -4.50 -5.85 -24.25
CA LYS A 306 -5.58 -6.85 -24.36
C LYS A 306 -5.49 -7.95 -23.29
N GLU A 307 -4.27 -8.44 -23.06
CA GLU A 307 -3.98 -9.49 -22.08
C GLU A 307 -4.27 -9.08 -20.63
N ALA A 308 -4.03 -7.80 -20.31
CA ALA A 308 -4.28 -7.26 -18.98
C ALA A 308 -5.77 -6.97 -18.73
N LEU A 309 -6.46 -6.51 -19.76
CA LEU A 309 -7.88 -6.18 -19.68
C LEU A 309 -8.73 -7.44 -19.79
N ALA A 310 -8.13 -8.51 -20.32
CA ALA A 310 -8.77 -9.82 -20.38
C ALA A 310 -8.84 -10.37 -18.97
N SER A 311 -7.69 -10.34 -18.29
CA SER A 311 -7.57 -10.74 -16.91
C SER A 311 -8.34 -9.84 -15.92
N ARG A 312 -8.44 -8.54 -16.23
CA ARG A 312 -9.15 -7.61 -15.37
C ARG A 312 -10.65 -7.89 -15.37
N PHE A 313 -11.22 -8.09 -16.56
CA PHE A 313 -12.61 -8.44 -16.68
C PHE A 313 -12.94 -9.72 -15.90
N LYS A 314 -12.13 -10.76 -16.09
CA LYS A 314 -12.33 -12.05 -15.44
C LYS A 314 -12.24 -11.95 -13.92
N GLU A 315 -11.40 -11.04 -13.43
CA GLU A 315 -11.21 -10.83 -12.00
C GLU A 315 -12.16 -9.78 -11.38
N THR A 316 -12.36 -8.65 -12.06
CA THR A 316 -13.19 -7.57 -11.50
C THR A 316 -14.65 -7.57 -11.96
N GLY A 317 -14.93 -8.22 -13.08
CA GLY A 317 -16.25 -8.13 -13.69
C GLY A 317 -16.48 -6.83 -14.44
N GLU A 318 -15.47 -5.97 -14.43
CA GLU A 318 -15.61 -4.65 -15.06
C GLU A 318 -15.32 -4.70 -16.56
N ILE A 319 -16.32 -4.29 -17.35
CA ILE A 319 -16.32 -4.42 -18.80
C ILE A 319 -15.25 -3.54 -19.46
N PRO A 320 -14.23 -4.15 -20.08
CA PRO A 320 -13.15 -3.36 -20.68
C PRO A 320 -13.57 -2.81 -22.02
N PRO A 321 -13.32 -1.50 -22.25
CA PRO A 321 -13.76 -0.94 -23.51
C PRO A 321 -12.66 -1.12 -24.56
N GLN A 322 -12.21 -2.37 -24.69
CA GLN A 322 -11.18 -2.76 -25.64
C GLN A 322 -11.90 -3.46 -26.79
N LYS A 323 -11.71 -2.94 -28.00
CA LYS A 323 -12.45 -3.37 -29.20
C LYS A 323 -12.45 -4.89 -29.48
N GLU A 324 -11.27 -5.50 -29.51
CA GLU A 324 -11.15 -6.95 -29.75
C GLU A 324 -11.80 -7.81 -28.63
N LEU A 325 -11.69 -7.36 -27.38
CA LEU A 325 -12.32 -8.02 -26.22
C LEU A 325 -13.85 -7.91 -26.23
N LEU A 326 -14.37 -6.76 -26.65
CA LEU A 326 -15.82 -6.56 -26.74
C LEU A 326 -16.41 -7.42 -27.85
N ASN A 327 -15.56 -7.77 -28.81
CA ASN A 327 -15.95 -8.57 -29.97
C ASN A 327 -16.35 -9.99 -29.59
N ASP A 328 -15.50 -10.64 -28.78
CA ASP A 328 -15.69 -12.02 -28.32
C ASP A 328 -17.13 -12.35 -27.86
N PRO A 329 -17.79 -13.33 -28.52
CA PRO A 329 -19.11 -13.84 -28.11
C PRO A 329 -19.17 -14.43 -26.68
N MET A 330 -18.03 -14.89 -26.15
CA MET A 330 -17.96 -15.35 -24.76
C MET A 330 -17.99 -14.17 -23.78
N ILE A 331 -17.72 -12.96 -24.29
CA ILE A 331 -17.83 -11.74 -23.51
C ILE A 331 -19.07 -10.93 -23.92
N LYS A 332 -19.35 -10.87 -25.22
CA LYS A 332 -20.50 -10.12 -25.75
C LYS A 332 -21.85 -10.73 -25.32
N ASN A 333 -21.95 -12.06 -25.35
CA ASN A 333 -23.20 -12.76 -25.01
C ASN A 333 -23.28 -13.34 -23.58
N ASN A 334 -22.21 -13.19 -22.81
CA ASN A 334 -22.22 -13.47 -21.37
C ASN A 334 -23.44 -12.77 -20.74
N PRO A 335 -24.28 -13.52 -20.01
CA PRO A 335 -25.52 -12.96 -19.45
C PRO A 335 -25.28 -11.86 -18.41
N VAL A 336 -24.12 -11.91 -17.77
CA VAL A 336 -23.79 -10.97 -16.71
C VAL A 336 -23.14 -9.69 -17.28
N VAL A 337 -23.01 -9.63 -18.59
CA VAL A 337 -22.37 -8.52 -19.29
C VAL A 337 -23.37 -7.90 -20.26
N ASN A 338 -24.06 -8.77 -20.98
CA ASN A 338 -25.03 -8.43 -22.01
C ASN A 338 -25.94 -7.27 -21.67
N GLY A 339 -26.59 -7.35 -20.51
CA GLY A 339 -27.57 -6.36 -20.07
C GLY A 339 -26.96 -5.00 -19.81
N PHE A 340 -25.76 -5.01 -19.22
CA PHE A 340 -25.01 -3.79 -18.97
C PHE A 340 -24.62 -3.10 -20.27
N ALA A 341 -24.02 -3.85 -21.19
CA ALA A 341 -23.62 -3.34 -22.50
C ALA A 341 -24.80 -2.75 -23.29
N LYS A 342 -25.92 -3.48 -23.34
CA LYS A 342 -27.12 -2.99 -24.03
C LYS A 342 -27.65 -1.69 -23.44
N GLN A 343 -27.69 -1.62 -22.10
CA GLN A 343 -28.13 -0.40 -21.41
C GLN A 343 -27.12 0.71 -21.66
N ALA A 344 -25.84 0.37 -21.51
CA ALA A 344 -24.76 1.32 -21.80
C ALA A 344 -24.88 1.94 -23.18
N SER A 345 -25.36 1.17 -24.17
CA SER A 345 -25.54 1.66 -25.55
C SER A 345 -26.68 2.65 -25.68
N LYS A 346 -27.55 2.69 -24.67
CA LYS A 346 -28.68 3.59 -24.67
C LYS A 346 -28.40 4.81 -23.81
N GLY A 347 -27.17 4.92 -23.31
CA GLY A 347 -26.80 5.94 -22.34
C GLY A 347 -26.13 7.18 -22.91
N VAL A 348 -26.00 8.22 -22.09
CA VAL A 348 -25.17 9.38 -22.42
C VAL A 348 -23.96 9.44 -21.49
N PRO A 349 -22.78 9.74 -22.05
CA PRO A 349 -21.62 9.90 -21.18
C PRO A 349 -21.82 11.05 -20.20
N MET A 350 -21.45 10.84 -18.95
CA MET A 350 -21.41 11.90 -17.96
C MET A 350 -20.66 13.12 -18.50
N PRO A 351 -21.18 14.34 -18.26
CA PRO A 351 -20.46 15.51 -18.72
C PRO A 351 -19.09 15.59 -18.05
N SER A 352 -18.10 16.11 -18.76
CA SER A 352 -16.72 16.12 -18.27
C SER A 352 -16.17 17.56 -18.19
N ILE A 353 -17.03 18.55 -18.33
CA ILE A 353 -16.59 19.93 -18.20
C ILE A 353 -16.23 20.22 -16.75
N PRO A 354 -15.35 21.23 -16.50
CA PRO A 354 -14.87 21.48 -15.14
C PRO A 354 -16.00 21.72 -14.14
N GLU A 355 -17.10 22.31 -14.58
CA GLU A 355 -18.16 22.69 -13.64
C GLU A 355 -19.15 21.58 -13.31
N MET A 356 -18.86 20.36 -13.79
CA MET A 356 -19.62 19.17 -13.40
C MET A 356 -19.41 18.79 -11.93
N GLY A 357 -18.23 19.13 -11.39
CA GLY A 357 -17.89 18.80 -10.00
C GLY A 357 -18.79 19.54 -9.02
N VAL A 358 -19.20 20.72 -9.44
CA VAL A 358 -20.12 21.58 -8.71
C VAL A 358 -21.51 20.96 -8.50
N VAL A 359 -21.89 20.04 -9.39
CA VAL A 359 -23.25 19.50 -9.43
C VAL A 359 -23.59 18.51 -8.31
N TRP A 360 -22.65 17.59 -8.04
CA TRP A 360 -22.92 16.38 -7.26
C TRP A 360 -23.45 16.61 -5.83
N GLU A 361 -22.76 17.45 -5.06
CA GLU A 361 -23.15 17.73 -3.66
C GLU A 361 -24.50 18.44 -3.53
N PRO A 362 -24.69 19.59 -4.23
CA PRO A 362 -26.01 20.24 -4.25
C PRO A 362 -27.19 19.33 -4.66
N ILE A 363 -27.09 18.66 -5.81
CA ILE A 363 -28.19 17.85 -6.33
C ILE A 363 -28.48 16.65 -5.41
N ASN A 364 -27.43 16.08 -4.80
CA ASN A 364 -27.61 14.94 -3.89
C ASN A 364 -28.19 15.34 -2.53
N ASN A 365 -27.77 16.50 -2.03
CA ASN A 365 -28.46 17.14 -0.89
C ASN A 365 -29.94 17.35 -1.19
N ALA A 366 -30.23 17.92 -2.37
CA ALA A 366 -31.61 18.09 -2.88
C ALA A 366 -32.43 16.79 -2.88
N HIS A 367 -31.77 15.68 -3.18
CA HIS A 367 -32.39 14.36 -3.10
C HIS A 367 -32.72 14.00 -1.64
N THR A 368 -31.76 14.23 -0.73
CA THR A 368 -31.97 13.91 0.68
C THR A 368 -33.13 14.70 1.28
N PHE A 369 -33.17 16.02 0.99
CA PHE A 369 -34.24 16.89 1.46
C PHE A 369 -35.63 16.44 0.97
N VAL A 370 -35.75 16.06 -0.31
CA VAL A 370 -37.06 15.61 -0.81
C VAL A 370 -37.45 14.27 -0.17
N ALA A 371 -36.50 13.33 -0.17
CA ALA A 371 -36.70 11.97 0.34
C ALA A 371 -37.17 11.99 1.79
N GLN A 372 -36.72 13.00 2.51
CA GLN A 372 -36.93 13.15 3.93
C GLN A 372 -38.25 13.85 4.24
N GLY A 373 -38.85 14.46 3.21
CA GLY A 373 -40.03 15.31 3.39
C GLY A 373 -39.73 16.67 4.01
N LYS A 374 -38.47 17.13 3.89
CA LYS A 374 -38.05 18.44 4.40
C LYS A 374 -38.32 19.57 3.42
N GLN A 375 -38.12 19.30 2.14
CA GLN A 375 -38.36 20.29 1.09
C GLN A 375 -39.02 19.65 -0.10
N THR A 376 -39.81 20.44 -0.82
CA THR A 376 -40.50 19.99 -2.04
C THR A 376 -39.49 19.82 -3.17
N PRO A 377 -39.85 19.03 -4.21
CA PRO A 377 -39.00 18.90 -5.40
C PRO A 377 -38.65 20.23 -6.05
N GLU A 378 -39.59 21.17 -6.10
CA GLU A 378 -39.35 22.49 -6.68
C GLU A 378 -38.35 23.33 -5.89
N GLN A 379 -38.56 23.43 -4.57
CA GLN A 379 -37.67 24.21 -3.73
C GLN A 379 -36.30 23.54 -3.56
N ALA A 380 -36.29 22.22 -3.46
CA ALA A 380 -35.02 21.52 -3.35
C ALA A 380 -34.16 21.77 -4.59
N LEU A 381 -34.77 21.75 -5.76
CA LEU A 381 -34.07 21.95 -7.02
C LEU A 381 -33.59 23.37 -7.23
N ASN A 382 -34.43 24.35 -6.91
CA ASN A 382 -34.10 25.77 -7.02
C ASN A 382 -32.96 26.15 -6.10
N ASP A 383 -32.99 25.63 -4.87
CA ASP A 383 -31.89 25.79 -3.91
C ASP A 383 -30.61 25.19 -4.47
N ALA A 384 -30.72 23.99 -5.04
CA ALA A 384 -29.57 23.26 -5.54
C ALA A 384 -28.80 24.03 -6.61
N VAL A 385 -29.52 24.58 -7.58
CA VAL A 385 -28.88 25.21 -8.73
C VAL A 385 -28.29 26.57 -8.39
N LYS A 386 -28.93 27.29 -7.46
CA LYS A 386 -28.43 28.56 -6.95
C LYS A 386 -27.07 28.34 -6.29
N ILE A 387 -26.95 27.24 -5.56
CA ILE A 387 -25.71 26.84 -4.93
C ILE A 387 -24.66 26.44 -5.99
N MET A 388 -25.13 25.70 -7.01
CA MET A 388 -24.29 25.32 -8.15
C MET A 388 -23.71 26.54 -8.88
N LYS A 389 -24.56 27.53 -9.16
CA LYS A 389 -24.16 28.73 -9.88
C LYS A 389 -23.19 29.56 -9.06
N GLU A 390 -23.48 29.70 -7.76
CA GLU A 390 -22.57 30.33 -6.80
C GLU A 390 -21.16 29.72 -6.83
N LYS A 391 -21.07 28.38 -6.93
CA LYS A 391 -19.80 27.68 -6.89
C LYS A 391 -18.99 27.83 -8.19
N ILE A 392 -19.69 28.02 -9.30
CA ILE A 392 -19.02 28.26 -10.59
C ILE A 392 -18.05 29.43 -10.45
N GLN A 393 -18.39 30.36 -9.56
CA GLN A 393 -17.58 31.55 -9.26
C GLN A 393 -16.34 31.29 -8.41
N THR A 394 -16.48 30.43 -7.41
CA THR A 394 -15.37 30.03 -6.56
C THR A 394 -14.26 29.39 -7.39
N MET A 395 -14.66 28.62 -8.40
CA MET A 395 -13.73 28.09 -9.41
C MET A 395 -12.98 29.22 -10.14
N LYS A 396 -13.74 30.22 -10.62
CA LYS A 396 -13.17 31.38 -11.31
C LYS A 396 -12.36 32.29 -10.38
N GLN A 397 -11.91 33.43 -10.93
CA GLN A 397 -11.17 34.48 -10.22
C GLN A 397 -9.75 34.06 -9.82
N LYS B 17 34.41 -43.57 -4.59
CA LYS B 17 33.36 -42.73 -5.24
C LYS B 17 31.99 -43.41 -5.20
N PRO B 18 31.07 -42.90 -4.37
CA PRO B 18 29.72 -43.47 -4.25
C PRO B 18 28.65 -42.85 -5.16
N ASP B 19 28.50 -43.41 -6.37
CA ASP B 19 27.40 -43.05 -7.26
C ASP B 19 26.16 -43.85 -6.89
N LYS B 20 25.00 -43.18 -6.93
CA LYS B 20 23.72 -43.79 -6.56
C LYS B 20 22.56 -42.98 -7.10
N LEU B 21 21.55 -43.67 -7.63
CA LEU B 21 20.27 -43.05 -7.98
C LEU B 21 19.23 -43.36 -6.91
N VAL B 22 18.45 -42.35 -6.52
CA VAL B 22 17.43 -42.48 -5.47
C VAL B 22 16.01 -42.31 -6.03
N VAL B 23 15.19 -43.33 -5.83
CA VAL B 23 13.82 -43.35 -6.35
C VAL B 23 12.80 -43.42 -5.21
N TRP B 24 11.77 -42.57 -5.30
CA TRP B 24 10.67 -42.59 -4.35
C TRP B 24 9.40 -43.20 -4.96
N GLU B 25 9.11 -44.44 -4.56
CA GLU B 25 7.88 -45.12 -4.97
C GLU B 25 6.88 -45.04 -3.83
N ASN B 26 5.60 -44.94 -4.18
CA ASN B 26 4.53 -45.02 -3.18
C ASN B 26 4.76 -46.11 -2.11
N ALA B 27 4.51 -45.76 -0.85
CA ALA B 27 4.74 -46.65 0.27
C ALA B 27 3.57 -47.61 0.55
N ASP B 28 3.23 -48.47 -0.40
CA ASP B 28 2.10 -49.39 -0.23
C ASP B 28 2.44 -50.66 0.56
N ASP B 29 3.68 -50.78 1.02
CA ASP B 29 4.15 -51.94 1.81
C ASP B 29 3.83 -53.25 1.07
N GLY B 30 3.90 -53.19 -0.26
CA GLY B 30 3.59 -54.35 -1.08
C GLY B 30 3.87 -54.14 -2.54
N VAL B 31 2.83 -54.29 -3.34
CA VAL B 31 2.92 -54.48 -4.78
C VAL B 31 3.58 -53.37 -5.59
N GLN B 32 3.20 -52.11 -5.36
CA GLN B 32 3.75 -51.00 -6.14
C GLN B 32 5.19 -50.76 -5.76
N LEU B 33 5.45 -50.77 -4.45
CA LEU B 33 6.81 -50.65 -3.91
C LEU B 33 7.71 -51.77 -4.42
N ASN B 34 7.18 -52.99 -4.41
CA ASN B 34 7.91 -54.18 -4.88
C ASN B 34 8.27 -54.14 -6.38
N ASN B 35 7.32 -53.76 -7.22
CA ASN B 35 7.51 -53.73 -8.67
C ASN B 35 8.65 -52.80 -9.10
N THR B 36 8.72 -51.63 -8.47
CA THR B 36 9.73 -50.61 -8.77
C THR B 36 11.13 -51.04 -8.34
N LYS B 37 11.23 -51.74 -7.22
CA LYS B 37 12.49 -52.33 -6.77
C LYS B 37 12.94 -53.39 -7.77
N LYS B 38 12.01 -54.27 -8.15
CA LYS B 38 12.26 -55.33 -9.13
C LYS B 38 12.95 -54.78 -10.38
N TRP B 39 12.39 -53.68 -10.91
CA TRP B 39 12.88 -53.10 -12.15
C TRP B 39 14.02 -52.11 -11.96
N ALA B 40 14.15 -51.58 -10.74
CA ALA B 40 15.28 -50.74 -10.37
C ALA B 40 16.54 -51.59 -10.36
N GLY B 41 16.48 -52.70 -9.63
CA GLY B 41 17.59 -53.66 -9.56
C GLY B 41 17.91 -54.30 -10.89
N GLU B 42 16.88 -54.50 -11.71
CA GLU B 42 17.03 -55.04 -13.06
C GLU B 42 17.74 -54.01 -13.95
N PHE B 43 17.64 -52.73 -13.56
CA PHE B 43 18.41 -51.64 -14.13
C PHE B 43 19.80 -51.60 -13.51
N THR B 44 19.87 -51.70 -12.18
CA THR B 44 21.14 -51.70 -11.43
C THR B 44 22.11 -52.77 -11.89
N LYS B 45 21.59 -53.97 -12.17
CA LYS B 45 22.40 -55.06 -12.70
C LYS B 45 22.92 -54.74 -14.10
N LYS B 46 22.09 -54.06 -14.90
CA LYS B 46 22.42 -53.70 -16.29
C LYS B 46 23.40 -52.53 -16.43
N THR B 47 23.60 -51.75 -15.36
CA THR B 47 24.42 -50.54 -15.47
C THR B 47 25.56 -50.44 -14.45
N GLY B 48 25.33 -50.98 -13.25
CA GLY B 48 26.30 -50.84 -12.16
C GLY B 48 26.00 -49.60 -11.33
N ILE B 49 25.33 -48.64 -11.96
CA ILE B 49 24.72 -47.50 -11.28
C ILE B 49 23.70 -48.07 -10.31
N GLN B 50 23.94 -47.86 -9.01
CA GLN B 50 23.05 -48.32 -7.96
C GLN B 50 21.74 -47.53 -7.98
N VAL B 51 20.66 -48.16 -7.51
CA VAL B 51 19.37 -47.49 -7.31
C VAL B 51 18.80 -47.89 -5.95
N GLU B 52 18.43 -46.89 -5.15
CA GLU B 52 17.82 -47.11 -3.83
C GLU B 52 16.34 -46.63 -3.81
N VAL B 53 15.42 -47.59 -3.90
CA VAL B 53 13.97 -47.30 -3.90
C VAL B 53 13.46 -47.10 -2.48
N VAL B 54 12.88 -45.92 -2.24
CA VAL B 54 12.46 -45.54 -0.90
C VAL B 54 10.93 -45.40 -0.85
N PRO B 55 10.27 -46.11 0.08
CA PRO B 55 8.83 -45.91 0.22
C PRO B 55 8.47 -44.58 0.88
N VAL B 56 7.83 -43.72 0.09
CA VAL B 56 7.24 -42.48 0.60
C VAL B 56 5.83 -42.40 0.03
N ALA B 57 4.85 -42.17 0.90
CA ALA B 57 3.46 -42.01 0.47
C ALA B 57 3.36 -41.08 -0.74
N LEU B 58 2.52 -41.46 -1.69
CA LEU B 58 2.33 -40.72 -2.94
C LEU B 58 1.98 -39.25 -2.72
N LEU B 59 0.98 -39.01 -1.86
CA LEU B 59 0.49 -37.65 -1.62
C LEU B 59 1.34 -36.87 -0.60
N LYS B 60 2.44 -37.47 -0.16
CA LYS B 60 3.33 -36.79 0.75
C LYS B 60 4.70 -36.49 0.14
N GLN B 61 4.95 -37.06 -1.04
CA GLN B 61 6.25 -36.93 -1.70
C GLN B 61 6.63 -35.49 -2.05
N GLN B 62 5.64 -34.68 -2.41
CA GLN B 62 5.88 -33.30 -2.85
C GLN B 62 6.45 -32.44 -1.72
N GLU B 63 5.79 -32.46 -0.56
CA GLU B 63 6.21 -31.71 0.61
C GLU B 63 7.60 -32.17 1.08
N LYS B 64 7.91 -33.44 0.83
CA LYS B 64 9.20 -34.00 1.22
C LYS B 64 10.33 -33.57 0.27
N LEU B 65 10.05 -33.52 -1.03
CA LEU B 65 11.03 -33.04 -2.02
C LEU B 65 11.30 -31.54 -1.90
N THR B 66 10.28 -30.77 -1.56
CA THR B 66 10.40 -29.32 -1.33
C THR B 66 11.43 -29.02 -0.24
N LEU B 67 11.56 -29.96 0.69
CA LEU B 67 12.44 -29.82 1.83
C LEU B 67 13.85 -30.34 1.53
N ASP B 68 13.94 -31.58 1.05
CA ASP B 68 15.22 -32.28 0.88
C ASP B 68 15.88 -32.06 -0.49
N GLY B 69 15.06 -31.84 -1.51
CA GLY B 69 15.52 -31.60 -2.88
C GLY B 69 16.60 -30.52 -3.00
N PRO B 70 16.28 -29.28 -2.60
CA PRO B 70 17.31 -28.24 -2.56
C PRO B 70 18.35 -28.49 -1.46
N ALA B 71 18.03 -29.35 -0.48
CA ALA B 71 18.97 -29.67 0.60
C ALA B 71 20.00 -30.74 0.21
N GLY B 72 19.83 -31.36 -0.95
CA GLY B 72 20.76 -32.40 -1.41
C GLY B 72 20.42 -33.79 -0.92
N LYS B 73 19.66 -33.89 0.18
CA LYS B 73 19.17 -35.17 0.70
C LYS B 73 17.94 -35.65 -0.08
N GLY B 74 17.82 -35.21 -1.33
CA GLY B 74 16.60 -35.36 -2.11
C GLY B 74 16.39 -36.72 -2.72
N ALA B 75 16.12 -36.74 -4.03
CA ALA B 75 15.89 -37.95 -4.82
C ALA B 75 15.75 -37.57 -6.28
N ASP B 76 16.22 -38.42 -7.18
CA ASP B 76 16.27 -38.06 -8.60
C ASP B 76 14.94 -38.29 -9.29
N LEU B 77 14.28 -39.39 -8.94
CA LEU B 77 12.96 -39.72 -9.44
C LEU B 77 11.94 -39.76 -8.30
N VAL B 78 10.86 -38.99 -8.48
CA VAL B 78 9.74 -38.96 -7.53
C VAL B 78 8.46 -39.27 -8.31
N THR B 79 7.36 -39.45 -7.60
CA THR B 79 6.06 -39.71 -8.24
C THR B 79 4.87 -39.17 -7.45
N TRP B 80 3.93 -38.59 -8.20
CA TRP B 80 2.62 -38.19 -7.67
C TRP B 80 1.71 -37.83 -8.85
N PRO B 81 0.37 -37.81 -8.63
CA PRO B 81 -0.58 -37.46 -9.67
C PRO B 81 -0.41 -36.05 -10.27
N HIS B 82 -0.81 -35.89 -11.52
CA HIS B 82 -0.45 -34.75 -12.35
C HIS B 82 -1.05 -33.39 -11.96
N ASP B 83 -2.11 -33.39 -11.15
CA ASP B 83 -2.81 -32.16 -10.78
C ASP B 83 -1.88 -31.18 -10.05
N ARG B 84 -0.84 -31.72 -9.44
CA ARG B 84 0.12 -30.89 -8.74
C ARG B 84 1.39 -30.57 -9.55
N LEU B 85 1.36 -30.86 -10.86
CA LEU B 85 2.42 -30.44 -11.79
C LEU B 85 2.12 -29.08 -12.37
N GLY B 86 2.75 -28.06 -11.82
CA GLY B 86 2.39 -26.68 -12.12
C GLY B 86 2.87 -25.98 -10.89
N GLU B 87 2.23 -26.31 -9.76
CA GLU B 87 2.74 -25.99 -8.45
C GLU B 87 4.18 -26.50 -8.28
N ALA B 88 4.43 -27.74 -8.70
CA ALA B 88 5.78 -28.32 -8.62
C ALA B 88 6.79 -27.58 -9.50
N VAL B 89 6.41 -27.34 -10.75
CA VAL B 89 7.23 -26.64 -11.71
C VAL B 89 7.47 -25.19 -11.29
N THR B 90 6.40 -24.53 -10.85
CA THR B 90 6.42 -23.11 -10.46
C THR B 90 7.22 -22.91 -9.18
N LYS B 91 7.19 -23.90 -8.28
CA LYS B 91 8.02 -23.90 -7.09
C LYS B 91 9.42 -24.44 -7.39
N GLY B 92 9.67 -24.74 -8.67
CA GLY B 92 10.98 -25.18 -9.13
C GLY B 92 11.49 -26.54 -8.68
N LEU B 93 10.57 -27.46 -8.35
CA LEU B 93 10.94 -28.78 -7.84
C LEU B 93 11.32 -29.76 -8.95
N LEU B 94 10.91 -29.46 -10.17
CA LEU B 94 11.02 -30.40 -11.27
C LEU B 94 11.65 -29.74 -12.49
N GLN B 95 12.49 -30.49 -13.20
CA GLN B 95 13.07 -30.02 -14.46
C GLN B 95 12.50 -30.84 -15.62
N PRO B 96 12.38 -30.22 -16.80
CA PRO B 96 11.89 -31.00 -17.96
C PRO B 96 12.80 -32.18 -18.30
N ILE B 97 12.36 -33.02 -19.23
CA ILE B 97 13.13 -34.17 -19.66
C ILE B 97 13.22 -34.24 -21.19
N GLN B 98 14.35 -34.71 -21.69
CA GLN B 98 14.56 -34.87 -23.13
C GLN B 98 14.60 -36.35 -23.49
N VAL B 99 13.57 -36.77 -24.21
CA VAL B 99 13.47 -38.14 -24.70
C VAL B 99 13.06 -38.10 -26.16
N ASP B 100 13.49 -39.09 -26.92
CA ASP B 100 13.35 -39.07 -28.37
C ASP B 100 11.89 -39.06 -28.84
N ASN B 101 11.68 -38.63 -30.09
CA ASN B 101 10.37 -38.76 -30.74
C ASN B 101 9.86 -40.20 -30.66
N SER B 102 10.80 -41.15 -30.66
CA SER B 102 10.49 -42.58 -30.54
C SER B 102 9.97 -42.94 -29.15
N VAL B 103 10.67 -42.46 -28.12
CA VAL B 103 10.25 -42.66 -26.73
C VAL B 103 8.93 -41.94 -26.39
N LYS B 104 8.79 -40.72 -26.87
CA LYS B 104 7.56 -39.93 -26.70
C LYS B 104 6.34 -40.69 -27.23
N ASN B 105 6.41 -41.12 -28.49
CA ASN B 105 5.33 -41.84 -29.17
C ASN B 105 4.94 -43.18 -28.52
N GLN B 106 5.74 -43.64 -27.56
CA GLN B 106 5.47 -44.88 -26.84
C GLN B 106 4.38 -44.71 -25.77
N PHE B 107 3.83 -43.50 -25.62
CA PHE B 107 2.83 -43.20 -24.59
C PHE B 107 1.60 -42.45 -25.10
N ASP B 108 0.49 -42.61 -24.38
CA ASP B 108 -0.81 -42.03 -24.72
C ASP B 108 -0.78 -40.50 -24.79
N ASP B 109 -1.62 -39.95 -25.67
CA ASP B 109 -1.71 -38.50 -25.86
C ASP B 109 -2.17 -37.77 -24.59
N VAL B 110 -3.26 -38.24 -24.01
CA VAL B 110 -3.83 -37.67 -22.79
C VAL B 110 -2.80 -37.68 -21.66
N ALA B 111 -2.10 -38.80 -21.51
CA ALA B 111 -1.12 -38.97 -20.43
C ALA B 111 0.07 -38.03 -20.56
N MET B 112 0.58 -37.88 -21.80
CA MET B 112 1.71 -37.01 -22.07
C MET B 112 1.36 -35.53 -21.94
N LYS B 113 0.16 -35.15 -22.38
CA LYS B 113 -0.31 -33.77 -22.24
C LYS B 113 -0.48 -33.41 -20.76
N ALA B 114 -0.93 -34.39 -19.98
CA ALA B 114 -1.08 -34.23 -18.53
C ALA B 114 0.27 -34.00 -17.82
N LEU B 115 1.34 -34.51 -18.39
CA LEU B 115 2.68 -34.38 -17.81
C LEU B 115 3.44 -33.21 -18.42
N THR B 116 2.77 -32.51 -19.33
CA THR B 116 3.28 -31.36 -20.04
C THR B 116 2.73 -30.09 -19.40
N TYR B 117 3.62 -29.24 -18.91
CA TYR B 117 3.22 -27.94 -18.37
C TYR B 117 3.95 -26.83 -19.09
N GLY B 118 3.18 -25.97 -19.77
CA GLY B 118 3.72 -24.84 -20.52
C GLY B 118 4.58 -25.22 -21.71
N GLY B 119 4.15 -26.22 -22.47
CA GLY B 119 4.88 -26.66 -23.66
C GLY B 119 6.03 -27.62 -23.42
N LYS B 120 6.44 -27.78 -22.16
CA LYS B 120 7.52 -28.68 -21.77
C LYS B 120 6.97 -29.98 -21.18
N LEU B 121 7.71 -31.07 -21.36
CA LEU B 121 7.34 -32.38 -20.83
C LEU B 121 8.12 -32.67 -19.56
N TYR B 122 7.43 -33.09 -18.50
CA TYR B 122 8.05 -33.22 -17.17
C TYR B 122 8.17 -34.64 -16.63
N GLY B 123 7.82 -35.63 -17.42
CA GLY B 123 7.98 -37.00 -16.96
C GLY B 123 7.30 -38.04 -17.81
N LEU B 124 7.53 -39.30 -17.46
CA LEU B 124 6.97 -40.41 -18.21
C LEU B 124 5.93 -41.16 -17.35
N PRO B 125 4.76 -41.48 -17.95
CA PRO B 125 3.63 -41.98 -17.18
C PRO B 125 3.75 -43.44 -16.77
N LYS B 126 3.33 -43.71 -15.53
CA LYS B 126 3.23 -45.06 -15.03
C LYS B 126 1.79 -45.55 -15.12
N ALA B 127 0.85 -44.65 -14.84
CA ALA B 127 -0.56 -45.02 -14.71
C ALA B 127 -1.51 -43.92 -15.16
N ILE B 128 -2.62 -44.34 -15.76
CA ILE B 128 -3.74 -43.48 -16.11
C ILE B 128 -4.99 -44.07 -15.45
N GLU B 129 -5.80 -43.21 -14.82
CA GLU B 129 -6.82 -43.69 -13.89
C GLU B 129 -8.06 -42.80 -13.77
N SER B 130 -9.21 -43.45 -13.62
CA SER B 130 -10.44 -42.81 -13.20
C SER B 130 -11.11 -43.74 -12.19
N VAL B 131 -11.85 -43.18 -11.25
CA VAL B 131 -12.69 -44.01 -10.38
C VAL B 131 -13.80 -44.64 -11.20
N ALA B 132 -14.34 -45.75 -10.70
CA ALA B 132 -15.49 -46.40 -11.30
C ALA B 132 -16.28 -47.18 -10.26
N LEU B 133 -17.35 -47.86 -10.68
CA LEU B 133 -18.13 -48.69 -9.75
C LEU B 133 -17.51 -50.09 -9.61
N ILE B 134 -16.83 -50.31 -8.49
CA ILE B 134 -16.34 -51.66 -8.16
C ILE B 134 -17.34 -52.31 -7.23
N TYR B 135 -17.69 -53.56 -7.54
CA TYR B 135 -18.70 -54.25 -6.75
C TYR B 135 -18.36 -55.69 -6.40
N ASN B 136 -18.87 -56.12 -5.24
CA ASN B 136 -18.76 -57.49 -4.78
C ASN B 136 -19.84 -58.36 -5.42
N LYS B 137 -19.42 -59.21 -6.35
CA LYS B 137 -20.32 -60.00 -7.19
C LYS B 137 -21.21 -60.98 -6.45
N LYS B 138 -20.86 -61.35 -5.22
CA LYS B 138 -21.78 -62.19 -4.44
C LYS B 138 -22.75 -61.38 -3.58
N LEU B 139 -22.63 -60.07 -3.66
CA LEU B 139 -23.60 -59.15 -3.04
C LEU B 139 -24.44 -58.40 -4.08
N MET B 140 -23.85 -58.14 -5.25
CA MET B 140 -24.52 -57.38 -6.32
C MET B 140 -24.52 -58.14 -7.64
N GLY B 141 -25.72 -58.49 -8.10
CA GLY B 141 -25.94 -59.15 -9.37
C GLY B 141 -25.47 -58.34 -10.56
N GLN B 142 -26.35 -57.48 -11.07
CA GLN B 142 -26.01 -56.60 -12.19
C GLN B 142 -26.02 -55.17 -11.67
N VAL B 143 -25.30 -54.30 -12.37
CA VAL B 143 -25.10 -52.92 -11.95
C VAL B 143 -26.35 -52.09 -12.15
N PRO B 144 -26.73 -51.28 -11.13
CA PRO B 144 -27.82 -50.32 -11.26
C PRO B 144 -27.66 -49.45 -12.50
N ALA B 145 -28.73 -49.39 -13.29
CA ALA B 145 -28.69 -48.74 -14.61
C ALA B 145 -28.46 -47.23 -14.57
N THR B 146 -28.98 -46.56 -13.54
CA THR B 146 -28.84 -45.10 -13.40
C THR B 146 -28.26 -44.69 -12.04
N TYR B 147 -27.87 -43.42 -11.93
CA TYR B 147 -27.48 -42.83 -10.65
C TYR B 147 -28.62 -42.91 -9.65
N ASP B 148 -29.85 -42.73 -10.13
CA ASP B 148 -31.03 -42.72 -9.27
C ASP B 148 -31.30 -44.07 -8.62
N GLU B 149 -31.12 -45.14 -9.40
CA GLU B 149 -31.22 -46.51 -8.90
C GLU B 149 -30.06 -46.79 -7.95
N LEU B 150 -28.86 -46.35 -8.34
CA LEU B 150 -27.68 -46.47 -7.49
C LEU B 150 -27.92 -45.79 -6.15
N PHE B 151 -28.56 -44.62 -6.20
CA PHE B 151 -28.84 -43.86 -4.98
C PHE B 151 -29.91 -44.50 -4.10
N GLN B 152 -30.97 -44.99 -4.74
CA GLN B 152 -32.06 -45.66 -4.01
C GLN B 152 -31.58 -46.96 -3.38
N TYR B 153 -30.73 -47.69 -4.10
CA TYR B 153 -30.09 -48.90 -3.58
C TYR B 153 -29.27 -48.58 -2.32
N ALA B 154 -28.53 -47.47 -2.35
CA ALA B 154 -27.76 -47.02 -1.18
C ALA B 154 -28.66 -46.67 0.01
N LYS B 155 -29.75 -45.96 -0.26
CA LYS B 155 -30.73 -45.59 0.77
C LYS B 155 -31.43 -46.81 1.39
N ALA B 156 -31.72 -47.83 0.57
CA ALA B 156 -32.31 -49.07 1.07
C ALA B 156 -31.32 -49.99 1.84
N ASN B 157 -30.02 -49.84 1.57
CA ASN B 157 -29.05 -50.83 2.07
C ASN B 157 -27.91 -50.37 2.96
N ASN B 158 -27.64 -49.06 2.99
CA ASN B 158 -26.62 -48.55 3.89
C ASN B 158 -27.11 -48.61 5.35
N LYS B 159 -26.51 -49.50 6.12
CA LYS B 159 -26.90 -49.71 7.51
C LYS B 159 -25.67 -49.62 8.42
N PRO B 160 -25.23 -48.37 8.73
CA PRO B 160 -24.00 -48.10 9.49
C PRO B 160 -23.86 -48.87 10.80
N ASP B 161 -24.93 -48.92 11.59
CA ASP B 161 -24.93 -49.60 12.88
C ASP B 161 -24.49 -51.06 12.76
N GLU B 162 -24.76 -51.68 11.61
CA GLU B 162 -24.39 -53.09 11.37
C GLU B 162 -23.10 -53.20 10.57
N GLN B 163 -22.55 -52.06 10.15
CA GLN B 163 -21.33 -52.00 9.35
C GLN B 163 -21.53 -52.67 7.98
N LYS B 164 -22.77 -52.64 7.48
CA LYS B 164 -23.09 -53.18 6.15
C LYS B 164 -23.65 -52.07 5.28
N TYR B 165 -23.12 -51.95 4.06
CA TYR B 165 -23.57 -50.91 3.13
C TYR B 165 -23.88 -51.52 1.77
N GLY B 166 -24.81 -50.88 1.05
CA GLY B 166 -25.00 -51.18 -0.36
C GLY B 166 -23.99 -50.39 -1.20
N VAL B 167 -23.83 -49.11 -0.87
CA VAL B 167 -22.90 -48.23 -1.57
C VAL B 167 -22.11 -47.36 -0.59
N LEU B 168 -20.79 -47.49 -0.63
CA LEU B 168 -19.91 -46.67 0.20
C LEU B 168 -18.78 -46.05 -0.62
N PHE B 169 -18.61 -44.73 -0.50
CA PHE B 169 -17.45 -44.06 -1.10
C PHE B 169 -17.03 -42.81 -0.33
N GLU B 170 -15.92 -42.22 -0.71
CA GLU B 170 -15.38 -41.05 -0.02
C GLU B 170 -16.15 -39.79 -0.43
N ALA B 171 -17.39 -39.69 0.01
CA ALA B 171 -18.27 -38.61 -0.41
C ALA B 171 -17.92 -37.28 0.27
N ASN B 172 -16.87 -37.30 1.08
CA ASN B 172 -16.31 -36.09 1.67
C ASN B 172 -14.99 -35.72 0.99
N ASN B 173 -14.69 -36.40 -0.12
CA ASN B 173 -13.47 -36.15 -0.89
C ASN B 173 -13.83 -35.70 -2.30
N PHE B 174 -13.57 -34.42 -2.58
CA PHE B 174 -13.92 -33.81 -3.85
C PHE B 174 -13.43 -34.56 -5.09
N TYR B 175 -12.33 -35.30 -4.93
CA TYR B 175 -11.79 -36.10 -6.02
C TYR B 175 -12.81 -37.13 -6.47
N TYR B 176 -13.48 -37.75 -5.49
CA TYR B 176 -14.51 -38.75 -5.76
C TYR B 176 -15.87 -38.12 -6.18
N THR B 177 -16.27 -37.03 -5.51
CA THR B 177 -17.58 -36.40 -5.76
C THR B 177 -17.66 -35.47 -6.99
N TYR B 178 -16.54 -35.29 -7.70
CA TYR B 178 -16.49 -34.40 -8.87
C TYR B 178 -17.58 -34.64 -9.93
N PHE B 179 -17.86 -35.91 -10.22
CA PHE B 179 -18.83 -36.25 -11.25
C PHE B 179 -20.24 -35.67 -10.93
N LEU B 180 -20.54 -35.55 -9.64
CA LEU B 180 -21.78 -34.91 -9.18
C LEU B 180 -21.75 -33.42 -9.49
N PHE B 181 -20.58 -32.80 -9.40
CA PHE B 181 -20.45 -31.38 -9.69
C PHE B 181 -20.52 -31.14 -11.18
N ALA B 182 -19.79 -31.94 -11.95
CA ALA B 182 -19.79 -31.82 -13.42
C ALA B 182 -21.16 -32.11 -14.02
N ALA B 183 -21.90 -33.06 -13.42
CA ALA B 183 -23.27 -33.33 -13.87
C ALA B 183 -24.11 -32.05 -13.95
N LYS B 184 -23.94 -31.17 -12.96
CA LYS B 184 -24.68 -29.91 -12.90
C LYS B 184 -24.11 -28.77 -13.75
N GLY B 185 -22.90 -28.97 -14.28
CA GLY B 185 -22.22 -27.96 -15.08
C GLY B 185 -21.12 -27.26 -14.31
N ALA B 186 -20.93 -27.65 -13.06
CA ALA B 186 -19.91 -27.06 -12.19
C ALA B 186 -18.48 -27.39 -12.65
N ALA B 187 -17.63 -26.39 -12.58
CA ALA B 187 -16.23 -26.51 -12.97
C ALA B 187 -15.33 -25.96 -11.86
N VAL B 188 -14.07 -26.38 -11.85
CA VAL B 188 -13.10 -25.81 -10.91
C VAL B 188 -12.63 -24.43 -11.39
N PHE B 189 -12.27 -24.34 -12.66
CA PHE B 189 -11.88 -23.11 -13.33
C PHE B 189 -12.67 -22.95 -14.62
N LYS B 190 -13.23 -21.76 -14.84
CA LYS B 190 -13.92 -21.46 -16.10
C LYS B 190 -13.00 -21.73 -17.29
N GLU B 191 -13.59 -22.25 -18.35
CA GLU B 191 -12.81 -22.66 -19.49
C GLU B 191 -12.72 -21.54 -20.52
N GLN B 192 -11.54 -21.41 -21.14
CA GLN B 192 -11.31 -20.46 -22.22
C GLN B 192 -10.15 -20.93 -23.11
N ASP B 193 -9.27 -21.76 -22.54
CA ASP B 193 -8.15 -22.36 -23.26
C ASP B 193 -8.25 -23.89 -23.24
N GLY B 194 -8.32 -24.44 -22.02
CA GLY B 194 -8.43 -25.89 -21.78
C GLY B 194 -9.10 -26.11 -20.42
N THR B 195 -8.46 -25.56 -19.39
CA THR B 195 -9.05 -25.35 -18.05
C THR B 195 -8.24 -24.25 -17.35
N LEU B 196 -7.64 -23.38 -18.16
CA LEU B 196 -6.57 -22.51 -17.67
C LEU B 196 -7.00 -21.05 -17.43
N ASP B 197 -7.92 -20.86 -16.49
CA ASP B 197 -8.30 -19.50 -16.08
C ASP B 197 -8.33 -19.34 -14.55
N PRO B 198 -7.15 -19.02 -13.96
CA PRO B 198 -6.85 -19.01 -12.51
C PRO B 198 -7.84 -18.28 -11.58
N ASN B 199 -8.15 -17.01 -11.88
CA ASN B 199 -8.95 -16.20 -10.96
C ASN B 199 -10.46 -16.21 -11.24
N GLU B 200 -10.92 -17.25 -11.92
CA GLU B 200 -12.35 -17.56 -12.06
C GLU B 200 -12.61 -18.99 -11.60
N ILE B 201 -12.70 -19.14 -10.28
CA ILE B 201 -13.03 -20.41 -9.66
C ILE B 201 -14.56 -20.56 -9.71
N GLY B 202 -15.05 -21.75 -10.04
CA GLY B 202 -16.48 -21.97 -10.22
C GLY B 202 -17.14 -22.84 -9.18
N LEU B 203 -16.46 -23.01 -8.04
CA LEU B 203 -16.88 -23.93 -6.98
C LEU B 203 -17.82 -23.33 -5.93
N ASN B 204 -18.36 -22.14 -6.21
CA ASN B 204 -19.47 -21.59 -5.41
C ASN B 204 -20.62 -21.06 -6.28
N SER B 205 -20.58 -21.40 -7.57
CA SER B 205 -21.63 -21.03 -8.53
C SER B 205 -22.95 -21.74 -8.20
N PRO B 206 -24.08 -21.25 -8.72
CA PRO B 206 -25.37 -21.96 -8.50
C PRO B 206 -25.33 -23.43 -8.92
N GLU B 207 -24.55 -23.74 -9.97
CA GLU B 207 -24.33 -25.12 -10.42
C GLU B 207 -23.56 -25.93 -9.38
N ALA B 208 -22.54 -25.32 -8.79
CA ALA B 208 -21.72 -25.99 -7.78
C ALA B 208 -22.54 -26.33 -6.53
N VAL B 209 -23.42 -25.41 -6.15
CA VAL B 209 -24.33 -25.62 -5.02
C VAL B 209 -25.26 -26.82 -5.27
N GLN B 210 -25.73 -26.94 -6.51
CA GLN B 210 -26.54 -28.11 -6.85
C GLN B 210 -25.73 -29.38 -6.63
N GLY B 211 -24.48 -29.39 -7.08
CA GLY B 211 -23.59 -30.53 -6.84
C GLY B 211 -23.45 -30.92 -5.37
N MET B 212 -23.21 -29.92 -4.51
CA MET B 212 -23.05 -30.15 -3.08
C MET B 212 -24.34 -30.62 -2.42
N ASN B 213 -25.48 -30.19 -2.96
CA ASN B 213 -26.79 -30.70 -2.54
C ASN B 213 -26.80 -32.22 -2.71
N GLU B 214 -26.24 -32.69 -3.82
CA GLU B 214 -26.20 -34.11 -4.11
C GLU B 214 -25.32 -34.83 -3.11
N VAL B 215 -24.08 -34.38 -3.00
CA VAL B 215 -23.14 -34.88 -2.01
C VAL B 215 -23.81 -35.02 -0.65
N GLN B 216 -24.52 -33.97 -0.24
CA GLN B 216 -25.22 -33.94 1.05
C GLN B 216 -26.18 -35.12 1.27
N LYS B 217 -26.91 -35.49 0.23
CA LYS B 217 -27.89 -36.56 0.34
C LYS B 217 -27.23 -37.84 0.81
N TRP B 218 -26.02 -38.11 0.30
CA TRP B 218 -25.23 -39.30 0.70
C TRP B 218 -25.05 -39.39 2.21
N PHE B 219 -24.98 -38.23 2.86
CA PHE B 219 -24.89 -38.18 4.32
C PHE B 219 -26.26 -38.08 4.96
N THR B 220 -27.18 -37.43 4.26
CA THR B 220 -28.55 -37.24 4.74
C THR B 220 -29.35 -38.55 4.66
N GLU B 221 -29.52 -39.05 3.44
CA GLU B 221 -30.42 -40.15 3.15
C GLU B 221 -29.75 -41.51 3.11
N ALA B 222 -28.56 -41.58 2.52
CA ALA B 222 -27.80 -42.85 2.43
C ALA B 222 -26.84 -43.03 3.63
N ARG B 223 -26.93 -42.09 4.57
CA ARG B 223 -26.31 -42.16 5.90
C ARG B 223 -24.84 -42.61 6.00
N LEU B 224 -23.98 -42.02 5.17
CA LEU B 224 -22.56 -42.32 5.21
C LEU B 224 -21.89 -41.73 6.44
N PRO B 225 -20.91 -42.44 7.03
CA PRO B 225 -20.22 -41.94 8.22
C PRO B 225 -19.56 -40.59 8.00
N GLN B 226 -19.27 -39.89 9.09
CA GLN B 226 -18.86 -38.49 9.05
C GLN B 226 -17.42 -38.31 8.60
N SER B 227 -16.51 -38.99 9.30
CA SER B 227 -15.09 -38.87 9.06
C SER B 227 -14.56 -40.05 8.24
N LEU B 228 -15.05 -40.17 7.00
CA LEU B 228 -14.59 -41.24 6.09
C LEU B 228 -13.18 -40.99 5.58
N LYS B 229 -12.38 -42.04 5.55
CA LYS B 229 -11.13 -42.03 4.82
C LYS B 229 -11.09 -43.26 3.91
N ALA B 230 -10.06 -43.36 3.09
CA ALA B 230 -9.91 -44.48 2.15
C ALA B 230 -9.84 -45.83 2.86
N ASP B 231 -9.15 -45.87 4.00
CA ASP B 231 -9.00 -47.13 4.75
C ASP B 231 -10.31 -47.73 5.29
N THR B 232 -11.25 -46.86 5.68
CA THR B 232 -12.58 -47.34 6.06
C THR B 232 -13.26 -47.94 4.83
N VAL B 233 -13.25 -47.22 3.72
CA VAL B 233 -13.87 -47.70 2.48
C VAL B 233 -13.29 -49.06 2.09
N ASN B 234 -11.96 -49.15 2.07
CA ASN B 234 -11.26 -50.37 1.69
C ASN B 234 -11.41 -51.53 2.67
N GLY B 235 -11.27 -51.25 3.97
CA GLY B 235 -11.41 -52.26 5.02
C GLY B 235 -12.74 -52.97 5.00
N LEU B 236 -13.83 -52.21 4.92
CA LEU B 236 -15.18 -52.77 4.94
C LEU B 236 -15.56 -53.44 3.63
N PHE B 237 -15.08 -52.92 2.50
CA PHE B 237 -15.27 -53.64 1.24
C PHE B 237 -14.56 -54.99 1.29
N LYS B 238 -13.36 -54.99 1.88
CA LYS B 238 -12.56 -56.20 2.06
C LYS B 238 -13.16 -57.22 3.04
N SER B 239 -13.92 -56.74 4.02
CA SER B 239 -14.57 -57.62 4.97
C SER B 239 -15.89 -58.16 4.41
N GLY B 240 -16.11 -57.91 3.11
CA GLY B 240 -17.27 -58.40 2.38
C GLY B 240 -18.63 -57.80 2.73
N LYS B 241 -18.64 -56.63 3.39
CA LYS B 241 -19.89 -56.03 3.88
C LYS B 241 -20.38 -54.84 3.05
N VAL B 242 -19.70 -54.55 1.94
CA VAL B 242 -20.11 -53.46 1.06
C VAL B 242 -20.39 -54.01 -0.33
N ALA B 243 -21.59 -53.77 -0.82
CA ALA B 243 -21.96 -54.19 -2.17
C ALA B 243 -21.14 -53.49 -3.24
N ALA B 244 -21.03 -52.16 -3.16
CA ALA B 244 -20.30 -51.40 -4.18
C ALA B 244 -19.62 -50.15 -3.64
N VAL B 245 -18.43 -49.90 -4.17
CA VAL B 245 -17.70 -48.65 -3.92
C VAL B 245 -17.44 -47.90 -5.23
N ILE B 246 -17.15 -46.60 -5.11
CA ILE B 246 -16.57 -45.81 -6.18
C ILE B 246 -15.11 -45.75 -5.80
N ASN B 247 -14.28 -46.55 -6.44
CA ASN B 247 -12.83 -46.47 -6.25
C ASN B 247 -12.11 -46.67 -7.58
N GLY B 248 -10.78 -46.66 -7.53
CA GLY B 248 -9.97 -46.73 -8.75
C GLY B 248 -9.24 -48.06 -8.93
N PRO B 249 -8.50 -48.18 -10.04
CA PRO B 249 -7.80 -49.41 -10.36
C PRO B 249 -6.72 -49.77 -9.35
N TRP B 250 -6.28 -48.79 -8.57
CA TRP B 250 -5.25 -48.98 -7.55
C TRP B 250 -5.70 -49.93 -6.43
N ALA B 251 -7.02 -50.13 -6.34
CA ALA B 251 -7.64 -50.91 -5.26
C ALA B 251 -7.89 -52.39 -5.59
N ILE B 252 -7.90 -52.74 -6.88
CA ILE B 252 -8.27 -54.10 -7.33
C ILE B 252 -7.46 -55.21 -6.67
N LYS B 253 -6.13 -55.11 -6.71
CA LYS B 253 -5.25 -56.15 -6.18
C LYS B 253 -5.49 -56.41 -4.70
N ASP B 254 -5.73 -55.34 -3.96
CA ASP B 254 -5.98 -55.43 -2.53
C ASP B 254 -7.30 -56.16 -2.25
N TYR B 255 -8.37 -55.72 -2.90
CA TYR B 255 -9.68 -56.33 -2.80
C TYR B 255 -9.64 -57.82 -3.14
N GLN B 256 -8.92 -58.17 -4.21
CA GLN B 256 -8.79 -59.56 -4.66
C GLN B 256 -7.92 -60.42 -3.75
N ALA B 257 -6.86 -59.86 -3.16
CA ALA B 257 -6.05 -60.56 -2.15
C ALA B 257 -6.83 -60.85 -0.86
N ALA B 258 -7.85 -60.05 -0.59
CA ALA B 258 -8.79 -60.28 0.51
C ALA B 258 -9.87 -61.27 0.13
N GLY B 259 -9.78 -61.80 -1.09
CA GLY B 259 -10.74 -62.80 -1.57
C GLY B 259 -12.12 -62.25 -1.90
N ILE B 260 -12.17 -61.09 -2.56
CA ILE B 260 -13.43 -60.58 -3.06
C ILE B 260 -13.50 -60.85 -4.55
N ASN B 261 -14.67 -61.32 -5.00
CA ASN B 261 -14.95 -61.42 -6.42
C ASN B 261 -15.46 -60.07 -6.90
N VAL B 262 -14.58 -59.32 -7.57
CA VAL B 262 -14.90 -57.94 -7.92
C VAL B 262 -15.34 -57.79 -9.36
N GLY B 263 -16.21 -56.82 -9.57
CA GLY B 263 -16.63 -56.41 -10.91
C GLY B 263 -16.36 -54.93 -11.06
N VAL B 264 -16.21 -54.47 -12.30
CA VAL B 264 -16.05 -53.05 -12.57
C VAL B 264 -16.97 -52.65 -13.70
N ALA B 265 -17.66 -51.53 -13.51
CA ALA B 265 -18.52 -50.96 -14.53
C ALA B 265 -18.37 -49.45 -14.41
N PRO B 266 -18.54 -48.72 -15.52
CA PRO B 266 -18.55 -47.27 -15.40
C PRO B 266 -19.70 -46.79 -14.51
N LEU B 267 -19.50 -45.63 -13.90
CA LEU B 267 -20.53 -44.97 -13.09
C LEU B 267 -21.86 -44.83 -13.83
N PRO B 268 -22.96 -45.29 -13.21
CA PRO B 268 -24.29 -45.20 -13.77
C PRO B 268 -24.63 -43.81 -14.32
N LYS B 269 -25.15 -43.77 -15.55
CA LYS B 269 -25.48 -42.49 -16.22
C LYS B 269 -26.31 -41.60 -15.30
N ILE B 270 -25.79 -40.40 -15.07
CA ILE B 270 -26.41 -39.40 -14.18
C ILE B 270 -27.12 -38.35 -15.03
N ASP B 271 -28.40 -38.11 -14.72
CA ASP B 271 -29.28 -37.25 -15.52
C ASP B 271 -29.24 -37.59 -17.03
N GLY B 272 -29.42 -38.87 -17.34
CA GLY B 272 -29.42 -39.38 -18.71
C GLY B 272 -28.13 -39.13 -19.48
N LYS B 273 -27.06 -38.82 -18.74
CA LYS B 273 -25.81 -38.34 -19.30
C LYS B 273 -24.66 -39.18 -18.75
N ASP B 274 -23.62 -39.40 -19.55
CA ASP B 274 -22.41 -40.11 -19.08
C ASP B 274 -21.79 -39.41 -17.88
N ALA B 275 -21.45 -40.18 -16.86
CA ALA B 275 -20.84 -39.61 -15.67
C ALA B 275 -19.47 -39.14 -16.06
N GLN B 276 -19.09 -37.98 -15.55
CA GLN B 276 -17.79 -37.42 -15.88
C GLN B 276 -16.89 -37.28 -14.65
N THR B 277 -16.04 -38.27 -14.48
CA THR B 277 -15.09 -38.31 -13.38
C THR B 277 -13.81 -37.54 -13.74
N PHE B 278 -12.87 -37.46 -12.79
CA PHE B 278 -11.53 -36.94 -13.07
C PHE B 278 -10.65 -38.00 -13.71
N ILE B 279 -9.76 -37.58 -14.62
CA ILE B 279 -8.64 -38.39 -15.08
C ILE B 279 -7.38 -37.99 -14.32
N GLY B 280 -6.72 -38.97 -13.73
CA GLY B 280 -5.42 -38.77 -13.13
C GLY B 280 -4.37 -39.51 -13.92
N VAL B 281 -3.21 -38.88 -14.08
CA VAL B 281 -2.04 -39.51 -14.63
C VAL B 281 -0.98 -39.46 -13.56
N LYS B 282 -0.43 -40.62 -13.22
CA LYS B 282 0.71 -40.73 -12.31
C LYS B 282 1.93 -40.98 -13.18
N GLY B 283 2.98 -40.19 -12.95
CA GLY B 283 4.17 -40.28 -13.77
C GLY B 283 5.43 -40.23 -12.96
N TRP B 284 6.52 -40.71 -13.56
CA TRP B 284 7.83 -40.51 -12.99
C TRP B 284 8.28 -39.08 -13.32
N TYR B 285 8.72 -38.34 -12.30
CA TYR B 285 9.24 -36.99 -12.53
C TYR B 285 10.73 -36.90 -12.22
N LEU B 286 11.45 -36.12 -13.02
CA LEU B 286 12.86 -35.85 -12.76
C LEU B 286 12.99 -34.56 -11.98
N SER B 287 13.46 -34.69 -10.75
CA SER B 287 13.72 -33.55 -9.87
C SER B 287 14.65 -32.53 -10.52
N ALA B 288 14.42 -31.25 -10.21
CA ALA B 288 15.27 -30.16 -10.70
C ALA B 288 16.60 -30.14 -9.96
N TYR B 289 16.59 -30.64 -8.73
CA TYR B 289 17.78 -30.66 -7.89
C TYR B 289 18.52 -32.00 -7.92
N SER B 290 18.37 -32.71 -9.05
CA SER B 290 19.10 -33.95 -9.30
C SER B 290 20.52 -33.63 -9.74
N LYS B 291 21.47 -34.46 -9.32
CA LYS B 291 22.85 -34.30 -9.73
C LYS B 291 23.20 -35.11 -10.97
N TYR B 292 22.25 -35.92 -11.46
CA TYR B 292 22.50 -36.77 -12.62
C TYR B 292 21.30 -36.87 -13.56
N PRO B 293 20.89 -35.73 -14.17
CA PRO B 293 19.68 -35.71 -15.00
C PRO B 293 19.68 -36.74 -16.12
N LYS B 294 20.86 -37.03 -16.67
CA LYS B 294 20.98 -37.87 -17.86
C LYS B 294 20.75 -39.36 -17.56
N TYR B 295 21.33 -39.87 -16.47
CA TYR B 295 21.14 -41.27 -16.06
C TYR B 295 19.73 -41.48 -15.52
N ALA B 296 19.33 -40.64 -14.57
CA ALA B 296 17.97 -40.67 -14.04
C ALA B 296 16.92 -40.67 -15.15
N THR B 297 17.14 -39.86 -16.18
CA THR B 297 16.24 -39.82 -17.36
C THR B 297 16.25 -41.14 -18.12
N GLU B 298 17.41 -41.81 -18.13
CA GLU B 298 17.52 -43.10 -18.83
C GLU B 298 16.92 -44.22 -17.99
N LEU B 299 17.01 -44.08 -16.67
CA LEU B 299 16.30 -44.95 -15.71
C LEU B 299 14.77 -44.85 -15.86
N MET B 300 14.29 -43.63 -16.10
CA MET B 300 12.87 -43.34 -16.25
C MET B 300 12.27 -44.05 -17.46
N GLN B 301 13.02 -44.08 -18.57
CA GLN B 301 12.61 -44.78 -19.79
C GLN B 301 12.62 -46.29 -19.56
N PHE B 302 13.59 -46.73 -18.77
CA PHE B 302 13.75 -48.14 -18.42
C PHE B 302 12.56 -48.60 -17.57
N LEU B 303 12.22 -47.78 -16.58
CA LEU B 303 11.05 -48.02 -15.74
C LEU B 303 9.72 -47.91 -16.50
N THR B 304 9.75 -47.33 -17.69
CA THR B 304 8.50 -47.12 -18.46
C THR B 304 8.48 -47.76 -19.85
N SER B 305 9.27 -48.81 -20.04
CA SER B 305 9.27 -49.55 -21.31
C SER B 305 8.06 -50.47 -21.38
N LYS B 306 7.73 -50.92 -22.59
CA LYS B 306 6.63 -51.87 -22.83
C LYS B 306 6.64 -53.00 -21.81
N GLU B 307 7.77 -53.71 -21.73
CA GLU B 307 7.89 -54.88 -20.85
C GLU B 307 7.82 -54.53 -19.36
N ALA B 308 8.37 -53.38 -18.98
CA ALA B 308 8.34 -52.92 -17.59
C ALA B 308 6.93 -52.55 -17.13
N LEU B 309 6.21 -51.81 -17.98
CA LEU B 309 4.86 -51.35 -17.69
C LEU B 309 3.83 -52.47 -17.77
N ALA B 310 4.16 -53.48 -18.58
CA ALA B 310 3.39 -54.73 -18.67
C ALA B 310 3.48 -55.52 -17.37
N SER B 311 4.70 -55.61 -16.85
CA SER B 311 4.93 -56.23 -15.55
C SER B 311 4.20 -55.44 -14.47
N ARG B 312 4.36 -54.12 -14.50
CA ARG B 312 3.73 -53.24 -13.52
C ARG B 312 2.23 -53.41 -13.48
N PHE B 313 1.60 -53.43 -14.66
CA PHE B 313 0.17 -53.69 -14.75
C PHE B 313 -0.26 -55.05 -14.19
N LYS B 314 0.41 -56.12 -14.59
CA LYS B 314 0.11 -57.46 -14.08
C LYS B 314 0.15 -57.51 -12.55
N GLU B 315 1.18 -56.92 -11.98
CA GLU B 315 1.40 -56.93 -10.55
C GLU B 315 0.49 -55.94 -9.79
N THR B 316 0.41 -54.69 -10.28
CA THR B 316 -0.28 -53.62 -9.55
C THR B 316 -1.73 -53.34 -9.97
N GLY B 317 -2.09 -53.77 -11.18
CA GLY B 317 -3.44 -53.57 -11.70
C GLY B 317 -3.66 -52.20 -12.31
N GLU B 318 -2.73 -51.27 -12.07
CA GLU B 318 -2.77 -49.90 -12.60
C GLU B 318 -2.60 -49.85 -14.11
N ILE B 319 -3.51 -49.15 -14.77
CA ILE B 319 -3.52 -49.06 -16.24
C ILE B 319 -2.31 -48.25 -16.74
N PRO B 320 -1.46 -48.87 -17.57
CA PRO B 320 -0.30 -48.16 -18.10
C PRO B 320 -0.65 -47.41 -19.38
N PRO B 321 -0.51 -46.08 -19.40
CA PRO B 321 -0.86 -45.34 -20.60
C PRO B 321 0.21 -45.46 -21.70
N GLN B 322 0.63 -46.71 -21.94
CA GLN B 322 1.48 -47.10 -23.05
C GLN B 322 0.58 -47.43 -24.24
N LYS B 323 0.85 -46.80 -25.38
CA LYS B 323 0.02 -46.95 -26.59
C LYS B 323 -0.20 -48.40 -27.00
N GLU B 324 0.84 -49.21 -26.86
CA GLU B 324 0.84 -50.60 -27.30
C GLU B 324 0.26 -51.57 -26.27
N LEU B 325 0.42 -51.23 -24.98
CA LEU B 325 -0.19 -52.01 -23.91
C LEU B 325 -1.70 -51.80 -23.80
N LEU B 326 -2.15 -50.57 -24.05
CA LEU B 326 -3.57 -50.22 -24.09
C LEU B 326 -4.33 -50.88 -25.25
N ASN B 327 -3.58 -51.34 -26.26
CA ASN B 327 -4.16 -52.05 -27.40
C ASN B 327 -4.28 -53.55 -27.16
N ASP B 328 -3.33 -54.09 -26.41
CA ASP B 328 -3.27 -55.53 -26.09
C ASP B 328 -4.58 -56.03 -25.45
N PRO B 329 -5.28 -56.97 -26.13
CA PRO B 329 -6.52 -57.57 -25.61
C PRO B 329 -6.39 -58.18 -24.21
N MET B 330 -5.15 -58.48 -23.80
CA MET B 330 -4.84 -58.89 -22.43
C MET B 330 -5.34 -57.84 -21.45
N ILE B 331 -5.21 -56.57 -21.83
CA ILE B 331 -5.60 -55.42 -21.02
C ILE B 331 -6.94 -54.82 -21.49
N LYS B 332 -7.07 -54.61 -22.79
CA LYS B 332 -8.26 -53.95 -23.36
C LYS B 332 -9.58 -54.70 -23.11
N ASN B 333 -9.55 -56.02 -23.23
CA ASN B 333 -10.77 -56.84 -23.03
C ASN B 333 -10.94 -57.37 -21.63
N ASN B 334 -9.87 -57.34 -20.84
CA ASN B 334 -9.92 -57.70 -19.42
C ASN B 334 -11.11 -56.99 -18.74
N PRO B 335 -12.08 -57.78 -18.24
CA PRO B 335 -13.34 -57.23 -17.70
C PRO B 335 -13.07 -56.18 -16.64
N VAL B 336 -12.27 -56.54 -15.64
CA VAL B 336 -11.86 -55.64 -14.58
C VAL B 336 -11.35 -54.29 -15.12
N VAL B 337 -10.35 -54.33 -16.01
CA VAL B 337 -9.79 -53.13 -16.61
C VAL B 337 -10.77 -52.32 -17.46
N ASN B 338 -11.58 -53.02 -18.27
CA ASN B 338 -12.44 -52.38 -19.28
C ASN B 338 -13.37 -51.28 -18.75
N GLY B 339 -14.01 -51.54 -17.60
CA GLY B 339 -14.91 -50.58 -16.96
C GLY B 339 -14.24 -49.29 -16.53
N PHE B 340 -12.99 -49.41 -16.05
CA PHE B 340 -12.18 -48.25 -15.70
C PHE B 340 -11.81 -47.45 -16.95
N ALA B 341 -11.44 -48.17 -18.01
CA ALA B 341 -11.05 -47.55 -19.28
C ALA B 341 -12.23 -46.87 -19.98
N LYS B 342 -13.43 -47.46 -19.88
CA LYS B 342 -14.63 -46.86 -20.43
C LYS B 342 -15.00 -45.59 -19.67
N GLN B 343 -14.91 -45.66 -18.35
CA GLN B 343 -15.20 -44.52 -17.48
C GLN B 343 -14.18 -43.41 -17.65
N ALA B 344 -12.92 -43.77 -17.86
CA ALA B 344 -11.88 -42.79 -18.13
C ALA B 344 -12.14 -42.01 -19.42
N SER B 345 -12.53 -42.71 -20.48
CA SER B 345 -12.77 -42.06 -21.78
C SER B 345 -13.84 -40.97 -21.71
N LYS B 346 -14.76 -41.10 -20.76
CA LYS B 346 -15.86 -40.15 -20.56
C LYS B 346 -15.54 -39.10 -19.46
N GLY B 347 -14.26 -38.92 -19.19
CA GLY B 347 -13.80 -37.98 -18.16
C GLY B 347 -12.96 -36.83 -18.67
N VAL B 348 -12.40 -36.08 -17.72
CA VAL B 348 -11.53 -34.94 -18.00
C VAL B 348 -10.35 -34.99 -17.07
N PRO B 349 -9.14 -34.67 -17.58
CA PRO B 349 -7.95 -34.61 -16.73
C PRO B 349 -8.06 -33.54 -15.67
N MET B 350 -7.56 -33.84 -14.47
CA MET B 350 -7.54 -32.84 -13.41
C MET B 350 -6.78 -31.61 -13.90
N PRO B 351 -7.26 -30.41 -13.56
CA PRO B 351 -6.43 -29.25 -13.87
C PRO B 351 -5.10 -29.38 -13.14
N SER B 352 -4.05 -28.88 -13.78
CA SER B 352 -2.68 -29.03 -13.27
C SER B 352 -2.00 -27.67 -13.18
N ILE B 353 -2.74 -26.61 -13.51
CA ILE B 353 -2.25 -25.24 -13.32
C ILE B 353 -1.83 -25.04 -11.86
N PRO B 354 -0.83 -24.18 -11.60
CA PRO B 354 -0.30 -24.10 -10.24
C PRO B 354 -1.37 -23.81 -9.17
N GLU B 355 -2.39 -23.03 -9.53
CA GLU B 355 -3.36 -22.62 -8.50
C GLU B 355 -4.32 -23.74 -8.11
N MET B 356 -4.35 -24.81 -8.90
CA MET B 356 -5.08 -26.03 -8.54
C MET B 356 -4.65 -26.57 -7.17
N GLY B 357 -3.43 -26.26 -6.74
CA GLY B 357 -2.91 -26.73 -5.45
C GLY B 357 -3.68 -26.14 -4.28
N VAL B 358 -4.10 -24.89 -4.46
CA VAL B 358 -4.84 -24.15 -3.47
C VAL B 358 -6.28 -24.66 -3.29
N VAL B 359 -6.75 -25.44 -4.27
CA VAL B 359 -8.14 -25.91 -4.32
C VAL B 359 -8.52 -27.01 -3.31
N TRP B 360 -7.70 -28.06 -3.22
CA TRP B 360 -8.04 -29.29 -2.48
C TRP B 360 -8.47 -29.15 -1.01
N GLU B 361 -7.67 -28.49 -0.19
CA GLU B 361 -7.99 -28.33 1.24
C GLU B 361 -9.30 -27.56 1.54
N PRO B 362 -9.48 -26.36 0.97
CA PRO B 362 -10.73 -25.63 1.24
C PRO B 362 -12.02 -26.32 0.78
N ILE B 363 -11.99 -27.01 -0.36
CA ILE B 363 -13.22 -27.68 -0.82
C ILE B 363 -13.51 -29.03 -0.13
N ASN B 364 -12.47 -29.71 0.35
CA ASN B 364 -12.70 -30.92 1.13
C ASN B 364 -13.24 -30.55 2.49
N ASN B 365 -12.68 -29.48 3.07
CA ASN B 365 -13.20 -28.87 4.30
C ASN B 365 -14.68 -28.51 4.17
N ALA B 366 -15.04 -27.90 3.05
CA ALA B 366 -16.44 -27.64 2.71
C ALA B 366 -17.28 -28.94 2.66
N HIS B 367 -16.76 -30.00 2.05
CA HIS B 367 -17.44 -31.29 2.03
C HIS B 367 -17.72 -31.77 3.46
N THR B 368 -16.70 -31.68 4.32
CA THR B 368 -16.81 -32.09 5.72
C THR B 368 -17.81 -31.21 6.47
N PHE B 369 -17.76 -29.90 6.22
CA PHE B 369 -18.68 -28.95 6.85
C PHE B 369 -20.15 -29.29 6.57
N VAL B 370 -20.47 -29.73 5.35
CA VAL B 370 -21.85 -30.11 5.05
C VAL B 370 -22.20 -31.51 5.57
N ALA B 371 -21.21 -32.42 5.57
CA ALA B 371 -21.41 -33.80 6.02
C ALA B 371 -21.70 -33.85 7.51
N GLN B 372 -21.10 -32.93 8.26
CA GLN B 372 -21.26 -32.86 9.70
C GLN B 372 -22.54 -32.13 10.12
N GLY B 373 -23.18 -31.46 9.15
CA GLY B 373 -24.39 -30.69 9.40
C GLY B 373 -24.11 -29.34 10.06
N LYS B 374 -22.90 -28.84 9.89
CA LYS B 374 -22.53 -27.54 10.47
C LYS B 374 -22.87 -26.36 9.57
N GLN B 375 -22.64 -26.51 8.26
CA GLN B 375 -22.95 -25.45 7.30
C GLN B 375 -23.75 -25.96 6.10
N THR B 376 -24.47 -25.05 5.45
CA THR B 376 -25.17 -25.36 4.21
C THR B 376 -24.20 -25.38 3.03
N PRO B 377 -24.57 -26.06 1.94
CA PRO B 377 -23.80 -26.01 0.70
C PRO B 377 -23.38 -24.61 0.26
N GLU B 378 -24.31 -23.64 0.17
CA GLU B 378 -23.94 -22.28 -0.30
C GLU B 378 -22.87 -21.62 0.57
N GLN B 379 -23.06 -21.63 1.88
CA GLN B 379 -22.13 -21.00 2.80
C GLN B 379 -20.77 -21.72 2.82
N ALA B 380 -20.80 -23.05 2.92
CA ALA B 380 -19.59 -23.87 2.87
C ALA B 380 -18.75 -23.58 1.62
N LEU B 381 -19.44 -23.47 0.48
CA LEU B 381 -18.83 -23.14 -0.80
C LEU B 381 -18.35 -21.68 -0.90
N ASN B 382 -19.19 -20.74 -0.45
CA ASN B 382 -18.79 -19.32 -0.40
C ASN B 382 -17.48 -19.13 0.38
N ASP B 383 -17.42 -19.71 1.58
CA ASP B 383 -16.21 -19.68 2.41
C ASP B 383 -15.00 -20.29 1.70
N ALA B 384 -15.21 -21.45 1.07
CA ALA B 384 -14.13 -22.19 0.44
C ALA B 384 -13.45 -21.43 -0.72
N VAL B 385 -14.25 -20.81 -1.58
CA VAL B 385 -13.69 -20.07 -2.70
C VAL B 385 -13.05 -18.75 -2.25
N LYS B 386 -13.59 -18.15 -1.20
CA LYS B 386 -13.01 -16.93 -0.64
C LYS B 386 -11.61 -17.23 -0.11
N ILE B 387 -11.44 -18.34 0.60
CA ILE B 387 -10.11 -18.79 1.05
C ILE B 387 -9.22 -19.11 -0.16
N MET B 388 -9.79 -19.77 -1.17
CA MET B 388 -9.05 -20.12 -2.39
C MET B 388 -8.45 -18.90 -3.06
N LYS B 389 -9.26 -17.84 -3.23
CA LYS B 389 -8.83 -16.60 -3.86
C LYS B 389 -7.79 -15.88 -3.02
N GLU B 390 -7.93 -15.99 -1.70
CA GLU B 390 -7.04 -15.39 -0.73
C GLU B 390 -5.64 -16.04 -0.83
N LYS B 391 -5.60 -17.37 -0.84
CA LYS B 391 -4.36 -18.15 -0.96
C LYS B 391 -3.65 -17.95 -2.30
N ILE B 392 -4.42 -17.71 -3.36
CA ILE B 392 -3.86 -17.43 -4.69
C ILE B 392 -2.90 -16.23 -4.62
N GLN B 393 -3.22 -15.27 -3.75
CA GLN B 393 -2.41 -14.08 -3.55
C GLN B 393 -1.22 -14.33 -2.63
N THR B 394 -1.40 -15.20 -1.65
CA THR B 394 -0.31 -15.66 -0.79
C THR B 394 0.69 -16.53 -1.58
N MET B 395 0.34 -16.81 -2.85
CA MET B 395 1.26 -17.43 -3.82
C MET B 395 2.11 -16.35 -4.49
N LYS B 396 1.49 -15.19 -4.74
CA LYS B 396 2.18 -14.04 -5.29
C LYS B 396 3.17 -13.50 -4.27
N GLN B 397 4.35 -13.06 -4.77
CA GLN B 397 5.46 -12.57 -3.94
C GLN B 397 6.01 -13.66 -3.00
N LYS C 17 44.21 33.83 16.41
CA LYS C 17 43.19 33.26 15.47
C LYS C 17 41.76 33.31 16.04
N PRO C 18 41.21 34.54 16.20
CA PRO C 18 39.79 34.69 16.54
C PRO C 18 38.86 34.95 15.34
N ASP C 19 38.68 33.93 14.48
CA ASP C 19 37.74 34.06 13.36
C ASP C 19 36.50 33.23 13.61
N LYS C 20 35.39 33.94 13.74
CA LYS C 20 34.09 33.40 14.06
C LYS C 20 33.04 34.38 13.51
N LEU C 21 32.11 33.87 12.73
CA LEU C 21 30.98 34.67 12.24
C LEU C 21 29.76 34.38 13.10
N VAL C 22 29.12 35.45 13.56
CA VAL C 22 27.97 35.32 14.45
C VAL C 22 26.67 35.63 13.70
N VAL C 23 25.73 34.70 13.78
CA VAL C 23 24.41 34.91 13.21
C VAL C 23 23.35 34.97 14.31
N TRP C 24 22.46 35.96 14.22
CA TRP C 24 21.27 35.99 15.08
C TRP C 24 20.07 35.51 14.32
N GLU C 25 19.45 34.45 14.83
CA GLU C 25 18.23 33.92 14.23
C GLU C 25 17.11 33.93 15.26
N ASN C 26 15.89 34.00 14.73
CA ASN C 26 14.66 33.93 15.49
C ASN C 26 14.67 32.85 16.57
N ALA C 27 14.34 33.23 17.80
CA ALA C 27 14.44 32.32 18.95
C ALA C 27 13.20 31.46 19.12
N ASP C 28 12.93 30.61 18.13
CA ASP C 28 11.72 29.80 18.16
C ASP C 28 11.93 28.47 18.89
N ASP C 29 13.14 28.25 19.41
CA ASP C 29 13.50 26.97 20.04
C ASP C 29 13.06 25.79 19.18
N GLY C 30 13.22 25.93 17.87
CA GLY C 30 12.81 24.87 16.97
C GLY C 30 13.28 25.01 15.53
N VAL C 31 12.29 25.11 14.65
CA VAL C 31 12.46 24.86 13.22
C VAL C 31 13.14 25.99 12.44
N GLN C 32 12.98 27.23 12.88
CA GLN C 32 13.64 28.36 12.24
C GLN C 32 15.10 28.44 12.67
N LEU C 33 15.34 28.30 13.97
CA LEU C 33 16.70 28.24 14.51
C LEU C 33 17.50 27.09 13.87
N ASN C 34 16.87 25.91 13.77
CA ASN C 34 17.53 24.72 13.23
C ASN C 34 17.99 24.80 11.78
N ASN C 35 17.16 25.44 10.93
CA ASN C 35 17.48 25.55 9.51
C ASN C 35 18.65 26.48 9.23
N THR C 36 18.75 27.56 9.98
CA THR C 36 19.91 28.45 9.93
C THR C 36 21.14 27.73 10.51
N LYS C 37 20.96 27.01 11.61
CA LYS C 37 22.03 26.21 12.20
C LYS C 37 22.55 25.17 11.22
N LYS C 38 21.63 24.53 10.48
CA LYS C 38 21.95 23.50 9.51
C LYS C 38 22.77 24.04 8.36
N TRP C 39 22.35 25.18 7.81
CA TRP C 39 23.07 25.77 6.70
C TRP C 39 24.32 26.53 7.09
N ALA C 40 24.34 27.08 8.31
CA ALA C 40 25.56 27.64 8.88
C ALA C 40 26.64 26.55 9.02
N GLY C 41 26.23 25.34 9.40
CA GLY C 41 27.13 24.20 9.57
C GLY C 41 27.71 23.71 8.25
N GLU C 42 26.88 23.73 7.21
CA GLU C 42 27.34 23.40 5.85
C GLU C 42 28.40 24.41 5.38
N PHE C 43 28.16 25.70 5.66
CA PHE C 43 29.13 26.75 5.38
C PHE C 43 30.47 26.51 6.06
N THR C 44 30.43 26.03 7.30
CA THR C 44 31.64 25.70 8.07
C THR C 44 32.39 24.47 7.50
N LYS C 45 31.66 23.48 6.98
CA LYS C 45 32.26 22.34 6.30
C LYS C 45 33.02 22.75 5.04
N LYS C 46 32.49 23.75 4.33
CA LYS C 46 33.04 24.24 3.07
C LYS C 46 34.23 25.19 3.25
N THR C 47 34.13 26.08 4.24
CA THR C 47 35.10 27.17 4.40
C THR C 47 36.07 26.99 5.55
N GLY C 48 35.63 26.35 6.63
CA GLY C 48 36.44 26.23 7.84
C GLY C 48 36.19 27.36 8.84
N ILE C 49 35.25 28.24 8.50
CA ILE C 49 34.90 29.38 9.35
C ILE C 49 33.74 29.00 10.25
N GLN C 50 33.99 29.00 11.56
CA GLN C 50 32.98 28.65 12.56
C GLN C 50 31.85 29.65 12.55
N VAL C 51 30.62 29.16 12.68
CA VAL C 51 29.45 30.03 12.74
C VAL C 51 28.62 29.73 14.00
N GLU C 52 28.53 30.73 14.87
CA GLU C 52 27.68 30.64 16.05
C GLU C 52 26.32 31.22 15.68
N VAL C 53 25.29 30.38 15.73
CA VAL C 53 23.93 30.85 15.52
C VAL C 53 23.29 31.10 16.88
N VAL C 54 23.01 32.36 17.17
CA VAL C 54 22.48 32.74 18.48
C VAL C 54 20.99 33.03 18.38
N PRO C 55 20.17 32.32 19.16
CA PRO C 55 18.74 32.58 19.21
C PRO C 55 18.44 33.97 19.80
N VAL C 56 17.74 34.80 19.02
CA VAL C 56 17.22 36.07 19.48
C VAL C 56 15.82 36.27 18.90
N ALA C 57 14.90 36.84 19.68
CA ALA C 57 13.60 37.23 19.15
C ALA C 57 13.78 38.08 17.88
N LEU C 58 13.13 37.67 16.80
CA LEU C 58 13.18 38.36 15.50
C LEU C 58 12.93 39.86 15.63
N LEU C 59 11.89 40.23 16.39
CA LEU C 59 11.48 41.62 16.52
C LEU C 59 12.19 42.34 17.65
N LYS C 60 13.18 41.70 18.25
CA LYS C 60 13.99 42.36 19.27
C LYS C 60 15.45 42.58 18.83
N GLN C 61 15.77 42.10 17.63
CA GLN C 61 17.16 42.10 17.12
C GLN C 61 17.70 43.49 16.83
N GLN C 62 16.85 44.34 16.27
CA GLN C 62 17.23 45.71 15.91
C GLN C 62 17.64 46.53 17.14
N GLU C 63 16.88 46.39 18.23
CA GLU C 63 17.16 47.10 19.48
C GLU C 63 18.37 46.50 20.19
N LYS C 64 18.55 45.18 20.05
CA LYS C 64 19.70 44.51 20.63
C LYS C 64 20.97 44.90 19.87
N LEU C 65 20.86 45.03 18.56
CA LEU C 65 22.00 45.48 17.74
C LEU C 65 22.35 46.94 18.03
N THR C 66 21.35 47.76 18.35
CA THR C 66 21.56 49.18 18.68
C THR C 66 22.51 49.34 19.89
N LEU C 67 22.38 48.43 20.86
CA LEU C 67 23.24 48.42 22.04
C LEU C 67 24.53 47.60 21.86
N ASP C 68 24.40 46.36 21.35
CA ASP C 68 25.54 45.43 21.27
C ASP C 68 26.51 45.78 20.14
N GLY C 69 26.00 46.44 19.09
CA GLY C 69 26.78 46.75 17.90
C GLY C 69 27.89 47.75 18.15
N PRO C 70 27.53 49.01 18.49
CA PRO C 70 28.51 50.03 18.86
C PRO C 70 29.53 49.58 19.91
N ALA C 71 29.16 48.59 20.72
CA ALA C 71 30.07 48.07 21.74
C ALA C 71 30.93 46.88 21.25
N GLY C 72 30.82 46.54 19.98
CA GLY C 72 31.57 45.41 19.40
C GLY C 72 31.17 44.02 19.87
N LYS C 73 29.91 43.86 20.27
CA LYS C 73 29.41 42.57 20.77
C LYS C 73 28.29 42.05 19.85
N GLY C 74 28.04 42.80 18.76
CA GLY C 74 26.91 42.49 17.88
C GLY C 74 27.20 41.38 16.90
N ALA C 75 26.13 40.81 16.36
CA ALA C 75 26.19 39.83 15.26
C ALA C 75 26.75 40.43 13.96
N ASP C 76 27.24 39.58 13.07
CA ASP C 76 27.63 40.03 11.74
C ASP C 76 26.39 40.12 10.85
N LEU C 77 25.57 39.08 10.96
CA LEU C 77 24.34 38.93 10.18
C LEU C 77 23.11 38.90 11.09
N VAL C 78 22.16 39.78 10.78
CA VAL C 78 20.92 39.97 11.55
C VAL C 78 19.70 39.90 10.65
N THR C 79 18.55 39.60 11.23
CA THR C 79 17.32 39.45 10.47
C THR C 79 16.07 40.06 11.12
N TRP C 80 15.29 40.77 10.31
CA TRP C 80 13.99 41.30 10.70
C TRP C 80 13.19 41.72 9.45
N PRO C 81 11.85 41.79 9.56
CA PRO C 81 10.98 42.26 8.48
C PRO C 81 11.35 43.65 7.98
N HIS C 82 11.10 43.90 6.70
CA HIS C 82 11.70 45.03 5.99
C HIS C 82 11.14 46.38 6.37
N ASP C 83 10.02 46.40 7.07
CA ASP C 83 9.33 47.64 7.39
C ASP C 83 10.26 48.60 8.15
N ARG C 84 11.17 48.04 8.93
CA ARG C 84 12.06 48.84 9.78
C ARG C 84 13.47 48.99 9.22
N LEU C 85 13.64 48.60 7.96
CA LEU C 85 14.81 48.97 7.17
C LEU C 85 14.62 50.44 6.86
N GLY C 86 15.69 51.23 6.93
CA GLY C 86 15.53 52.67 6.76
C GLY C 86 15.76 53.30 8.10
N GLU C 87 14.90 52.99 9.06
CA GLU C 87 15.12 53.37 10.45
C GLU C 87 16.50 52.88 10.91
N ALA C 88 16.80 51.61 10.64
CA ALA C 88 18.07 50.97 11.00
C ALA C 88 19.25 51.43 10.16
N VAL C 89 18.98 51.75 8.89
CA VAL C 89 19.98 52.36 8.01
C VAL C 89 20.35 53.77 8.50
N THR C 90 19.33 54.61 8.66
CA THR C 90 19.49 55.98 9.14
C THR C 90 20.23 56.11 10.49
N LYS C 91 19.97 55.19 11.42
CA LYS C 91 20.69 55.16 12.70
C LYS C 91 22.03 54.42 12.62
N GLY C 92 22.51 54.19 11.40
CA GLY C 92 23.83 53.60 11.15
C GLY C 92 24.00 52.17 11.62
N LEU C 93 22.88 51.47 11.80
CA LEU C 93 22.90 50.10 12.30
C LEU C 93 23.31 49.09 11.23
N LEU C 94 23.09 49.46 9.97
CA LEU C 94 23.24 48.54 8.87
C LEU C 94 24.07 49.14 7.73
N GLN C 95 24.92 48.31 7.12
CA GLN C 95 25.66 48.70 5.91
C GLN C 95 25.16 47.93 4.69
N PRO C 96 25.20 48.55 3.50
CA PRO C 96 24.85 47.84 2.27
C PRO C 96 25.76 46.65 1.92
N ILE C 97 25.25 45.77 1.09
CA ILE C 97 25.98 44.56 0.68
C ILE C 97 26.39 44.62 -0.79
N GLN C 98 27.43 43.86 -1.14
CA GLN C 98 27.89 43.76 -2.52
C GLN C 98 27.79 42.35 -3.08
N VAL C 99 26.89 42.16 -4.04
CA VAL C 99 26.68 40.86 -4.65
C VAL C 99 26.47 40.93 -6.16
N ASP C 100 27.01 39.94 -6.88
CA ASP C 100 26.87 39.85 -8.33
C ASP C 100 25.41 39.93 -8.76
N ASN C 101 25.19 40.40 -9.98
CA ASN C 101 23.86 40.60 -10.52
C ASN C 101 23.12 39.28 -10.69
N SER C 102 23.84 38.26 -11.16
CA SER C 102 23.29 36.91 -11.30
C SER C 102 22.75 36.39 -9.97
N VAL C 103 23.33 36.85 -8.86
CA VAL C 103 22.80 36.54 -7.53
C VAL C 103 21.52 37.36 -7.22
N LYS C 104 21.46 38.61 -7.63
CA LYS C 104 20.27 39.45 -7.44
C LYS C 104 19.08 38.97 -8.29
N ASN C 105 19.39 38.59 -9.53
CA ASN C 105 18.39 38.16 -10.50
C ASN C 105 17.64 36.90 -10.08
N GLN C 106 18.21 36.16 -9.13
CA GLN C 106 17.57 34.96 -8.59
C GLN C 106 16.27 35.27 -7.84
N PHE C 107 16.14 36.51 -7.39
CA PHE C 107 15.09 36.90 -6.45
C PHE C 107 14.00 37.78 -7.07
N ASP C 108 12.79 37.69 -6.51
CA ASP C 108 11.65 38.49 -6.96
C ASP C 108 11.92 39.99 -6.75
N ASP C 109 11.33 40.82 -7.61
CA ASP C 109 11.57 42.26 -7.58
C ASP C 109 10.92 42.97 -6.39
N VAL C 110 9.75 42.49 -5.98
CA VAL C 110 9.06 43.03 -4.81
C VAL C 110 9.95 42.78 -3.59
N ALA C 111 10.51 41.57 -3.51
CA ALA C 111 11.40 41.19 -2.42
C ALA C 111 12.65 42.07 -2.36
N MET C 112 13.32 42.22 -3.50
CA MET C 112 14.59 42.94 -3.59
C MET C 112 14.41 44.44 -3.39
N LYS C 113 13.28 44.96 -3.86
CA LYS C 113 12.93 46.37 -3.67
C LYS C 113 12.65 46.66 -2.20
N ALA C 114 11.92 45.77 -1.54
CA ALA C 114 11.67 45.90 -0.10
C ALA C 114 12.96 45.86 0.73
N LEU C 115 14.02 45.31 0.16
CA LEU C 115 15.32 45.22 0.83
C LEU C 115 16.33 46.24 0.31
N THR C 116 15.83 47.23 -0.42
CA THR C 116 16.64 48.29 -0.98
C THR C 116 16.21 49.61 -0.35
N TYR C 117 17.17 50.36 0.18
CA TYR C 117 16.87 51.66 0.79
C TYR C 117 17.93 52.70 0.41
N GLY C 118 17.46 53.89 0.05
CA GLY C 118 18.33 54.97 -0.44
C GLY C 118 19.02 54.57 -1.74
N GLY C 119 18.36 53.69 -2.50
CA GLY C 119 18.92 53.17 -3.74
C GLY C 119 19.95 52.06 -3.55
N LYS C 120 20.16 51.63 -2.31
CA LYS C 120 21.18 50.62 -2.00
C LYS C 120 20.59 49.39 -1.36
N LEU C 121 21.04 48.23 -1.82
CA LEU C 121 20.60 46.94 -1.35
C LEU C 121 21.18 46.67 0.03
N TYR C 122 20.33 46.22 0.96
CA TYR C 122 20.78 45.99 2.32
C TYR C 122 20.65 44.54 2.76
N GLY C 123 20.06 43.71 1.91
CA GLY C 123 19.97 42.31 2.22
C GLY C 123 19.53 41.41 1.09
N LEU C 124 19.54 40.12 1.41
CA LEU C 124 19.04 39.06 0.56
C LEU C 124 17.83 38.42 1.25
N PRO C 125 16.73 38.19 0.50
CA PRO C 125 15.48 37.72 1.07
C PRO C 125 15.49 36.27 1.53
N LYS C 126 14.88 36.02 2.70
CA LYS C 126 14.65 34.67 3.19
C LYS C 126 13.21 34.22 2.97
N ALA C 127 12.28 35.16 3.07
CA ALA C 127 10.83 34.88 3.04
C ALA C 127 10.04 36.10 2.56
N ILE C 128 8.96 35.82 1.82
CA ILE C 128 7.92 36.80 1.48
C ILE C 128 6.59 36.28 2.02
N GLU C 129 5.76 37.20 2.53
CA GLU C 129 4.63 36.82 3.38
C GLU C 129 3.51 37.84 3.46
N SER C 130 2.29 37.32 3.54
CA SER C 130 1.13 38.11 3.86
C SER C 130 0.21 37.18 4.63
N VAL C 131 -0.63 37.77 5.48
CA VAL C 131 -1.68 37.00 6.15
C VAL C 131 -2.74 36.62 5.13
N ALA C 132 -3.53 35.61 5.48
CA ALA C 132 -4.60 35.13 4.65
C ALA C 132 -5.55 34.42 5.60
N LEU C 133 -6.64 33.88 5.06
CA LEU C 133 -7.59 33.11 5.85
C LEU C 133 -7.12 31.67 6.02
N ILE C 134 -6.74 31.33 7.25
CA ILE C 134 -6.32 30.00 7.62
C ILE C 134 -7.49 29.33 8.33
N TYR C 135 -7.93 28.18 7.82
CA TYR C 135 -9.11 27.54 8.40
C TYR C 135 -8.95 26.07 8.70
N ASN C 136 -9.66 25.61 9.73
CA ASN C 136 -9.67 24.22 10.12
C ASN C 136 -10.71 23.46 9.28
N LYS C 137 -10.22 22.63 8.36
CA LYS C 137 -11.11 21.93 7.43
C LYS C 137 -12.19 21.04 8.07
N LYS C 138 -12.05 20.69 9.35
CA LYS C 138 -13.10 19.90 10.00
C LYS C 138 -14.13 20.75 10.75
N LEU C 139 -13.98 22.07 10.63
CA LEU C 139 -14.88 23.05 11.23
C LEU C 139 -15.52 23.95 10.17
N MET C 140 -14.80 24.15 9.06
CA MET C 140 -15.25 25.03 8.00
C MET C 140 -15.02 24.36 6.64
N GLY C 141 -16.12 23.91 6.03
CA GLY C 141 -16.11 23.22 4.76
C GLY C 141 -15.62 24.13 3.66
N GLN C 142 -16.24 25.30 3.55
CA GLN C 142 -15.83 26.32 2.57
C GLN C 142 -15.84 27.72 3.20
N VAL C 143 -14.97 28.58 2.67
CA VAL C 143 -14.80 29.94 3.17
C VAL C 143 -15.97 30.86 2.81
N PRO C 144 -16.35 31.77 3.74
CA PRO C 144 -17.34 32.80 3.44
C PRO C 144 -16.94 33.57 2.19
N ALA C 145 -17.90 33.89 1.34
CA ALA C 145 -17.59 34.48 0.02
C ALA C 145 -17.32 35.99 0.07
N THR C 146 -17.70 36.62 1.19
CA THR C 146 -17.49 38.05 1.40
C THR C 146 -17.11 38.33 2.85
N TYR C 147 -16.50 39.49 3.10
CA TYR C 147 -16.18 39.96 4.45
C TYR C 147 -17.45 40.06 5.32
N ASP C 148 -18.49 40.70 4.79
CA ASP C 148 -19.78 40.80 5.48
C ASP C 148 -20.25 39.42 5.96
N GLU C 149 -20.21 38.44 5.07
CA GLU C 149 -20.53 37.06 5.42
C GLU C 149 -19.57 36.48 6.46
N LEU C 150 -18.27 36.78 6.32
CA LEU C 150 -17.26 36.33 7.28
C LEU C 150 -17.50 36.96 8.65
N PHE C 151 -17.89 38.23 8.69
CA PHE C 151 -18.21 38.89 9.95
C PHE C 151 -19.51 38.38 10.59
N GLN C 152 -20.54 38.16 9.76
CA GLN C 152 -21.79 37.54 10.24
C GLN C 152 -21.53 36.14 10.80
N TYR C 153 -20.66 35.38 10.10
CA TYR C 153 -20.19 34.08 10.58
C TYR C 153 -19.50 34.25 11.92
N ALA C 154 -18.66 35.28 12.02
CA ALA C 154 -17.96 35.57 13.25
C ALA C 154 -18.97 35.85 14.35
N LYS C 155 -19.94 36.71 14.05
CA LYS C 155 -20.96 37.13 15.01
C LYS C 155 -21.77 35.97 15.59
N ALA C 156 -22.17 35.04 14.72
CA ALA C 156 -22.95 33.87 15.12
C ALA C 156 -22.14 32.87 15.94
N ASN C 157 -20.91 32.61 15.52
CA ASN C 157 -20.15 31.49 16.06
C ASN C 157 -19.18 31.83 17.19
N ASN C 158 -18.78 33.09 17.29
CA ASN C 158 -17.83 33.50 18.33
C ASN C 158 -18.43 33.45 19.72
N LYS C 159 -17.89 32.56 20.54
CA LYS C 159 -18.43 32.30 21.86
C LYS C 159 -17.27 32.15 22.85
N PRO C 160 -16.78 33.28 23.39
CA PRO C 160 -15.72 33.26 24.40
C PRO C 160 -16.20 32.65 25.72
N ASP C 161 -17.53 32.65 25.91
CA ASP C 161 -18.17 31.93 27.00
C ASP C 161 -17.67 30.49 26.97
N GLU C 162 -18.11 29.74 25.95
CA GLU C 162 -17.75 28.33 25.80
C GLU C 162 -16.38 28.12 25.15
N GLN C 163 -15.63 29.22 24.99
CA GLN C 163 -14.23 29.19 24.58
C GLN C 163 -13.99 28.75 23.12
N LYS C 164 -15.02 28.81 22.29
CA LYS C 164 -14.89 28.46 20.88
C LYS C 164 -15.19 29.67 19.98
N TYR C 165 -14.55 29.71 18.81
CA TYR C 165 -14.67 30.84 17.90
C TYR C 165 -14.89 30.38 16.46
N GLY C 166 -15.52 31.24 15.66
CA GLY C 166 -15.60 31.04 14.21
C GLY C 166 -14.47 31.78 13.48
N VAL C 167 -14.30 33.05 13.81
CA VAL C 167 -13.19 33.85 13.31
C VAL C 167 -12.49 34.51 14.50
N LEU C 168 -11.18 34.30 14.57
CA LEU C 168 -10.32 34.85 15.62
C LEU C 168 -9.01 35.33 15.00
N PHE C 169 -8.65 36.57 15.27
CA PHE C 169 -7.35 37.12 14.85
C PHE C 169 -6.92 38.28 15.75
N GLU C 170 -5.68 38.71 15.57
CA GLU C 170 -5.08 39.73 16.41
C GLU C 170 -5.63 41.11 16.06
N ALA C 171 -6.86 41.40 16.47
CA ALA C 171 -7.56 42.62 16.01
C ALA C 171 -7.09 43.92 16.67
N ASN C 172 -6.22 43.79 17.66
CA ASN C 172 -5.56 44.93 18.29
C ASN C 172 -4.17 45.17 17.68
N ASN C 173 -3.91 44.58 16.52
CA ASN C 173 -2.59 44.68 15.87
C ASN C 173 -2.74 45.28 14.48
N PHE C 174 -2.24 46.50 14.30
CA PHE C 174 -2.38 47.19 13.03
C PHE C 174 -1.84 46.42 11.82
N TYR C 175 -0.92 45.50 12.07
CA TYR C 175 -0.35 44.66 11.01
C TYR C 175 -1.40 43.73 10.44
N TYR C 176 -2.21 43.16 11.34
CA TYR C 176 -3.31 42.27 10.97
C TYR C 176 -4.55 43.04 10.46
N THR C 177 -4.91 44.14 11.13
CA THR C 177 -6.13 44.89 10.79
C THR C 177 -5.94 45.85 9.64
N TYR C 178 -4.70 46.02 9.17
CA TYR C 178 -4.42 46.96 8.10
C TYR C 178 -5.47 46.94 6.98
N PHE C 179 -5.82 45.73 6.51
CA PHE C 179 -6.78 45.60 5.39
C PHE C 179 -8.13 46.31 5.62
N LEU C 180 -8.53 46.46 6.89
CA LEU C 180 -9.77 47.12 7.22
C LEU C 180 -9.65 48.63 7.01
N PHE C 181 -8.46 49.18 7.27
CA PHE C 181 -8.20 50.59 6.95
C PHE C 181 -8.06 50.80 5.45
N ALA C 182 -7.40 49.86 4.77
CA ALA C 182 -7.19 50.01 3.33
C ALA C 182 -8.48 49.89 2.49
N ALA C 183 -9.46 49.15 3.00
CA ALA C 183 -10.75 49.02 2.29
C ALA C 183 -11.54 50.33 2.33
N LYS C 184 -11.28 51.14 3.35
CA LYS C 184 -11.93 52.44 3.49
C LYS C 184 -11.16 53.55 2.78
N GLY C 185 -10.01 53.19 2.20
CA GLY C 185 -9.18 54.13 1.45
C GLY C 185 -8.12 54.85 2.27
N ALA C 186 -7.92 54.41 3.51
CA ALA C 186 -6.92 54.97 4.41
C ALA C 186 -5.51 54.50 4.07
N ALA C 187 -4.51 55.30 4.43
CA ALA C 187 -3.12 54.93 4.19
C ALA C 187 -2.24 55.44 5.33
N VAL C 188 -1.14 54.74 5.57
CA VAL C 188 -0.15 55.14 6.57
C VAL C 188 0.47 56.50 6.21
N PHE C 189 0.87 56.62 4.96
CA PHE C 189 1.43 57.86 4.42
C PHE C 189 0.69 58.19 3.13
N LYS C 190 0.34 59.47 2.98
CA LYS C 190 -0.39 59.95 1.80
C LYS C 190 0.37 59.70 0.50
N GLU C 191 -0.38 59.53 -0.59
CA GLU C 191 0.19 59.17 -1.89
C GLU C 191 1.19 60.19 -2.43
N GLN C 192 0.68 61.27 -3.02
CA GLN C 192 1.50 62.31 -3.68
C GLN C 192 2.53 61.71 -4.65
N ASP C 193 2.04 61.00 -5.67
CA ASP C 193 2.86 60.31 -6.66
C ASP C 193 4.03 59.51 -6.06
N GLY C 194 3.71 58.61 -5.13
CA GLY C 194 4.72 57.79 -4.44
C GLY C 194 4.65 57.85 -2.91
N THR C 195 3.99 56.86 -2.30
CA THR C 195 3.82 56.74 -0.83
C THR C 195 5.18 56.86 -0.13
N LEU C 196 5.61 58.11 0.06
CA LEU C 196 6.93 58.43 0.61
C LEU C 196 6.89 59.55 1.67
N ASP C 197 6.08 60.58 1.41
CA ASP C 197 6.11 61.81 2.20
C ASP C 197 6.04 61.59 3.72
N PRO C 198 7.17 61.84 4.42
CA PRO C 198 7.34 61.56 5.85
C PRO C 198 6.22 62.14 6.73
N ASN C 199 6.11 63.47 6.77
CA ASN C 199 5.17 64.15 7.67
C ASN C 199 3.73 64.23 7.14
N GLU C 200 3.38 63.32 6.23
CA GLU C 200 2.00 63.10 5.89
C GLU C 200 1.55 61.72 6.38
N ILE C 201 1.46 61.58 7.70
CA ILE C 201 0.74 60.46 8.32
C ILE C 201 -0.71 60.60 7.87
N GLY C 202 -1.40 59.48 7.70
CA GLY C 202 -2.77 59.51 7.22
C GLY C 202 -3.72 58.78 8.13
N LEU C 203 -3.24 58.44 9.32
CA LEU C 203 -3.95 57.54 10.23
C LEU C 203 -5.01 58.19 11.12
N ASN C 204 -5.29 59.47 10.91
CA ASN C 204 -6.40 60.15 11.59
C ASN C 204 -7.30 60.92 10.61
N SER C 205 -7.17 60.59 9.33
CA SER C 205 -8.10 61.05 8.30
C SER C 205 -9.48 60.47 8.57
N PRO C 206 -10.55 61.04 7.98
CA PRO C 206 -11.86 60.41 8.17
C PRO C 206 -11.88 58.94 7.70
N GLU C 207 -11.17 58.64 6.62
CA GLU C 207 -10.98 57.26 6.13
C GLU C 207 -10.50 56.28 7.20
N ALA C 208 -9.49 56.69 7.96
CA ALA C 208 -8.89 55.84 8.98
C ALA C 208 -9.81 55.61 10.17
N VAL C 209 -10.61 56.63 10.50
CA VAL C 209 -11.64 56.52 11.54
C VAL C 209 -12.64 55.43 11.14
N GLN C 210 -13.10 55.48 9.89
CA GLN C 210 -13.97 54.45 9.33
C GLN C 210 -13.34 53.07 9.45
N GLY C 211 -12.05 52.99 9.11
CA GLY C 211 -11.28 51.76 9.31
C GLY C 211 -11.28 51.28 10.74
N MET C 212 -10.92 52.17 11.67
CA MET C 212 -10.94 51.84 13.09
C MET C 212 -12.36 51.50 13.58
N ASN C 213 -13.37 52.03 12.89
CA ASN C 213 -14.75 51.60 13.13
C ASN C 213 -14.95 50.10 12.90
N GLU C 214 -14.33 49.56 11.86
CA GLU C 214 -14.41 48.12 11.58
C GLU C 214 -13.74 47.28 12.67
N VAL C 215 -12.50 47.64 12.98
CA VAL C 215 -11.78 46.99 14.05
C VAL C 215 -12.65 46.87 15.29
N GLN C 216 -13.27 47.99 15.67
CA GLN C 216 -14.06 48.07 16.88
C GLN C 216 -15.21 47.06 16.90
N LYS C 217 -15.85 46.87 15.75
CA LYS C 217 -16.95 45.91 15.62
C LYS C 217 -16.55 44.49 16.02
N TRP C 218 -15.30 44.10 15.73
CA TRP C 218 -14.77 42.80 16.15
C TRP C 218 -14.77 42.64 17.68
N PHE C 219 -14.72 43.76 18.39
CA PHE C 219 -14.69 43.74 19.84
C PHE C 219 -16.08 43.99 20.40
N THR C 220 -16.86 44.77 19.65
CA THR C 220 -18.23 45.12 20.01
C THR C 220 -19.25 44.02 19.70
N GLU C 221 -19.18 43.48 18.48
CA GLU C 221 -20.20 42.59 17.92
C GLU C 221 -19.74 41.14 17.78
N ALA C 222 -18.45 40.96 17.54
CA ALA C 222 -17.86 39.63 17.36
C ALA C 222 -17.18 39.13 18.63
N ARG C 223 -17.34 39.89 19.72
CA ARG C 223 -16.94 39.48 21.08
C ARG C 223 -15.50 38.95 21.29
N LEU C 224 -14.53 39.52 20.57
CA LEU C 224 -13.12 39.13 20.68
C LEU C 224 -12.50 39.61 21.98
N PRO C 225 -11.64 38.76 22.59
CA PRO C 225 -11.11 39.03 23.93
C PRO C 225 -10.31 40.32 24.02
N GLN C 226 -10.24 40.85 25.25
CA GLN C 226 -9.69 42.17 25.55
C GLN C 226 -8.24 42.41 25.08
N SER C 227 -7.26 41.71 25.64
CA SER C 227 -5.85 41.97 25.32
C SER C 227 -5.15 40.84 24.56
N LEU C 228 -5.58 40.65 23.31
CA LEU C 228 -5.09 39.58 22.43
C LEU C 228 -3.59 39.64 22.14
N LYS C 229 -2.98 38.45 22.07
CA LYS C 229 -1.64 38.28 21.51
C LYS C 229 -1.59 37.03 20.62
N ALA C 230 -0.47 36.81 19.95
CA ALA C 230 -0.30 35.69 19.03
C ALA C 230 -0.61 34.32 19.67
N ASP C 231 0.00 34.03 20.82
CA ASP C 231 -0.21 32.74 21.51
C ASP C 231 -1.68 32.41 21.75
N THR C 232 -2.47 33.44 22.09
CA THR C 232 -3.91 33.28 22.33
C THR C 232 -4.62 32.80 21.07
N VAL C 233 -4.29 33.40 19.93
CA VAL C 233 -4.87 33.01 18.65
C VAL C 233 -4.39 31.61 18.26
N ASN C 234 -3.08 31.39 18.35
CA ASN C 234 -2.47 30.11 18.00
C ASN C 234 -2.88 28.96 18.92
N GLY C 235 -2.85 29.20 20.24
CA GLY C 235 -3.32 28.23 21.22
C GLY C 235 -4.74 27.75 20.95
N LEU C 236 -5.68 28.68 20.84
CA LEU C 236 -7.08 28.35 20.61
C LEU C 236 -7.36 27.67 19.27
N PHE C 237 -6.65 28.09 18.23
CA PHE C 237 -6.80 27.47 16.92
C PHE C 237 -6.25 26.04 16.89
N LYS C 238 -5.14 25.81 17.57
CA LYS C 238 -4.51 24.49 17.62
C LYS C 238 -5.30 23.48 18.44
N SER C 239 -6.05 23.95 19.44
CA SER C 239 -6.89 23.08 20.26
C SER C 239 -8.27 22.85 19.63
N GLY C 240 -8.37 23.11 18.33
CA GLY C 240 -9.58 22.83 17.56
C GLY C 240 -10.82 23.63 17.91
N LYS C 241 -10.62 24.79 18.55
CA LYS C 241 -11.73 25.66 18.97
C LYS C 241 -12.17 26.64 17.90
N VAL C 242 -11.26 26.96 16.96
CA VAL C 242 -11.47 28.05 16.01
C VAL C 242 -11.57 27.57 14.56
N ALA C 243 -12.63 28.01 13.89
CA ALA C 243 -12.90 27.67 12.50
C ALA C 243 -11.92 28.34 11.55
N ALA C 244 -11.58 29.59 11.82
CA ALA C 244 -10.67 30.36 10.97
C ALA C 244 -9.93 31.48 11.69
N VAL C 245 -8.66 31.64 11.35
CA VAL C 245 -7.86 32.78 11.81
C VAL C 245 -7.37 33.59 10.63
N ILE C 246 -7.02 34.84 10.87
CA ILE C 246 -6.26 35.59 9.89
C ILE C 246 -4.83 35.57 10.37
N ASN C 247 -3.99 34.82 9.64
CA ASN C 247 -2.62 34.61 10.02
C ASN C 247 -1.73 34.26 8.83
N GLY C 248 -0.44 34.05 9.09
CA GLY C 248 0.55 33.93 8.02
C GLY C 248 1.23 32.59 7.87
N PRO C 249 2.03 32.43 6.81
CA PRO C 249 2.74 31.19 6.51
C PRO C 249 3.58 30.68 7.68
N TRP C 250 4.13 31.60 8.46
CA TRP C 250 4.95 31.24 9.62
C TRP C 250 4.18 30.37 10.63
N ALA C 251 2.86 30.27 10.47
CA ALA C 251 2.01 29.60 11.44
C ALA C 251 1.69 28.15 11.08
N ILE C 252 1.88 27.80 9.80
CA ILE C 252 1.41 26.54 9.24
C ILE C 252 2.01 25.32 9.95
N LYS C 253 3.33 25.32 10.13
CA LYS C 253 4.04 24.17 10.69
C LYS C 253 3.49 23.77 12.05
N ASP C 254 3.33 24.76 12.91
CA ASP C 254 2.85 24.58 14.27
C ASP C 254 1.40 24.12 14.31
N TYR C 255 0.59 24.65 13.39
CA TYR C 255 -0.80 24.24 13.24
C TYR C 255 -0.91 22.79 12.78
N GLN C 256 -0.09 22.43 11.79
CA GLN C 256 -0.09 21.06 11.24
C GLN C 256 0.35 20.01 12.26
N ALA C 257 1.35 20.35 13.07
CA ALA C 257 1.88 19.45 14.09
C ALA C 257 0.91 19.24 15.27
N ALA C 258 -0.15 20.04 15.33
CA ALA C 258 -1.17 19.92 16.37
C ALA C 258 -2.36 19.13 15.85
N GLY C 259 -2.24 18.60 14.64
CA GLY C 259 -3.23 17.70 14.05
C GLY C 259 -4.27 18.35 13.18
N ILE C 260 -4.14 19.66 12.95
CA ILE C 260 -5.14 20.41 12.21
C ILE C 260 -4.97 20.20 10.70
N ASN C 261 -6.04 19.72 10.07
CA ASN C 261 -6.13 19.70 8.61
C ASN C 261 -6.40 21.14 8.17
N VAL C 262 -5.36 21.84 7.74
CA VAL C 262 -5.45 23.27 7.49
C VAL C 262 -5.73 23.59 6.03
N GLY C 263 -6.67 24.51 5.82
CA GLY C 263 -6.89 25.09 4.52
C GLY C 263 -6.39 26.51 4.56
N VAL C 264 -6.17 27.09 3.39
CA VAL C 264 -5.72 28.46 3.28
C VAL C 264 -6.37 29.15 2.07
N ALA C 265 -7.05 30.27 2.32
CA ALA C 265 -7.69 31.03 1.27
C ALA C 265 -7.37 32.51 1.44
N PRO C 266 -7.44 33.28 0.34
CA PRO C 266 -7.32 34.72 0.49
C PRO C 266 -8.46 35.27 1.33
N LEU C 267 -8.21 36.38 2.01
CA LEU C 267 -9.25 37.11 2.73
C LEU C 267 -10.42 37.35 1.79
N PRO C 268 -11.65 36.95 2.21
CA PRO C 268 -12.86 37.19 1.40
C PRO C 268 -13.05 38.66 1.05
N LYS C 269 -13.35 38.93 -0.22
CA LYS C 269 -13.47 40.30 -0.75
C LYS C 269 -14.33 41.19 0.13
N ILE C 270 -13.79 42.38 0.39
CA ILE C 270 -14.40 43.36 1.29
C ILE C 270 -14.85 44.57 0.48
N ASP C 271 -16.04 45.09 0.78
CA ASP C 271 -16.62 46.24 0.06
C ASP C 271 -16.58 46.07 -1.47
N GLY C 272 -16.51 44.81 -1.91
CA GLY C 272 -16.40 44.50 -3.34
C GLY C 272 -15.02 44.22 -3.90
N LYS C 273 -13.96 44.68 -3.22
CA LYS C 273 -12.59 44.55 -3.71
C LYS C 273 -11.83 43.42 -3.02
N ASP C 274 -10.75 42.95 -3.65
CA ASP C 274 -9.75 42.13 -2.96
C ASP C 274 -9.28 42.88 -1.72
N ALA C 275 -9.11 42.15 -0.61
CA ALA C 275 -8.49 42.72 0.57
C ALA C 275 -7.03 43.10 0.29
N GLN C 276 -6.69 44.34 0.61
CA GLN C 276 -5.33 44.86 0.43
C GLN C 276 -4.54 44.70 1.75
N THR C 277 -3.87 43.55 1.91
CA THR C 277 -3.06 43.27 3.11
C THR C 277 -1.65 43.86 3.02
N PHE C 278 -0.90 43.78 4.12
CA PHE C 278 0.52 44.11 4.10
C PHE C 278 1.37 42.97 3.53
N ILE C 279 2.36 43.32 2.72
CA ILE C 279 3.38 42.37 2.29
C ILE C 279 4.61 42.59 3.17
N GLY C 280 5.14 41.50 3.70
CA GLY C 280 6.37 41.54 4.46
C GLY C 280 7.47 40.77 3.77
N VAL C 281 8.69 41.31 3.79
CA VAL C 281 9.84 40.58 3.31
C VAL C 281 10.89 40.48 4.43
N LYS C 282 11.32 39.25 4.70
CA LYS C 282 12.32 38.97 5.73
C LYS C 282 13.67 38.69 5.10
N GLY C 283 14.64 39.55 5.40
CA GLY C 283 15.96 39.42 4.79
C GLY C 283 17.07 39.22 5.79
N TRP C 284 18.23 38.82 5.29
CA TRP C 284 19.47 38.83 6.07
C TRP C 284 20.12 40.19 5.86
N TYR C 285 20.55 40.81 6.96
CA TYR C 285 21.22 42.11 6.89
C TYR C 285 22.63 42.11 7.47
N LEU C 286 23.50 42.91 6.87
CA LEU C 286 24.89 43.04 7.28
C LEU C 286 25.07 44.19 8.25
N SER C 287 25.44 43.87 9.49
CA SER C 287 25.70 44.86 10.54
C SER C 287 26.80 45.83 10.12
N ALA C 288 26.59 47.12 10.37
CA ALA C 288 27.56 48.16 10.00
C ALA C 288 28.80 48.06 10.90
N TYR C 289 28.69 47.24 11.94
CA TYR C 289 29.78 47.04 12.89
C TYR C 289 30.57 45.74 12.68
N SER C 290 30.06 44.83 11.86
CA SER C 290 30.76 43.56 11.57
C SER C 290 32.21 43.81 11.22
N LYS C 291 33.10 43.04 11.86
CA LYS C 291 34.54 43.16 11.62
C LYS C 291 34.98 42.44 10.34
N TYR C 292 34.08 41.63 9.78
CA TYR C 292 34.39 40.81 8.61
C TYR C 292 33.27 40.91 7.54
N PRO C 293 33.11 42.08 6.92
CA PRO C 293 31.99 42.30 5.98
C PRO C 293 31.99 41.38 4.77
N LYS C 294 33.17 41.10 4.21
CA LYS C 294 33.27 40.31 2.99
C LYS C 294 32.87 38.85 3.21
N TYR C 295 33.30 38.25 4.31
CA TYR C 295 32.98 36.86 4.66
C TYR C 295 31.52 36.67 5.13
N ALA C 296 30.97 37.71 5.74
CA ALA C 296 29.60 37.64 6.22
C ALA C 296 28.61 37.69 5.07
N THR C 297 28.97 38.45 4.04
CA THR C 297 28.20 38.52 2.78
C THR C 297 28.20 37.17 2.05
N GLU C 298 29.33 36.48 2.11
CA GLU C 298 29.46 35.15 1.50
C GLU C 298 28.56 34.14 2.18
N LEU C 299 28.50 34.24 3.51
CA LEU C 299 27.61 33.41 4.31
C LEU C 299 26.16 33.73 3.98
N MET C 300 25.88 35.01 3.76
CA MET C 300 24.55 35.48 3.38
C MET C 300 24.09 34.84 2.05
N GLN C 301 24.99 34.78 1.06
CA GLN C 301 24.68 34.11 -0.21
C GLN C 301 24.40 32.61 0.00
N PHE C 302 25.19 31.99 0.87
CA PHE C 302 25.11 30.56 1.16
C PHE C 302 23.81 30.17 1.88
N LEU C 303 23.24 31.12 2.61
CA LEU C 303 22.02 30.87 3.38
C LEU C 303 20.77 31.14 2.53
N THR C 304 20.97 31.89 1.44
CA THR C 304 19.89 32.26 0.54
C THR C 304 20.04 31.65 -0.86
N SER C 305 20.78 30.55 -0.94
CA SER C 305 20.96 29.86 -2.21
C SER C 305 19.70 29.07 -2.55
N LYS C 306 19.51 28.78 -3.83
CA LYS C 306 18.35 28.02 -4.30
C LYS C 306 18.12 26.77 -3.44
N GLU C 307 19.20 26.04 -3.16
CA GLU C 307 19.16 24.82 -2.35
C GLU C 307 18.87 25.06 -0.86
N ALA C 308 19.35 26.19 -0.32
CA ALA C 308 19.12 26.51 1.10
C ALA C 308 17.69 26.94 1.37
N LEU C 309 17.14 27.70 0.42
CA LEU C 309 15.79 28.21 0.52
C LEU C 309 14.77 27.13 0.23
N ALA C 310 15.19 26.12 -0.54
CA ALA C 310 14.35 24.95 -0.80
C ALA C 310 14.17 24.18 0.48
N SER C 311 15.29 23.96 1.18
CA SER C 311 15.28 23.36 2.50
C SER C 311 14.55 24.24 3.52
N ARG C 312 14.72 25.55 3.41
CA ARG C 312 14.06 26.47 4.34
C ARG C 312 12.55 26.41 4.21
N PHE C 313 12.06 26.41 2.98
CA PHE C 313 10.62 26.28 2.76
C PHE C 313 10.07 24.96 3.28
N LYS C 314 10.75 23.85 2.96
CA LYS C 314 10.28 22.52 3.37
C LYS C 314 10.20 22.43 4.89
N GLU C 315 11.20 22.97 5.57
CA GLU C 315 11.26 22.91 7.04
C GLU C 315 10.44 23.98 7.80
N THR C 316 10.38 25.20 7.26
CA THR C 316 9.80 26.33 8.02
C THR C 316 8.42 26.73 7.50
N GLY C 317 8.15 26.38 6.25
CA GLY C 317 6.90 26.74 5.61
C GLY C 317 6.88 28.16 5.07
N GLU C 318 7.97 28.90 5.28
CA GLU C 318 8.05 30.29 4.83
C GLU C 318 8.44 30.38 3.37
N ILE C 319 7.71 31.20 2.60
CA ILE C 319 7.83 31.26 1.14
C ILE C 319 9.11 31.99 0.69
N PRO C 320 10.07 31.25 0.10
CA PRO C 320 11.28 31.91 -0.38
C PRO C 320 10.98 32.69 -1.65
N PRO C 321 11.30 34.00 -1.67
CA PRO C 321 11.01 34.78 -2.86
C PRO C 321 12.08 34.61 -3.94
N GLN C 322 12.51 33.37 -4.14
CA GLN C 322 13.38 32.99 -5.25
C GLN C 322 12.52 32.74 -6.48
N LYS C 323 12.82 33.43 -7.58
CA LYS C 323 12.04 33.27 -8.82
C LYS C 323 11.77 31.82 -9.19
N GLU C 324 12.81 30.99 -9.10
CA GLU C 324 12.76 29.58 -9.50
C GLU C 324 11.97 28.70 -8.53
N LEU C 325 12.15 28.90 -7.23
CA LEU C 325 11.41 28.18 -6.19
C LEU C 325 9.91 28.54 -6.17
N LEU C 326 9.62 29.83 -6.37
CA LEU C 326 8.24 30.33 -6.45
C LEU C 326 7.47 29.66 -7.58
N ASN C 327 8.20 29.28 -8.64
CA ASN C 327 7.62 28.69 -9.83
C ASN C 327 7.49 27.18 -9.75
N ASP C 328 8.32 26.57 -8.92
CA ASP C 328 8.25 25.13 -8.65
C ASP C 328 6.87 24.77 -8.05
N PRO C 329 6.19 23.76 -8.64
CA PRO C 329 4.98 23.13 -8.11
C PRO C 329 4.89 23.10 -6.58
N MET C 330 6.03 22.84 -5.95
CA MET C 330 6.22 22.85 -4.49
C MET C 330 5.50 24.02 -3.81
N ILE C 331 5.50 25.17 -4.46
CA ILE C 331 4.96 26.42 -3.94
C ILE C 331 3.78 26.94 -4.78
N LYS C 332 3.96 27.02 -6.11
CA LYS C 332 2.95 27.58 -7.01
C LYS C 332 1.62 26.82 -7.00
N ASN C 333 1.70 25.49 -6.93
CA ASN C 333 0.52 24.64 -7.08
C ASN C 333 0.03 24.02 -5.78
N ASN C 334 0.74 24.30 -4.70
CA ASN C 334 0.42 23.70 -3.40
C ASN C 334 -0.70 24.48 -2.72
N PRO C 335 -1.86 23.83 -2.50
CA PRO C 335 -3.08 24.47 -2.01
C PRO C 335 -2.94 25.23 -0.68
N VAL C 336 -2.03 24.78 0.18
CA VAL C 336 -1.79 25.50 1.44
C VAL C 336 -1.07 26.82 1.17
N VAL C 337 0.15 26.73 0.66
CA VAL C 337 0.97 27.87 0.27
C VAL C 337 0.23 28.80 -0.71
N ASN C 338 -0.50 28.19 -1.64
CA ASN C 338 -1.27 28.87 -2.68
C ASN C 338 -2.09 30.09 -2.23
N GLY C 339 -2.87 29.91 -1.15
CA GLY C 339 -3.71 31.00 -0.61
C GLY C 339 -2.94 32.23 -0.15
N PHE C 340 -1.82 32.00 0.54
CA PHE C 340 -0.95 33.09 1.00
C PHE C 340 -0.40 33.89 -0.17
N ALA C 341 0.01 33.18 -1.22
CA ALA C 341 0.58 33.80 -2.42
C ALA C 341 -0.46 34.60 -3.22
N LYS C 342 -1.69 34.07 -3.30
CA LYS C 342 -2.80 34.81 -3.93
C LYS C 342 -3.08 36.13 -3.20
N GLN C 343 -3.17 36.05 -1.88
CA GLN C 343 -3.39 37.21 -1.03
C GLN C 343 -2.25 38.21 -1.16
N ALA C 344 -1.01 37.71 -1.08
CA ALA C 344 0.18 38.55 -1.20
C ALA C 344 0.26 39.31 -2.51
N SER C 345 -0.28 38.74 -3.58
CA SER C 345 -0.29 39.39 -4.89
C SER C 345 -1.25 40.59 -4.95
N LYS C 346 -2.20 40.63 -4.00
CA LYS C 346 -3.14 41.75 -3.87
C LYS C 346 -2.71 42.76 -2.79
N GLY C 347 -1.59 42.48 -2.11
CA GLY C 347 -1.16 43.31 -1.01
C GLY C 347 -0.31 44.50 -1.41
N VAL C 348 0.13 45.26 -0.41
CA VAL C 348 1.16 46.29 -0.60
C VAL C 348 2.30 46.08 0.40
N PRO C 349 3.56 46.21 -0.06
CA PRO C 349 4.66 46.09 0.91
C PRO C 349 4.55 47.16 2.00
N MET C 350 4.79 46.76 3.24
CA MET C 350 4.89 47.74 4.33
C MET C 350 5.82 48.89 3.92
N PRO C 351 5.45 50.14 4.23
CA PRO C 351 6.44 51.22 4.10
C PRO C 351 7.78 50.87 4.76
N SER C 352 8.87 51.38 4.20
CA SER C 352 10.18 51.18 4.81
C SER C 352 10.93 52.50 5.01
N ILE C 353 10.21 53.61 4.85
CA ILE C 353 10.76 54.94 5.14
C ILE C 353 11.01 55.03 6.66
N PRO C 354 12.12 55.66 7.08
CA PRO C 354 12.49 55.70 8.51
C PRO C 354 11.35 56.07 9.48
N GLU C 355 10.45 56.98 9.09
CA GLU C 355 9.35 57.37 9.98
C GLU C 355 8.38 56.23 10.26
N MET C 356 8.40 55.21 9.42
CA MET C 356 7.65 53.98 9.71
C MET C 356 8.02 53.46 11.09
N GLY C 357 9.28 53.63 11.47
CA GLY C 357 9.77 53.23 12.79
C GLY C 357 9.16 53.93 13.99
N VAL C 358 8.19 54.81 13.74
CA VAL C 358 7.51 55.56 14.79
C VAL C 358 6.03 55.17 14.87
N VAL C 359 5.55 54.47 13.84
CA VAL C 359 4.13 54.09 13.71
C VAL C 359 3.60 53.00 14.67
N TRP C 360 4.30 51.88 14.80
CA TRP C 360 3.69 50.67 15.41
C TRP C 360 3.15 50.82 16.83
N GLU C 361 4.00 51.23 17.77
CA GLU C 361 3.58 51.42 19.16
C GLU C 361 2.31 52.30 19.32
N PRO C 362 2.34 53.56 18.83
CA PRO C 362 1.12 54.38 18.97
C PRO C 362 -0.15 53.74 18.38
N ILE C 363 -0.14 53.42 17.07
CA ILE C 363 -1.28 52.78 16.39
C ILE C 363 -1.85 51.54 17.10
N ASN C 364 -0.99 50.72 17.69
CA ASN C 364 -1.43 49.51 18.38
C ASN C 364 -1.98 49.82 19.76
N ASN C 365 -1.40 50.82 20.40
CA ASN C 365 -1.90 51.36 21.66
C ASN C 365 -3.32 51.86 21.45
N ALA C 366 -3.49 52.62 20.37
CA ALA C 366 -4.78 53.12 19.94
C ALA C 366 -5.78 51.98 19.74
N HIS C 367 -5.33 50.86 19.17
CA HIS C 367 -6.18 49.66 18.98
C HIS C 367 -6.68 49.13 20.31
N THR C 368 -5.78 49.04 21.28
CA THR C 368 -6.11 48.63 22.64
C THR C 368 -7.14 49.58 23.27
N PHE C 369 -6.99 50.87 23.04
CA PHE C 369 -7.88 51.87 23.65
C PHE C 369 -9.33 51.75 23.18
N VAL C 370 -9.52 51.42 21.90
CA VAL C 370 -10.85 51.21 21.36
C VAL C 370 -11.40 49.83 21.73
N ALA C 371 -10.54 48.81 21.67
CA ALA C 371 -10.93 47.45 22.07
C ALA C 371 -11.43 47.42 23.51
N GLN C 372 -10.77 48.16 24.39
CA GLN C 372 -11.17 48.28 25.80
C GLN C 372 -12.48 49.04 25.98
N GLY C 373 -12.75 49.99 25.09
CA GLY C 373 -13.91 50.85 25.19
C GLY C 373 -13.60 52.17 25.88
N LYS C 374 -12.30 52.47 26.02
CA LYS C 374 -11.85 53.66 26.74
C LYS C 374 -11.87 54.93 25.90
N GLN C 375 -11.53 54.82 24.63
CA GLN C 375 -11.55 55.98 23.74
C GLN C 375 -12.25 55.66 22.44
N THR C 376 -12.84 56.66 21.82
CA THR C 376 -13.47 56.49 20.51
C THR C 376 -12.38 56.29 19.47
N PRO C 377 -12.73 55.74 18.28
CA PRO C 377 -11.77 55.74 17.17
C PRO C 377 -11.16 57.12 16.92
N GLU C 378 -11.97 58.18 17.01
CA GLU C 378 -11.53 59.54 16.73
C GLU C 378 -10.43 60.06 17.66
N GLN C 379 -10.63 59.94 18.97
CA GLN C 379 -9.64 60.40 19.95
C GLN C 379 -8.36 59.55 19.87
N ALA C 380 -8.51 58.23 19.86
CA ALA C 380 -7.36 57.31 19.79
C ALA C 380 -6.44 57.58 18.59
N LEU C 381 -7.05 57.76 17.41
CA LEU C 381 -6.30 58.08 16.19
C LEU C 381 -5.76 59.51 16.15
N ASN C 382 -6.52 60.48 16.68
CA ASN C 382 -6.03 61.86 16.84
C ASN C 382 -4.79 61.90 17.74
N ASP C 383 -4.83 61.16 18.84
CA ASP C 383 -3.69 61.03 19.75
C ASP C 383 -2.51 60.35 19.05
N ALA C 384 -2.82 59.31 18.29
CA ALA C 384 -1.81 58.45 17.67
C ALA C 384 -0.90 59.21 16.74
N VAL C 385 -1.50 60.01 15.85
CA VAL C 385 -0.74 60.82 14.89
C VAL C 385 0.01 61.95 15.61
N LYS C 386 -0.57 62.42 16.71
CA LYS C 386 0.08 63.38 17.59
C LYS C 386 1.38 62.80 18.16
N ILE C 387 1.26 61.66 18.84
CA ILE C 387 2.42 60.96 19.41
C ILE C 387 3.43 60.56 18.31
N MET C 388 2.92 60.18 17.14
CA MET C 388 3.77 59.84 15.98
C MET C 388 4.61 61.02 15.52
N LYS C 389 3.95 62.15 15.27
CA LYS C 389 4.61 63.37 14.83
C LYS C 389 5.64 63.90 15.83
N GLU C 390 5.34 63.79 17.13
CA GLU C 390 6.26 64.15 18.22
C GLU C 390 7.58 63.38 18.19
N LYS C 391 7.49 62.08 17.91
CA LYS C 391 8.66 61.20 17.85
C LYS C 391 9.37 61.27 16.49
N ILE C 392 8.71 61.82 15.46
CA ILE C 392 9.36 62.10 14.18
C ILE C 392 10.41 63.19 14.40
N GLN C 393 10.07 64.14 15.26
CA GLN C 393 10.95 65.25 15.63
C GLN C 393 12.06 64.81 16.59
N THR C 394 11.80 63.71 17.32
CA THR C 394 12.80 63.08 18.18
C THR C 394 13.93 62.48 17.33
N MET C 395 13.57 61.98 16.14
CA MET C 395 14.55 61.40 15.20
C MET C 395 15.59 62.45 14.78
N LYS C 396 16.86 62.01 14.74
CA LYS C 396 18.09 62.84 14.61
C LYS C 396 17.98 64.19 13.91
N GLN C 397 18.66 65.19 14.52
CA GLN C 397 18.59 66.61 14.10
C GLN C 397 17.21 67.22 14.35
N LYS D 17 58.03 -11.66 20.68
CA LYS D 17 57.19 -11.58 19.45
C LYS D 17 55.74 -11.22 19.77
N PRO D 18 55.44 -9.89 19.84
CA PRO D 18 54.12 -9.40 20.27
C PRO D 18 53.06 -9.37 19.15
N ASP D 19 53.46 -9.75 17.94
CA ASP D 19 52.55 -9.68 16.80
C ASP D 19 51.34 -10.58 16.99
N LYS D 20 50.23 -9.93 17.36
CA LYS D 20 48.92 -10.56 17.44
C LYS D 20 47.91 -9.57 16.89
N LEU D 21 46.76 -10.07 16.46
CA LEU D 21 45.68 -9.23 16.00
C LEU D 21 44.48 -9.37 16.93
N VAL D 22 43.78 -8.27 17.16
CA VAL D 22 42.64 -8.28 18.08
C VAL D 22 41.33 -8.13 17.32
N VAL D 23 40.39 -9.01 17.63
CA VAL D 23 39.06 -8.98 17.02
C VAL D 23 37.97 -8.95 18.09
N TRP D 24 37.03 -8.01 17.95
CA TRP D 24 35.83 -7.99 18.79
C TRP D 24 34.65 -8.63 18.06
N GLU D 25 34.14 -9.73 18.63
CA GLU D 25 32.93 -10.37 18.12
C GLU D 25 31.81 -10.27 19.16
N ASN D 26 30.57 -10.37 18.69
CA ASN D 26 29.39 -10.32 19.56
C ASN D 26 29.49 -11.29 20.74
N ALA D 27 29.00 -10.86 21.89
CA ALA D 27 29.14 -11.63 23.12
C ALA D 27 27.93 -12.50 23.42
N ASP D 28 27.71 -13.55 22.62
CA ASP D 28 26.53 -14.40 22.77
C ASP D 28 26.79 -15.75 23.48
N ASP D 29 27.99 -15.91 24.03
CA ASP D 29 28.39 -17.15 24.73
C ASP D 29 28.02 -18.44 23.96
N GLY D 30 28.27 -18.42 22.65
CA GLY D 30 28.04 -19.59 21.84
C GLY D 30 28.27 -19.41 20.36
N VAL D 31 27.19 -19.58 19.61
CA VAL D 31 27.19 -19.77 18.17
C VAL D 31 27.98 -18.74 17.35
N GLN D 32 27.73 -17.45 17.59
CA GLN D 32 28.38 -16.37 16.84
C GLN D 32 29.83 -16.19 17.26
N LEU D 33 30.10 -16.35 18.56
CA LEU D 33 31.44 -16.21 19.10
C LEU D 33 32.33 -17.39 18.73
N ASN D 34 31.74 -18.58 18.68
CA ASN D 34 32.49 -19.81 18.39
C ASN D 34 32.98 -19.85 16.95
N ASN D 35 32.16 -19.37 16.02
CA ASN D 35 32.46 -19.44 14.59
C ASN D 35 33.66 -18.56 14.24
N THR D 36 33.71 -17.39 14.84
CA THR D 36 34.80 -16.45 14.63
C THR D 36 36.06 -16.93 15.34
N LYS D 37 35.89 -17.56 16.50
CA LYS D 37 37.03 -18.19 17.20
C LYS D 37 37.63 -19.36 16.42
N LYS D 38 36.76 -20.20 15.86
CA LYS D 38 37.19 -21.29 15.00
C LYS D 38 38.07 -20.72 13.88
N TRP D 39 37.50 -19.82 13.09
CA TRP D 39 38.18 -19.31 11.90
C TRP D 39 39.39 -18.45 12.18
N ALA D 40 39.34 -17.66 13.25
CA ALA D 40 40.51 -16.91 13.71
C ALA D 40 41.64 -17.84 14.16
N GLY D 41 41.28 -19.06 14.56
CA GLY D 41 42.23 -20.08 14.99
C GLY D 41 42.72 -20.90 13.81
N GLU D 42 42.02 -20.76 12.69
CA GLU D 42 42.38 -21.39 11.44
C GLU D 42 43.33 -20.46 10.67
N PHE D 43 43.21 -19.16 10.95
CA PHE D 43 44.11 -18.14 10.42
C PHE D 43 45.44 -18.18 11.18
N THR D 44 45.42 -18.69 12.40
CA THR D 44 46.65 -18.86 13.19
C THR D 44 47.48 -20.07 12.73
N LYS D 45 46.82 -21.20 12.48
CA LYS D 45 47.48 -22.34 11.84
C LYS D 45 48.23 -21.88 10.60
N LYS D 46 47.52 -21.21 9.69
CA LYS D 46 48.04 -20.82 8.38
C LYS D 46 49.21 -19.82 8.46
N THR D 47 48.96 -18.69 9.12
CA THR D 47 49.89 -17.56 9.14
C THR D 47 50.85 -17.54 10.33
N GLY D 48 50.50 -18.23 11.41
CA GLY D 48 51.25 -18.13 12.65
C GLY D 48 50.99 -16.86 13.44
N ILE D 49 50.17 -15.97 12.88
CA ILE D 49 49.78 -14.72 13.54
C ILE D 49 48.70 -15.02 14.59
N GLN D 50 48.96 -14.66 15.85
CA GLN D 50 48.02 -14.88 16.94
C GLN D 50 46.81 -13.95 16.82
N VAL D 51 45.61 -14.52 16.88
CA VAL D 51 44.40 -13.72 16.84
C VAL D 51 43.64 -13.91 18.13
N GLU D 52 43.41 -12.81 18.86
CA GLU D 52 42.62 -12.84 20.09
C GLU D 52 41.20 -12.37 19.80
N VAL D 53 40.22 -13.21 20.17
CA VAL D 53 38.79 -12.87 20.05
C VAL D 53 38.20 -12.49 21.41
N VAL D 54 37.64 -11.28 21.47
CA VAL D 54 37.11 -10.70 22.70
C VAL D 54 35.60 -10.54 22.55
N PRO D 55 34.82 -11.18 23.45
CA PRO D 55 33.36 -11.04 23.33
C PRO D 55 32.90 -9.64 23.75
N VAL D 56 32.30 -8.90 22.83
CA VAL D 56 31.84 -7.54 23.10
C VAL D 56 30.48 -7.34 22.47
N ALA D 57 29.47 -7.03 23.30
CA ALA D 57 28.09 -6.90 22.82
C ALA D 57 28.03 -6.00 21.60
N LEU D 58 27.52 -6.55 20.50
CA LEU D 58 27.46 -5.92 19.20
C LEU D 58 27.12 -4.44 19.17
N LEU D 59 26.08 -4.04 19.93
CA LEU D 59 25.58 -2.66 19.86
C LEU D 59 26.27 -1.73 20.86
N LYS D 60 27.27 -2.26 21.54
CA LYS D 60 28.11 -1.52 22.47
C LYS D 60 29.54 -1.38 21.95
N GLN D 61 29.84 -2.06 20.83
CA GLN D 61 31.19 -2.07 20.27
C GLN D 61 31.67 -0.71 19.80
N GLN D 62 30.82 -0.01 19.05
CA GLN D 62 31.10 1.36 18.60
C GLN D 62 31.46 2.30 19.76
N GLU D 63 30.64 2.30 20.81
CA GLU D 63 30.96 3.06 22.03
C GLU D 63 32.31 2.63 22.64
N LYS D 64 32.54 1.32 22.70
CA LYS D 64 33.80 0.81 23.24
C LYS D 64 35.04 1.28 22.44
N LEU D 65 34.89 1.36 21.11
CA LEU D 65 36.00 1.80 20.26
C LEU D 65 36.28 3.29 20.42
N THR D 66 35.22 4.08 20.64
CA THR D 66 35.33 5.51 20.92
C THR D 66 36.27 5.73 22.10
N LEU D 67 36.18 4.80 23.05
CA LEU D 67 36.91 4.81 24.30
C LEU D 67 38.33 4.25 24.07
N ASP D 68 38.42 2.96 23.75
CA ASP D 68 39.69 2.24 23.67
C ASP D 68 40.58 2.62 22.49
N GLY D 69 39.94 3.03 21.38
CA GLY D 69 40.63 3.28 20.13
C GLY D 69 41.82 4.21 20.27
N PRO D 70 41.55 5.50 20.49
CA PRO D 70 42.62 6.48 20.71
C PRO D 70 43.55 6.17 21.89
N ALA D 71 43.08 5.29 22.80
CA ALA D 71 43.88 4.89 23.96
C ALA D 71 44.89 3.78 23.63
N GLY D 72 44.91 3.36 22.36
CA GLY D 72 45.83 2.31 21.91
C GLY D 72 45.50 0.92 22.44
N LYS D 73 44.22 0.68 22.73
CA LYS D 73 43.77 -0.59 23.29
C LYS D 73 42.56 -1.20 22.57
N GLY D 74 42.16 -0.56 21.48
CA GLY D 74 41.05 -1.02 20.66
C GLY D 74 41.43 -2.14 19.70
N ALA D 75 40.43 -2.93 19.32
CA ALA D 75 40.60 -4.03 18.37
C ALA D 75 40.96 -3.55 16.96
N ASP D 76 41.63 -4.42 16.22
CA ASP D 76 41.88 -4.20 14.80
C ASP D 76 40.58 -4.30 14.00
N LEU D 77 39.81 -5.36 14.25
CA LEU D 77 38.58 -5.61 13.52
C LEU D 77 37.36 -5.62 14.44
N VAL D 78 36.40 -4.75 14.13
CA VAL D 78 35.16 -4.64 14.90
C VAL D 78 33.97 -4.94 14.00
N THR D 79 32.79 -5.06 14.61
CA THR D 79 31.56 -5.41 13.88
C THR D 79 30.35 -4.72 14.51
N TRP D 80 29.49 -4.16 13.67
CA TRP D 80 28.15 -3.72 14.09
C TRP D 80 27.28 -3.55 12.85
N PRO D 81 25.94 -3.53 13.02
CA PRO D 81 25.04 -3.32 11.88
C PRO D 81 25.29 -1.98 11.18
N HIS D 82 25.08 -1.96 9.88
CA HIS D 82 25.53 -0.87 9.01
C HIS D 82 24.96 0.53 9.27
N ASP D 83 23.76 0.60 9.83
CA ASP D 83 23.09 1.88 10.12
C ASP D 83 23.99 2.91 10.79
N ARG D 84 24.85 2.46 11.71
CA ARG D 84 25.73 3.37 12.46
C ARG D 84 27.10 3.64 11.79
N LEU D 85 27.28 3.18 10.55
CA LEU D 85 28.43 3.57 9.74
C LEU D 85 28.17 4.98 9.23
N GLY D 86 29.20 5.76 8.99
CA GLY D 86 28.96 7.13 8.56
C GLY D 86 29.14 8.03 9.76
N GLU D 87 28.33 7.78 10.78
CA GLU D 87 28.57 8.29 12.14
C GLU D 87 29.92 7.80 12.65
N ALA D 88 30.21 6.54 12.35
CA ALA D 88 31.46 5.90 12.77
C ALA D 88 32.64 6.46 11.99
N VAL D 89 32.41 6.76 10.72
CA VAL D 89 33.43 7.39 9.86
C VAL D 89 33.62 8.85 10.28
N THR D 90 32.52 9.54 10.50
CA THR D 90 32.51 10.94 10.94
C THR D 90 33.33 11.17 12.20
N LYS D 91 33.17 10.28 13.17
CA LYS D 91 33.86 10.38 14.45
C LYS D 91 35.22 9.71 14.37
N GLY D 92 35.66 9.41 13.15
CA GLY D 92 37.00 8.85 12.90
C GLY D 92 37.30 7.52 13.56
N LEU D 93 36.29 6.66 13.69
CA LEU D 93 36.50 5.34 14.31
C LEU D 93 37.04 4.32 13.34
N LEU D 94 36.71 4.48 12.06
CA LEU D 94 37.05 3.49 11.04
C LEU D 94 37.81 4.07 9.84
N GLN D 95 38.60 3.20 9.19
CA GLN D 95 39.26 3.54 7.93
C GLN D 95 38.83 2.57 6.82
N PRO D 96 38.85 3.04 5.55
CA PRO D 96 38.57 2.15 4.44
C PRO D 96 39.56 0.98 4.31
N ILE D 97 39.14 -0.02 3.53
CA ILE D 97 39.92 -1.22 3.25
C ILE D 97 40.27 -1.31 1.78
N GLN D 98 41.42 -1.90 1.46
CA GLN D 98 41.77 -2.22 0.08
C GLN D 98 41.71 -3.73 -0.19
N VAL D 99 40.71 -4.15 -0.97
CA VAL D 99 40.64 -5.55 -1.42
C VAL D 99 40.56 -5.65 -2.94
N ASP D 100 41.22 -6.68 -3.47
CA ASP D 100 41.17 -7.01 -4.90
C ASP D 100 39.75 -7.01 -5.45
N ASN D 101 39.62 -6.50 -6.67
CA ASN D 101 38.39 -6.54 -7.43
C ASN D 101 37.72 -7.93 -7.40
N SER D 102 38.54 -8.99 -7.44
CA SER D 102 38.02 -10.37 -7.40
C SER D 102 37.31 -10.75 -6.08
N VAL D 103 37.84 -10.25 -4.96
CA VAL D 103 37.25 -10.46 -3.63
C VAL D 103 35.93 -9.68 -3.50
N LYS D 104 35.95 -8.41 -3.90
CA LYS D 104 34.79 -7.52 -3.85
C LYS D 104 33.59 -8.03 -4.64
N ASN D 105 33.86 -8.58 -5.82
CA ASN D 105 32.84 -9.18 -6.70
C ASN D 105 32.09 -10.35 -6.07
N GLN D 106 32.66 -10.92 -5.01
CA GLN D 106 32.11 -12.12 -4.39
C GLN D 106 30.92 -11.84 -3.47
N PHE D 107 30.67 -10.57 -3.16
CA PHE D 107 29.64 -10.21 -2.19
C PHE D 107 28.41 -9.53 -2.80
N ASP D 108 27.26 -9.71 -2.13
CA ASP D 108 25.96 -9.17 -2.55
C ASP D 108 26.03 -7.65 -2.75
N ASP D 109 25.41 -7.16 -3.82
CA ASP D 109 25.51 -5.75 -4.23
C ASP D 109 25.04 -4.78 -3.17
N VAL D 110 23.82 -4.99 -2.67
CA VAL D 110 23.21 -4.22 -1.58
C VAL D 110 24.09 -4.24 -0.34
N ALA D 111 24.63 -5.41 -0.03
CA ALA D 111 25.48 -5.58 1.14
C ALA D 111 26.75 -4.72 1.06
N MET D 112 27.40 -4.69 -0.10
CA MET D 112 28.61 -3.87 -0.31
C MET D 112 28.30 -2.38 -0.33
N LYS D 113 27.13 -2.03 -0.87
CA LYS D 113 26.66 -0.65 -0.84
C LYS D 113 26.43 -0.16 0.60
N ALA D 114 25.98 -1.07 1.48
CA ALA D 114 25.66 -0.71 2.86
C ALA D 114 26.92 -0.47 3.69
N LEU D 115 28.01 -1.11 3.30
CA LEU D 115 29.32 -0.96 3.95
C LEU D 115 30.18 0.05 3.20
N THR D 116 29.51 0.82 2.35
CA THR D 116 30.13 1.89 1.57
C THR D 116 29.53 3.21 2.02
N TYR D 117 30.40 4.18 2.35
CA TYR D 117 29.97 5.51 2.77
C TYR D 117 30.93 6.59 2.24
N GLY D 118 30.37 7.59 1.55
CA GLY D 118 31.18 8.67 1.00
C GLY D 118 32.07 8.21 -0.13
N GLY D 119 31.63 7.15 -0.82
CA GLY D 119 32.37 6.55 -1.92
C GLY D 119 33.49 5.58 -1.56
N LYS D 120 33.67 5.29 -0.28
CA LYS D 120 34.76 4.41 0.15
C LYS D 120 34.23 3.14 0.81
N LEU D 121 34.86 2.00 0.53
CA LEU D 121 34.50 0.72 1.15
C LEU D 121 35.04 0.60 2.57
N TYR D 122 34.17 0.23 3.51
CA TYR D 122 34.55 0.18 4.94
C TYR D 122 34.54 -1.22 5.57
N GLY D 123 33.90 -2.17 4.90
CA GLY D 123 33.93 -3.55 5.36
C GLY D 123 33.46 -4.62 4.40
N LEU D 124 33.54 -5.85 4.87
CA LEU D 124 33.06 -7.01 4.13
C LEU D 124 31.96 -7.70 4.93
N PRO D 125 30.84 -7.99 4.26
CA PRO D 125 29.64 -8.45 4.94
C PRO D 125 29.76 -9.85 5.52
N LYS D 126 29.18 -10.05 6.71
CA LYS D 126 29.09 -11.37 7.35
C LYS D 126 27.69 -11.92 7.24
N ALA D 127 26.72 -11.00 7.16
CA ALA D 127 25.31 -11.35 7.23
C ALA D 127 24.44 -10.21 6.74
N ILE D 128 23.34 -10.58 6.10
CA ILE D 128 22.30 -9.69 5.62
C ILE D 128 20.97 -10.21 6.16
N GLU D 129 20.13 -9.30 6.66
CA GLU D 129 19.01 -9.69 7.50
C GLU D 129 17.80 -8.78 7.40
N SER D 130 16.65 -9.38 7.64
CA SER D 130 15.41 -8.70 7.82
C SER D 130 14.65 -9.54 8.80
N VAL D 131 13.81 -8.90 9.60
CA VAL D 131 12.86 -9.61 10.45
C VAL D 131 11.83 -10.23 9.51
N ALA D 132 11.27 -11.36 9.92
CA ALA D 132 10.08 -11.89 9.25
C ALA D 132 9.12 -12.47 10.29
N LEU D 133 8.16 -13.27 9.84
CA LEU D 133 7.24 -13.93 10.77
C LEU D 133 7.79 -15.31 11.10
N ILE D 134 8.34 -15.44 12.31
CA ILE D 134 8.78 -16.74 12.81
C ILE D 134 7.66 -17.33 13.67
N TYR D 135 7.26 -18.55 13.33
CA TYR D 135 6.16 -19.20 14.06
C TYR D 135 6.44 -20.60 14.58
N ASN D 136 5.65 -20.98 15.57
CA ASN D 136 5.73 -22.29 16.20
C ASN D 136 4.77 -23.25 15.51
N LYS D 137 5.32 -24.10 14.62
CA LYS D 137 4.51 -24.96 13.74
C LYS D 137 3.45 -25.82 14.44
N LYS D 138 3.70 -26.19 15.70
CA LYS D 138 2.70 -26.96 16.45
C LYS D 138 1.68 -26.11 17.23
N LEU D 139 1.68 -24.81 16.96
CA LEU D 139 0.69 -23.88 17.55
C LEU D 139 -0.06 -23.08 16.47
N MET D 140 0.65 -22.66 15.42
CA MET D 140 0.03 -21.98 14.30
C MET D 140 0.08 -22.89 13.07
N GLY D 141 -1.10 -23.20 12.53
CA GLY D 141 -1.21 -24.08 11.37
C GLY D 141 -0.61 -23.44 10.15
N GLN D 142 -1.32 -22.44 9.63
CA GLN D 142 -0.81 -21.64 8.52
C GLN D 142 -0.83 -20.16 8.85
N VAL D 143 0.13 -19.44 8.27
CA VAL D 143 0.26 -18.00 8.49
C VAL D 143 -1.02 -17.27 8.09
N PRO D 144 -1.42 -16.27 8.89
CA PRO D 144 -2.46 -15.34 8.46
C PRO D 144 -2.09 -14.68 7.12
N ALA D 145 -3.08 -14.45 6.27
CA ALA D 145 -2.85 -13.94 4.92
C ALA D 145 -2.62 -12.43 4.88
N THR D 146 -3.34 -11.68 5.71
CA THR D 146 -3.19 -10.22 5.77
C THR D 146 -2.77 -9.77 7.18
N TYR D 147 -2.25 -8.54 7.28
CA TYR D 147 -1.92 -7.92 8.57
C TYR D 147 -3.13 -7.74 9.48
N ASP D 148 -4.29 -7.45 8.89
CA ASP D 148 -5.53 -7.34 9.62
C ASP D 148 -5.92 -8.64 10.32
N GLU D 149 -5.76 -9.76 9.61
CA GLU D 149 -6.00 -11.08 10.19
C GLU D 149 -4.91 -11.42 11.20
N LEU D 150 -3.67 -11.01 10.92
CA LEU D 150 -2.59 -11.17 11.88
C LEU D 150 -2.90 -10.41 13.18
N PHE D 151 -3.38 -9.18 13.04
CA PHE D 151 -3.73 -8.37 14.21
C PHE D 151 -4.92 -8.91 15.03
N GLN D 152 -5.97 -9.36 14.33
CA GLN D 152 -7.17 -9.94 14.99
C GLN D 152 -6.82 -11.21 15.75
N TYR D 153 -5.88 -11.96 15.19
CA TYR D 153 -5.33 -13.18 15.80
C TYR D 153 -4.63 -12.87 17.12
N ALA D 154 -3.83 -11.82 17.13
CA ALA D 154 -3.15 -11.34 18.34
C ALA D 154 -4.16 -10.85 19.36
N LYS D 155 -5.15 -10.09 18.87
CA LYS D 155 -6.25 -9.58 19.67
C LYS D 155 -6.99 -10.69 20.42
N ALA D 156 -7.19 -11.82 19.75
CA ALA D 156 -7.97 -12.93 20.31
C ALA D 156 -7.18 -13.85 21.25
N ASN D 157 -5.87 -13.96 21.07
CA ASN D 157 -5.07 -14.92 21.86
C ASN D 157 -3.99 -14.37 22.77
N ASN D 158 -3.73 -13.06 22.71
CA ASN D 158 -2.77 -12.47 23.65
C ASN D 158 -3.35 -12.39 25.04
N LYS D 159 -2.84 -13.24 25.92
CA LYS D 159 -3.28 -13.32 27.28
C LYS D 159 -2.04 -13.25 28.16
N PRO D 160 -1.55 -12.02 28.39
CA PRO D 160 -0.33 -11.75 29.17
C PRO D 160 -0.35 -12.29 30.61
N ASP D 161 -1.53 -12.34 31.22
CA ASP D 161 -1.68 -12.86 32.59
C ASP D 161 -1.31 -14.34 32.67
N GLU D 162 -1.64 -15.10 31.62
CA GLU D 162 -1.25 -16.51 31.55
C GLU D 162 -0.03 -16.76 30.68
N GLN D 163 0.67 -15.68 30.34
CA GLN D 163 1.95 -15.72 29.63
C GLN D 163 1.90 -16.40 28.24
N LYS D 164 0.71 -16.38 27.62
CA LYS D 164 0.48 -16.99 26.29
C LYS D 164 0.07 -15.94 25.27
N TYR D 165 0.65 -16.04 24.07
CA TYR D 165 0.38 -15.07 23.01
C TYR D 165 0.17 -15.76 21.66
N GLY D 166 -0.72 -15.19 20.86
CA GLY D 166 -0.81 -15.51 19.45
C GLY D 166 0.32 -14.85 18.69
N VAL D 167 0.59 -13.58 19.01
CA VAL D 167 1.64 -12.80 18.34
C VAL D 167 2.35 -11.87 19.34
N LEU D 168 3.66 -12.07 19.47
CA LEU D 168 4.47 -11.25 20.37
C LEU D 168 5.73 -10.74 19.64
N PHE D 169 6.01 -9.44 19.79
CA PHE D 169 7.24 -8.83 19.28
C PHE D 169 7.57 -7.52 19.99
N GLU D 170 8.76 -7.00 19.73
CA GLU D 170 9.22 -5.77 20.36
C GLU D 170 8.52 -4.54 19.80
N ALA D 171 7.25 -4.34 20.15
CA ALA D 171 6.48 -3.25 19.56
C ALA D 171 6.88 -1.88 20.11
N ASN D 172 7.80 -1.86 21.06
CA ASN D 172 8.38 -0.62 21.56
C ASN D 172 9.71 -0.30 20.86
N ASN D 173 10.06 -1.11 19.87
CA ASN D 173 11.36 -0.98 19.19
C ASN D 173 11.15 -0.60 17.73
N PHE D 174 11.59 0.61 17.39
CA PHE D 174 11.45 1.15 16.04
C PHE D 174 12.10 0.30 14.94
N TYR D 175 13.19 -0.38 15.27
CA TYR D 175 13.80 -1.31 14.32
C TYR D 175 12.78 -2.33 13.85
N TYR D 176 11.95 -2.79 14.78
CA TYR D 176 10.94 -3.82 14.53
C TYR D 176 9.64 -3.26 13.94
N THR D 177 9.20 -2.10 14.44
CA THR D 177 7.92 -1.50 14.08
C THR D 177 7.99 -0.67 12.81
N TYR D 178 9.18 -0.57 12.22
CA TYR D 178 9.38 0.24 11.02
C TYR D 178 8.36 -0.01 9.92
N PHE D 179 8.03 -1.30 9.71
CA PHE D 179 7.08 -1.68 8.65
C PHE D 179 5.68 -1.11 8.81
N LEU D 180 5.33 -0.69 10.03
CA LEU D 180 4.06 -0.04 10.28
C LEU D 180 4.10 1.43 9.84
N PHE D 181 5.28 2.03 9.88
CA PHE D 181 5.45 3.41 9.43
C PHE D 181 5.56 3.49 7.90
N ALA D 182 6.26 2.52 7.31
CA ALA D 182 6.43 2.45 5.86
C ALA D 182 5.13 2.16 5.13
N ALA D 183 4.26 1.35 5.75
CA ALA D 183 2.95 1.03 5.18
C ALA D 183 2.06 2.27 5.02
N LYS D 184 2.27 3.27 5.85
CA LYS D 184 1.44 4.48 5.83
C LYS D 184 2.05 5.55 4.94
N GLY D 185 3.21 5.24 4.36
CA GLY D 185 3.92 6.18 3.48
C GLY D 185 4.91 7.10 4.19
N ALA D 186 5.38 6.67 5.37
CA ALA D 186 6.34 7.44 6.17
C ALA D 186 7.76 6.87 6.12
N ALA D 187 8.75 7.76 6.19
CA ALA D 187 10.16 7.38 6.19
C ALA D 187 10.96 8.17 7.25
N VAL D 188 12.15 7.69 7.59
CA VAL D 188 13.06 8.37 8.52
C VAL D 188 13.50 9.74 7.99
N PHE D 189 14.11 9.75 6.81
CA PHE D 189 14.49 10.99 6.12
C PHE D 189 13.76 11.09 4.79
N LYS D 190 13.18 12.26 4.51
CA LYS D 190 12.47 12.53 3.24
C LYS D 190 13.40 12.31 2.06
N GLU D 191 12.82 11.94 0.92
CA GLU D 191 13.64 11.56 -0.24
C GLU D 191 13.60 12.52 -1.44
N GLN D 192 14.77 13.05 -1.79
CA GLN D 192 14.99 13.71 -3.08
C GLN D 192 15.98 12.90 -3.94
N ASP D 193 17.20 12.73 -3.42
CA ASP D 193 18.16 11.79 -4.01
C ASP D 193 18.19 10.48 -3.20
N GLY D 194 17.13 10.24 -2.43
CA GLY D 194 17.01 9.10 -1.51
C GLY D 194 16.87 9.56 -0.07
N THR D 195 17.07 8.64 0.88
CA THR D 195 17.07 8.98 2.31
C THR D 195 18.38 9.68 2.71
N LEU D 196 18.74 10.70 1.95
CA LEU D 196 20.01 11.42 2.12
C LEU D 196 19.80 12.91 2.38
N ASP D 197 18.59 13.27 2.82
CA ASP D 197 18.30 14.62 3.26
C ASP D 197 18.23 14.64 4.80
N PRO D 198 19.36 14.95 5.46
CA PRO D 198 19.55 14.84 6.91
C PRO D 198 18.43 15.45 7.77
N ASN D 199 18.40 16.77 7.90
CA ASN D 199 17.43 17.45 8.77
C ASN D 199 16.00 17.53 8.17
N GLU D 200 15.74 16.69 7.17
CA GLU D 200 14.39 16.48 6.68
C GLU D 200 13.85 15.14 7.23
N ILE D 201 13.70 15.09 8.56
CA ILE D 201 13.12 13.94 9.25
C ILE D 201 11.64 13.89 8.93
N GLY D 202 11.14 12.71 8.61
CA GLY D 202 9.73 12.54 8.29
C GLY D 202 9.01 11.74 9.36
N LEU D 203 9.60 11.68 10.54
CA LEU D 203 9.07 10.87 11.65
C LEU D 203 7.99 11.59 12.50
N ASN D 204 7.63 12.81 12.13
CA ASN D 204 6.50 13.51 12.74
C ASN D 204 5.42 13.96 11.74
N SER D 205 5.46 13.41 10.53
CA SER D 205 4.44 13.68 9.52
C SER D 205 3.15 12.96 9.92
N PRO D 206 2.00 13.39 9.36
CA PRO D 206 0.73 12.67 9.57
C PRO D 206 0.82 11.19 9.20
N GLU D 207 1.69 10.85 8.24
CA GLU D 207 1.93 9.47 7.83
C GLU D 207 2.61 8.68 8.96
N ALA D 208 3.57 9.31 9.62
CA ALA D 208 4.28 8.69 10.74
C ALA D 208 3.40 8.62 11.98
N VAL D 209 2.50 9.59 12.12
CA VAL D 209 1.54 9.61 13.23
C VAL D 209 0.59 8.41 13.15
N GLN D 210 0.01 8.22 11.97
CA GLN D 210 -0.90 7.11 11.73
C GLN D 210 -0.16 5.78 11.96
N GLY D 211 1.12 5.76 11.59
CA GLY D 211 2.03 4.66 11.90
C GLY D 211 2.15 4.39 13.40
N MET D 212 2.45 5.44 14.17
CA MET D 212 2.51 5.31 15.63
C MET D 212 1.17 4.87 16.23
N ASN D 213 0.07 5.24 15.57
CA ASN D 213 -1.26 4.76 15.96
C ASN D 213 -1.39 3.25 15.81
N GLU D 214 -0.74 2.71 14.79
CA GLU D 214 -0.71 1.27 14.57
C GLU D 214 0.09 0.56 15.68
N VAL D 215 1.24 1.12 16.01
CA VAL D 215 2.09 0.64 17.13
C VAL D 215 1.31 0.66 18.44
N GLN D 216 0.58 1.74 18.67
CA GLN D 216 -0.22 1.93 19.89
C GLN D 216 -1.27 0.84 20.06
N LYS D 217 -1.87 0.40 18.95
CA LYS D 217 -2.89 -0.65 18.99
C LYS D 217 -2.35 -1.98 19.51
N TRP D 218 -1.04 -2.19 19.39
CA TRP D 218 -0.41 -3.43 19.85
C TRP D 218 -0.42 -3.60 21.37
N PHE D 219 -0.43 -2.46 22.06
CA PHE D 219 -0.45 -2.43 23.52
C PHE D 219 -1.87 -2.17 24.01
N THR D 220 -2.68 -1.57 23.15
CA THR D 220 -3.97 -1.02 23.54
C THR D 220 -5.13 -1.97 23.16
N GLU D 221 -4.85 -2.89 22.25
CA GLU D 221 -5.83 -3.88 21.81
C GLU D 221 -5.23 -5.28 21.89
N ALA D 222 -4.00 -5.42 21.41
CA ALA D 222 -3.29 -6.71 21.45
C ALA D 222 -2.60 -6.97 22.78
N ARG D 223 -2.87 -6.10 23.77
CA ARG D 223 -2.35 -6.23 25.13
C ARG D 223 -0.89 -6.72 25.28
N LEU D 224 0.03 -6.13 24.54
CA LEU D 224 1.46 -6.38 24.76
C LEU D 224 1.95 -5.71 26.03
N PRO D 225 2.81 -6.39 26.81
CA PRO D 225 3.35 -5.81 28.05
C PRO D 225 4.10 -4.49 27.85
N GLN D 226 4.16 -3.70 28.91
CA GLN D 226 4.76 -2.36 28.93
C GLN D 226 6.25 -2.27 28.61
N SER D 227 7.05 -3.14 29.23
CA SER D 227 8.50 -2.96 29.14
C SER D 227 9.19 -4.11 28.44
N LEU D 228 8.78 -4.36 27.20
CA LEU D 228 9.37 -5.41 26.38
C LEU D 228 10.84 -5.20 26.10
N LYS D 229 11.55 -6.31 26.00
CA LYS D 229 12.94 -6.39 25.54
C LYS D 229 13.10 -7.79 24.93
N ALA D 230 14.09 -7.95 24.06
CA ALA D 230 14.28 -9.21 23.31
C ALA D 230 14.22 -10.49 24.15
N ASP D 231 14.67 -10.40 25.41
CA ASP D 231 14.69 -11.56 26.31
C ASP D 231 13.30 -12.08 26.65
N THR D 232 12.34 -11.17 26.73
CA THR D 232 10.95 -11.53 26.99
C THR D 232 10.33 -12.24 25.79
N VAL D 233 10.42 -11.60 24.63
CA VAL D 233 9.93 -12.15 23.35
C VAL D 233 10.48 -13.57 23.09
N ASN D 234 11.80 -13.71 23.17
CA ASN D 234 12.50 -14.97 22.94
C ASN D 234 12.24 -16.01 24.02
N GLY D 235 12.24 -15.55 25.28
CA GLY D 235 12.00 -16.41 26.43
C GLY D 235 10.67 -17.13 26.36
N LEU D 236 9.62 -16.36 26.06
CA LEU D 236 8.27 -16.90 25.94
C LEU D 236 8.07 -17.74 24.68
N PHE D 237 8.66 -17.33 23.56
CA PHE D 237 8.57 -18.14 22.34
C PHE D 237 9.25 -19.50 22.50
N LYS D 238 10.41 -19.50 23.14
CA LYS D 238 11.14 -20.73 23.47
C LYS D 238 10.41 -21.61 24.51
N SER D 239 9.56 -20.98 25.32
CA SER D 239 8.81 -21.71 26.34
C SER D 239 7.55 -22.32 25.74
N GLY D 240 7.36 -22.12 24.44
CA GLY D 240 6.28 -22.78 23.70
C GLY D 240 4.91 -22.15 23.89
N LYS D 241 4.88 -20.98 24.53
CA LYS D 241 3.62 -20.32 24.87
C LYS D 241 3.23 -19.26 23.81
N VAL D 242 4.13 -18.99 22.87
CA VAL D 242 3.92 -17.96 21.85
C VAL D 242 3.77 -18.60 20.47
N ALA D 243 2.70 -18.25 19.77
CA ALA D 243 2.43 -18.77 18.43
C ALA D 243 3.26 -18.11 17.34
N ALA D 244 3.43 -16.80 17.40
CA ALA D 244 4.17 -16.09 16.35
C ALA D 244 4.94 -14.88 16.90
N VAL D 245 6.16 -14.71 16.41
CA VAL D 245 6.97 -13.54 16.75
C VAL D 245 7.41 -12.88 15.46
N ILE D 246 7.69 -11.58 15.51
CA ILE D 246 8.38 -10.90 14.42
C ILE D 246 9.83 -10.77 14.87
N ASN D 247 10.70 -11.54 14.25
CA ASN D 247 12.10 -11.53 14.62
C ASN D 247 12.96 -11.87 13.42
N GLY D 248 14.27 -11.96 13.62
CA GLY D 248 15.22 -12.20 12.53
C GLY D 248 15.88 -13.57 12.51
N PRO D 249 16.62 -13.87 11.42
CA PRO D 249 17.30 -15.14 11.24
C PRO D 249 18.23 -15.47 12.40
N TRP D 250 18.71 -14.44 13.10
CA TRP D 250 19.62 -14.60 14.25
C TRP D 250 19.05 -15.43 15.42
N ALA D 251 17.73 -15.56 15.48
CA ALA D 251 17.04 -16.23 16.60
C ALA D 251 16.70 -17.69 16.33
N ILE D 252 16.91 -18.15 15.10
CA ILE D 252 16.51 -19.48 14.68
C ILE D 252 17.21 -20.61 15.46
N LYS D 253 18.52 -20.47 15.66
CA LYS D 253 19.28 -21.51 16.34
C LYS D 253 18.84 -21.67 17.78
N ASP D 254 18.68 -20.51 18.43
CA ASP D 254 18.19 -20.40 19.80
C ASP D 254 16.84 -21.09 19.97
N TYR D 255 15.92 -20.84 19.03
CA TYR D 255 14.58 -21.39 19.07
C TYR D 255 14.61 -22.87 18.82
N GLN D 256 15.39 -23.28 17.82
CA GLN D 256 15.48 -24.69 17.45
C GLN D 256 16.13 -25.54 18.55
N ALA D 257 17.15 -25.00 19.21
CA ALA D 257 17.81 -25.68 20.32
C ALA D 257 16.92 -25.74 21.55
N ALA D 258 15.76 -25.07 21.49
CA ALA D 258 14.78 -25.09 22.57
C ALA D 258 13.59 -26.00 22.20
N GLY D 259 13.72 -26.69 21.08
CA GLY D 259 12.77 -27.70 20.66
C GLY D 259 11.54 -27.18 19.96
N ILE D 260 11.57 -25.93 19.53
CA ILE D 260 10.46 -25.40 18.74
C ILE D 260 10.60 -25.81 17.28
N ASN D 261 9.51 -26.31 16.71
CA ASN D 261 9.43 -26.51 15.28
C ASN D 261 9.14 -25.15 14.66
N VAL D 262 10.14 -24.56 14.00
CA VAL D 262 9.99 -23.23 13.44
C VAL D 262 9.65 -23.26 11.96
N GLY D 263 8.67 -22.44 11.59
CA GLY D 263 8.43 -22.06 10.20
C GLY D 263 8.70 -20.56 10.09
N VAL D 264 8.83 -20.07 8.87
CA VAL D 264 9.11 -18.66 8.61
C VAL D 264 8.31 -18.20 7.41
N ALA D 265 7.80 -16.98 7.48
CA ALA D 265 7.09 -16.38 6.36
C ALA D 265 7.34 -14.88 6.34
N PRO D 266 7.27 -14.27 5.16
CA PRO D 266 7.27 -12.81 5.13
C PRO D 266 6.08 -12.25 5.90
N LEU D 267 6.21 -11.02 6.38
CA LEU D 267 5.10 -10.33 7.02
C LEU D 267 3.91 -10.31 6.07
N PRO D 268 2.73 -10.75 6.57
CA PRO D 268 1.48 -10.66 5.80
C PRO D 268 1.21 -9.26 5.25
N LYS D 269 0.66 -9.20 4.04
CA LYS D 269 0.38 -7.93 3.35
C LYS D 269 -0.35 -6.95 4.28
N ILE D 270 0.11 -5.70 4.25
CA ILE D 270 -0.43 -4.66 5.13
C ILE D 270 -0.84 -3.47 4.28
N ASP D 271 -2.11 -3.06 4.41
CA ASP D 271 -2.71 -2.03 3.55
C ASP D 271 -2.81 -2.52 2.11
N GLY D 272 -2.94 -3.84 1.93
CA GLY D 272 -2.93 -4.45 0.60
C GLY D 272 -1.57 -4.38 -0.10
N LYS D 273 -0.54 -3.94 0.63
CA LYS D 273 0.81 -3.83 0.09
C LYS D 273 1.74 -4.86 0.73
N ASP D 274 2.86 -5.13 0.07
CA ASP D 274 3.93 -5.88 0.70
C ASP D 274 4.45 -5.07 1.90
N ALA D 275 4.80 -5.77 2.96
CA ALA D 275 5.42 -5.14 4.11
C ALA D 275 6.84 -4.72 3.78
N GLN D 276 7.18 -3.49 4.15
CA GLN D 276 8.51 -2.95 3.93
C GLN D 276 9.26 -2.85 5.25
N THR D 277 10.11 -3.84 5.52
CA THR D 277 10.94 -3.86 6.71
C THR D 277 12.27 -3.18 6.45
N PHE D 278 13.08 -3.03 7.50
CA PHE D 278 14.47 -2.60 7.36
C PHE D 278 15.33 -3.79 6.92
N ILE D 279 16.31 -3.50 6.07
CA ILE D 279 17.40 -4.42 5.76
C ILE D 279 18.54 -4.00 6.66
N GLY D 280 19.26 -4.99 7.18
CA GLY D 280 20.44 -4.72 7.97
C GLY D 280 21.60 -5.56 7.51
N VAL D 281 22.78 -4.97 7.52
CA VAL D 281 23.98 -5.64 7.04
C VAL D 281 25.04 -5.58 8.13
N LYS D 282 25.53 -6.75 8.53
CA LYS D 282 26.62 -6.84 9.49
C LYS D 282 27.93 -7.11 8.73
N GLY D 283 28.94 -6.31 9.02
CA GLY D 283 30.23 -6.47 8.36
C GLY D 283 31.36 -6.37 9.35
N TRP D 284 32.54 -6.84 8.95
CA TRP D 284 33.73 -6.58 9.74
C TRP D 284 34.24 -5.20 9.32
N TYR D 285 34.73 -4.43 10.28
CA TYR D 285 35.31 -3.14 9.97
C TYR D 285 36.74 -3.06 10.49
N LEU D 286 37.51 -2.15 9.91
CA LEU D 286 38.89 -1.94 10.28
C LEU D 286 38.97 -0.65 11.05
N SER D 287 39.40 -0.73 12.30
CA SER D 287 39.60 0.44 13.15
C SER D 287 40.62 1.39 12.55
N ALA D 288 40.35 2.69 12.65
CA ALA D 288 41.31 3.71 12.23
C ALA D 288 42.56 3.75 13.13
N TYR D 289 42.49 3.14 14.31
CA TYR D 289 43.61 3.17 15.27
C TYR D 289 44.48 1.92 15.25
N SER D 290 44.22 1.02 14.31
CA SER D 290 44.93 -0.26 14.23
C SER D 290 46.35 -0.03 13.74
N LYS D 291 47.27 -0.82 14.28
CA LYS D 291 48.68 -0.69 13.91
C LYS D 291 49.07 -1.57 12.71
N TYR D 292 48.19 -2.50 12.33
CA TYR D 292 48.47 -3.44 11.23
C TYR D 292 47.33 -3.51 10.22
N PRO D 293 47.08 -2.41 9.48
CA PRO D 293 45.94 -2.43 8.57
C PRO D 293 46.01 -3.47 7.45
N LYS D 294 47.20 -3.70 6.89
CA LYS D 294 47.34 -4.72 5.85
C LYS D 294 46.93 -6.09 6.38
N TYR D 295 47.44 -6.43 7.56
CA TYR D 295 47.25 -7.76 8.15
C TYR D 295 45.83 -8.01 8.64
N ALA D 296 45.21 -6.98 9.21
CA ALA D 296 43.82 -7.06 9.64
C ALA D 296 42.86 -7.23 8.46
N THR D 297 43.18 -6.61 7.33
CA THR D 297 42.34 -6.73 6.13
C THR D 297 42.42 -8.15 5.53
N GLU D 298 43.58 -8.79 5.64
CA GLU D 298 43.76 -10.16 5.18
C GLU D 298 42.99 -11.14 6.07
N LEU D 299 43.04 -10.88 7.38
CA LEU D 299 42.23 -11.61 8.34
C LEU D 299 40.75 -11.48 8.00
N MET D 300 40.35 -10.25 7.71
CA MET D 300 38.97 -9.92 7.36
C MET D 300 38.48 -10.69 6.12
N GLN D 301 39.35 -10.83 5.12
CA GLN D 301 39.07 -11.67 3.94
C GLN D 301 38.95 -13.12 4.31
N PHE D 302 39.80 -13.55 5.23
CA PHE D 302 39.85 -14.92 5.65
C PHE D 302 38.57 -15.32 6.38
N LEU D 303 38.02 -14.38 7.15
CA LEU D 303 36.76 -14.57 7.90
C LEU D 303 35.54 -14.47 6.98
N THR D 304 35.71 -13.89 5.81
CA THR D 304 34.57 -13.67 4.90
C THR D 304 34.70 -14.42 3.56
N SER D 305 35.50 -15.48 3.54
CA SER D 305 35.68 -16.32 2.34
C SER D 305 34.45 -17.19 2.14
N LYS D 306 34.35 -17.82 0.96
CA LYS D 306 33.24 -18.73 0.69
C LYS D 306 33.15 -19.80 1.80
N GLU D 307 34.29 -20.41 2.08
CA GLU D 307 34.42 -21.47 3.09
C GLU D 307 33.98 -21.02 4.50
N ALA D 308 34.43 -19.84 4.90
CA ALA D 308 34.13 -19.31 6.23
C ALA D 308 32.67 -18.92 6.39
N LEU D 309 32.12 -18.24 5.39
CA LEU D 309 30.73 -17.80 5.43
C LEU D 309 29.74 -18.97 5.29
N ALA D 310 30.18 -20.04 4.63
CA ALA D 310 29.37 -21.25 4.56
C ALA D 310 29.32 -21.90 5.93
N SER D 311 30.48 -21.98 6.56
CA SER D 311 30.59 -22.41 7.94
C SER D 311 29.81 -21.50 8.89
N ARG D 312 29.79 -20.20 8.64
CA ARG D 312 29.05 -19.27 9.49
C ARG D 312 27.54 -19.44 9.34
N PHE D 313 27.05 -19.60 8.12
CA PHE D 313 25.62 -19.83 7.96
C PHE D 313 25.19 -21.06 8.74
N LYS D 314 25.88 -22.17 8.50
CA LYS D 314 25.56 -23.45 9.15
C LYS D 314 25.60 -23.35 10.68
N GLU D 315 26.59 -22.67 11.22
CA GLU D 315 26.72 -22.54 12.67
C GLU D 315 25.75 -21.51 13.29
N THR D 316 25.50 -20.42 12.59
CA THR D 316 24.74 -19.28 13.15
C THR D 316 23.33 -19.10 12.60
N GLY D 317 23.10 -19.50 11.35
CA GLY D 317 21.82 -19.30 10.71
C GLY D 317 21.66 -17.94 10.05
N GLU D 318 22.73 -17.15 10.06
CA GLU D 318 22.68 -15.80 9.48
C GLU D 318 23.04 -15.82 8.01
N ILE D 319 22.20 -15.19 7.20
CA ILE D 319 22.27 -15.29 5.76
C ILE D 319 23.52 -14.56 5.25
N PRO D 320 24.46 -15.31 4.66
CA PRO D 320 25.73 -14.71 4.23
C PRO D 320 25.59 -14.01 2.87
N PRO D 321 25.97 -12.73 2.80
CA PRO D 321 25.75 -12.00 1.56
C PRO D 321 26.82 -12.22 0.49
N GLN D 322 27.15 -13.49 0.24
CA GLN D 322 28.08 -13.85 -0.81
C GLN D 322 27.26 -14.39 -1.97
N LYS D 323 27.50 -13.88 -3.17
CA LYS D 323 26.67 -14.19 -4.35
C LYS D 323 26.55 -15.70 -4.64
N GLU D 324 27.67 -16.42 -4.57
CA GLU D 324 27.68 -17.86 -4.82
C GLU D 324 26.85 -18.65 -3.79
N LEU D 325 27.03 -18.31 -2.52
CA LEU D 325 26.31 -18.93 -1.40
C LEU D 325 24.80 -18.69 -1.45
N LEU D 326 24.39 -17.47 -1.80
CA LEU D 326 22.99 -17.09 -1.96
C LEU D 326 22.31 -17.81 -3.13
N ASN D 327 23.08 -18.06 -4.18
CA ASN D 327 22.60 -18.77 -5.36
C ASN D 327 22.49 -20.28 -5.12
N ASP D 328 23.08 -20.77 -4.03
CA ASP D 328 23.06 -22.21 -3.72
C ASP D 328 21.71 -22.66 -3.14
N PRO D 329 21.04 -23.63 -3.81
CA PRO D 329 19.76 -24.19 -3.36
C PRO D 329 19.76 -24.62 -1.90
N MET D 330 20.91 -25.07 -1.39
CA MET D 330 21.02 -25.53 -0.01
C MET D 330 20.72 -24.40 0.97
N ILE D 331 21.02 -23.18 0.55
CA ILE D 331 20.80 -22.01 1.38
C ILE D 331 19.55 -21.26 0.88
N LYS D 332 19.37 -21.21 -0.44
CA LYS D 332 18.31 -20.41 -1.06
C LYS D 332 16.87 -20.89 -0.79
N ASN D 333 16.67 -22.21 -0.79
CA ASN D 333 15.31 -22.77 -0.67
C ASN D 333 15.00 -23.38 0.70
N ASN D 334 16.01 -23.46 1.57
CA ASN D 334 15.85 -23.84 2.97
C ASN D 334 14.67 -23.09 3.60
N PRO D 335 13.72 -23.84 4.22
CA PRO D 335 12.46 -23.29 4.78
C PRO D 335 12.67 -22.11 5.74
N VAL D 336 13.77 -22.15 6.49
CA VAL D 336 14.15 -21.05 7.36
C VAL D 336 14.51 -19.81 6.53
N VAL D 337 15.58 -19.89 5.76
CA VAL D 337 16.14 -18.77 4.99
C VAL D 337 15.15 -18.09 4.05
N ASN D 338 14.45 -18.91 3.27
CA ASN D 338 13.64 -18.43 2.16
C ASN D 338 12.60 -17.36 2.51
N GLY D 339 11.95 -17.52 3.67
CA GLY D 339 10.94 -16.58 4.15
C GLY D 339 11.53 -15.24 4.52
N PHE D 340 12.73 -15.27 5.11
CA PHE D 340 13.49 -14.06 5.44
C PHE D 340 13.94 -13.32 4.19
N ALA D 341 14.49 -14.07 3.24
CA ALA D 341 14.99 -13.52 1.97
C ALA D 341 13.88 -12.85 1.18
N LYS D 342 12.70 -13.48 1.15
CA LYS D 342 11.56 -12.92 0.44
C LYS D 342 11.09 -11.62 1.08
N GLN D 343 11.14 -11.59 2.41
CA GLN D 343 10.89 -10.36 3.17
C GLN D 343 11.91 -9.30 2.82
N ALA D 344 13.19 -9.68 2.85
CA ALA D 344 14.29 -8.77 2.53
C ALA D 344 14.14 -8.08 1.17
N SER D 345 13.65 -8.81 0.17
CA SER D 345 13.47 -8.25 -1.18
C SER D 345 12.41 -7.15 -1.23
N LYS D 346 11.55 -7.10 -0.20
CA LYS D 346 10.56 -6.03 -0.06
C LYS D 346 11.04 -4.96 0.92
N GLY D 347 12.27 -5.11 1.42
CA GLY D 347 12.81 -4.23 2.45
C GLY D 347 13.57 -3.05 1.89
N VAL D 348 14.05 -2.20 2.79
CA VAL D 348 14.94 -1.08 2.43
C VAL D 348 16.11 -1.07 3.38
N PRO D 349 17.35 -0.93 2.87
CA PRO D 349 18.49 -0.85 3.78
C PRO D 349 18.25 0.26 4.77
N MET D 350 18.76 0.10 5.99
CA MET D 350 18.69 1.15 6.98
C MET D 350 19.50 2.33 6.47
N PRO D 351 19.02 3.56 6.68
CA PRO D 351 19.90 4.70 6.38
C PRO D 351 21.23 4.62 7.15
N SER D 352 22.30 5.10 6.53
CA SER D 352 23.62 4.96 7.10
C SER D 352 24.33 6.29 7.27
N ILE D 353 23.69 7.39 6.87
CA ILE D 353 24.25 8.73 7.10
C ILE D 353 24.45 8.99 8.61
N PRO D 354 25.39 9.88 8.96
CA PRO D 354 25.75 10.09 10.36
C PRO D 354 24.60 10.53 11.26
N GLU D 355 23.65 11.28 10.73
CA GLU D 355 22.54 11.77 11.55
C GLU D 355 21.55 10.67 11.96
N MET D 356 21.83 9.45 11.50
CA MET D 356 21.00 8.31 11.80
C MET D 356 21.30 7.82 13.19
N GLY D 357 22.54 7.99 13.64
CA GLY D 357 22.94 7.64 15.00
C GLY D 357 22.33 8.59 16.02
N VAL D 358 21.39 9.40 15.56
CA VAL D 358 20.71 10.38 16.39
C VAL D 358 19.23 9.98 16.57
N VAL D 359 18.77 9.10 15.70
CA VAL D 359 17.36 8.75 15.56
C VAL D 359 16.86 7.73 16.60
N TRP D 360 17.71 6.77 16.97
CA TRP D 360 17.25 5.57 17.72
C TRP D 360 16.71 5.79 19.13
N GLU D 361 17.40 6.59 19.93
CA GLU D 361 16.97 6.81 21.32
C GLU D 361 15.65 7.62 21.43
N PRO D 362 15.59 8.82 20.80
CA PRO D 362 14.30 9.53 20.81
C PRO D 362 13.11 8.78 20.21
N ILE D 363 13.32 8.08 19.09
CA ILE D 363 12.18 7.35 18.48
C ILE D 363 11.70 6.16 19.33
N ASN D 364 12.62 5.48 19.99
CA ASN D 364 12.24 4.41 20.91
C ASN D 364 11.64 4.93 22.21
N ASN D 365 12.17 6.05 22.72
CA ASN D 365 11.53 6.74 23.85
C ASN D 365 10.07 7.09 23.55
N ALA D 366 9.83 7.58 22.32
CA ALA D 366 8.48 7.87 21.85
C ALA D 366 7.56 6.65 21.89
N HIS D 367 8.10 5.49 21.53
CA HIS D 367 7.36 4.23 21.59
C HIS D 367 6.98 3.92 23.04
N THR D 368 7.98 3.90 23.93
CA THR D 368 7.76 3.65 25.35
C THR D 368 6.66 4.55 25.90
N PHE D 369 6.82 5.87 25.72
CA PHE D 369 5.86 6.89 26.20
C PHE D 369 4.40 6.69 25.70
N VAL D 370 4.23 6.28 24.44
CA VAL D 370 2.90 5.96 23.90
C VAL D 370 2.37 4.60 24.40
N ALA D 371 3.24 3.59 24.46
CA ALA D 371 2.86 2.26 24.95
C ALA D 371 2.29 2.35 26.35
N GLN D 372 2.81 3.31 27.12
CA GLN D 372 2.44 3.48 28.52
C GLN D 372 1.31 4.48 28.74
N GLY D 373 0.96 5.20 27.68
CA GLY D 373 -0.06 6.23 27.77
C GLY D 373 0.34 7.51 28.49
N LYS D 374 1.64 7.80 28.57
CA LYS D 374 2.08 9.10 29.08
C LYS D 374 1.82 10.20 28.04
N GLN D 375 2.21 9.95 26.80
CA GLN D 375 2.14 10.94 25.72
C GLN D 375 1.38 10.41 24.51
N THR D 376 0.77 11.32 23.77
CA THR D 376 0.04 10.95 22.55
C THR D 376 1.02 10.66 21.41
N PRO D 377 0.62 9.83 20.43
CA PRO D 377 1.47 9.60 19.25
C PRO D 377 2.01 10.89 18.64
N GLU D 378 1.14 11.89 18.48
CA GLU D 378 1.49 13.17 17.88
C GLU D 378 2.52 13.94 18.70
N GLN D 379 2.34 13.99 20.01
CA GLN D 379 3.30 14.69 20.87
C GLN D 379 4.63 13.96 20.99
N ALA D 380 4.57 12.65 21.18
CA ALA D 380 5.77 11.84 21.35
C ALA D 380 6.68 11.96 20.13
N LEU D 381 6.07 12.00 18.95
CA LEU D 381 6.78 12.16 17.68
C LEU D 381 7.39 13.56 17.48
N ASN D 382 6.59 14.60 17.74
CA ASN D 382 7.09 15.98 17.71
C ASN D 382 8.29 16.17 18.62
N ASP D 383 8.14 15.77 19.89
CA ASP D 383 9.25 15.82 20.84
C ASP D 383 10.49 15.10 20.27
N ALA D 384 10.27 13.91 19.70
CA ALA D 384 11.33 13.07 19.13
C ALA D 384 12.11 13.77 18.02
N VAL D 385 11.40 14.20 16.97
CA VAL D 385 12.03 14.89 15.84
C VAL D 385 12.73 16.17 16.30
N LYS D 386 12.09 16.88 17.24
CA LYS D 386 12.70 18.06 17.85
C LYS D 386 14.03 17.70 18.48
N ILE D 387 14.05 16.65 19.31
CA ILE D 387 15.27 16.17 19.98
C ILE D 387 16.34 15.70 18.99
N MET D 388 15.95 14.89 18.00
CA MET D 388 16.85 14.44 16.93
C MET D 388 17.60 15.61 16.32
N LYS D 389 16.85 16.65 15.96
CA LYS D 389 17.39 17.83 15.28
C LYS D 389 18.40 18.59 16.14
N GLU D 390 18.17 18.63 17.45
CA GLU D 390 19.04 19.37 18.36
C GLU D 390 20.32 18.60 18.64
N LYS D 391 20.20 17.28 18.62
CA LYS D 391 21.33 16.35 18.71
C LYS D 391 22.24 16.46 17.48
N ILE D 392 21.64 16.55 16.30
CA ILE D 392 22.36 16.76 15.03
C ILE D 392 23.36 17.92 15.17
N GLN D 393 22.96 18.95 15.92
CA GLN D 393 23.77 20.16 16.13
C GLN D 393 24.90 20.02 17.15
N THR D 394 24.83 19.00 18.01
CA THR D 394 25.93 18.70 18.94
C THR D 394 27.08 18.00 18.21
N MET D 395 26.86 17.70 16.93
CA MET D 395 27.89 17.13 16.05
C MET D 395 28.54 18.20 15.16
N LYS D 396 27.92 19.39 15.10
CA LYS D 396 28.40 20.49 14.24
C LYS D 396 29.25 21.52 14.98
N GLN D 397 30.18 22.14 14.24
CA GLN D 397 31.15 23.11 14.76
C GLN D 397 32.36 22.44 15.45
#